data_2JZ5
#
_entry.id   2JZ5
#
_entity_poly.entity_id   1
_entity_poly.type   'polypeptide(L)'
_entity_poly.pdbx_seq_one_letter_code
;AGEIGFIIKEGDEVADVTIFAETKDALESELAKYIELAKSVCAGVEYNVSELTEESKELTARFKFEVSAEKLIFELKTRS
LARLEHHHHHH
;
_entity_poly.pdbx_strand_id   A
#
# COMPACT_ATOMS: atom_id res chain seq x y z
N ALA A 1 -4.27 -19.87 2.73
CA ALA A 1 -5.02 -18.69 3.20
C ALA A 1 -6.50 -19.00 3.35
N GLY A 2 -7.13 -18.42 4.36
CA GLY A 2 -8.54 -18.63 4.56
C GLY A 2 -9.35 -17.43 4.11
N GLU A 3 -10.57 -17.31 4.61
CA GLU A 3 -11.39 -16.15 4.32
C GLU A 3 -11.19 -15.11 5.40
N ILE A 4 -10.92 -13.89 5.00
CA ILE A 4 -10.58 -12.83 5.93
C ILE A 4 -11.61 -11.70 5.84
N GLY A 5 -11.66 -10.85 6.86
CA GLY A 5 -12.65 -9.79 6.91
C GLY A 5 -12.21 -8.55 6.15
N PHE A 6 -12.02 -8.71 4.86
CA PHE A 6 -11.71 -7.60 3.98
C PHE A 6 -12.72 -7.54 2.84
N ILE A 7 -12.81 -6.40 2.19
CA ILE A 7 -13.67 -6.26 1.02
C ILE A 7 -12.97 -6.90 -0.18
N ILE A 8 -11.86 -6.28 -0.60
CA ILE A 8 -11.02 -6.86 -1.64
C ILE A 8 -9.94 -7.72 -1.01
N LYS A 9 -9.75 -8.89 -1.58
CA LYS A 9 -8.77 -9.85 -1.09
C LYS A 9 -7.53 -9.82 -1.98
N GLU A 10 -6.70 -10.84 -1.86
CA GLU A 10 -5.56 -11.00 -2.74
C GLU A 10 -6.02 -11.13 -4.19
N GLY A 11 -5.10 -10.94 -5.12
CA GLY A 11 -5.46 -10.97 -6.52
C GLY A 11 -4.24 -10.98 -7.41
N ASP A 12 -4.46 -10.78 -8.68
CA ASP A 12 -3.39 -10.81 -9.67
C ASP A 12 -2.86 -9.40 -9.90
N GLU A 13 -3.73 -8.42 -9.68
CA GLU A 13 -3.38 -7.02 -9.83
C GLU A 13 -3.59 -6.26 -8.52
N VAL A 14 -3.69 -7.00 -7.44
CA VAL A 14 -3.91 -6.42 -6.11
C VAL A 14 -2.62 -6.46 -5.30
N ALA A 15 -2.20 -5.31 -4.79
CA ALA A 15 -1.03 -5.25 -3.93
C ALA A 15 -1.29 -4.37 -2.71
N ASP A 16 -1.06 -4.93 -1.52
CA ASP A 16 -1.27 -4.18 -0.30
C ASP A 16 0.03 -3.80 0.36
N VAL A 17 0.03 -2.64 1.00
CA VAL A 17 1.17 -2.17 1.76
C VAL A 17 0.78 -2.13 3.23
N THR A 18 1.67 -2.62 4.06
CA THR A 18 1.43 -2.68 5.49
C THR A 18 2.36 -1.71 6.20
N ILE A 19 1.78 -0.65 6.75
CA ILE A 19 2.56 0.42 7.37
C ILE A 19 2.45 0.37 8.89
N PHE A 20 3.54 0.70 9.57
CA PHE A 20 3.57 0.71 11.03
C PHE A 20 4.02 2.08 11.54
N ALA A 21 3.35 2.57 12.57
CA ALA A 21 3.68 3.87 13.17
C ALA A 21 2.93 4.07 14.47
N GLU A 22 3.32 5.08 15.24
CA GLU A 22 2.69 5.39 16.52
C GLU A 22 1.20 5.72 16.35
N THR A 23 0.88 6.53 15.36
CA THR A 23 -0.49 7.02 15.19
C THR A 23 -1.03 6.70 13.81
N LYS A 24 -2.36 6.65 13.73
CA LYS A 24 -3.05 6.47 12.46
C LYS A 24 -2.79 7.66 11.56
N ASP A 25 -2.73 8.83 12.18
CA ASP A 25 -2.43 10.08 11.48
C ASP A 25 -1.14 9.96 10.66
N ALA A 26 -0.10 9.41 11.28
CA ALA A 26 1.18 9.20 10.61
C ALA A 26 1.01 8.19 9.48
N LEU A 27 0.30 7.10 9.78
CA LEU A 27 0.01 6.08 8.80
C LEU A 27 -0.73 6.67 7.59
N GLU A 28 -1.73 7.49 7.87
CA GLU A 28 -2.52 8.13 6.84
C GLU A 28 -1.67 9.08 6.00
N SER A 29 -0.74 9.77 6.64
CA SER A 29 0.14 10.70 5.95
C SER A 29 0.99 9.98 4.91
N GLU A 30 1.52 8.83 5.30
CA GLU A 30 2.31 8.00 4.41
C GLU A 30 1.42 7.31 3.39
N LEU A 31 0.30 6.79 3.86
CA LEU A 31 -0.65 6.10 2.99
C LEU A 31 -1.11 7.00 1.86
N ALA A 32 -1.39 8.25 2.20
CA ALA A 32 -1.82 9.24 1.22
C ALA A 32 -0.81 9.38 0.09
N LYS A 33 0.46 9.20 0.42
CA LYS A 33 1.53 9.28 -0.57
C LYS A 33 1.57 8.01 -1.41
N TYR A 34 1.16 6.89 -0.84
CA TYR A 34 1.03 5.65 -1.61
C TYR A 34 -0.16 5.74 -2.55
N ILE A 35 -1.26 6.30 -2.06
CA ILE A 35 -2.44 6.54 -2.89
C ILE A 35 -2.10 7.49 -4.03
N GLU A 36 -1.25 8.47 -3.71
CA GLU A 36 -0.78 9.44 -4.66
C GLU A 36 0.02 8.75 -5.77
N LEU A 37 0.92 7.86 -5.36
CA LEU A 37 1.70 7.07 -6.30
C LEU A 37 0.78 6.17 -7.12
N ALA A 38 -0.26 5.66 -6.47
CA ALA A 38 -1.19 4.74 -7.12
C ALA A 38 -1.95 5.44 -8.24
N LYS A 39 -2.44 6.64 -7.96
CA LYS A 39 -3.16 7.43 -8.94
C LYS A 39 -2.25 7.85 -10.09
N SER A 40 -0.95 7.90 -9.81
CA SER A 40 0.03 8.26 -10.83
C SER A 40 0.24 7.10 -11.80
N VAL A 41 0.04 5.87 -11.31
CA VAL A 41 0.17 4.68 -12.13
C VAL A 41 -1.18 4.33 -12.78
N CYS A 42 -2.23 4.36 -11.97
CA CYS A 42 -3.54 3.98 -12.43
C CYS A 42 -4.60 4.80 -11.72
N ALA A 43 -5.24 5.71 -12.44
CA ALA A 43 -6.32 6.53 -11.89
C ALA A 43 -7.51 5.66 -11.51
N GLY A 44 -7.68 4.55 -12.22
CA GLY A 44 -8.79 3.64 -11.97
C GLY A 44 -8.45 2.60 -10.93
N VAL A 45 -7.50 2.90 -10.07
CA VAL A 45 -7.12 1.99 -8.99
C VAL A 45 -8.24 1.92 -7.94
N GLU A 46 -8.51 0.73 -7.45
CA GLU A 46 -9.47 0.54 -6.36
C GLU A 46 -8.72 0.02 -5.14
N TYR A 47 -8.98 0.60 -3.98
CA TYR A 47 -8.23 0.26 -2.79
C TYR A 47 -9.11 0.18 -1.55
N ASN A 48 -8.71 -0.69 -0.64
CA ASN A 48 -9.35 -0.78 0.67
C ASN A 48 -8.31 -0.61 1.75
N VAL A 49 -8.76 -0.41 2.97
CA VAL A 49 -7.88 -0.21 4.11
C VAL A 49 -8.43 -0.99 5.31
N SER A 50 -7.56 -1.39 6.21
CA SER A 50 -7.97 -2.05 7.45
C SER A 50 -8.82 -1.11 8.29
N GLU A 51 -9.36 -1.62 9.39
CA GLU A 51 -10.20 -0.83 10.27
C GLU A 51 -9.38 0.27 10.93
N LEU A 52 -9.75 1.51 10.65
CA LEU A 52 -9.01 2.65 11.13
C LEU A 52 -9.60 3.15 12.44
N THR A 53 -8.79 3.12 13.49
CA THR A 53 -9.21 3.56 14.81
C THR A 53 -8.09 4.36 15.47
N GLU A 54 -8.25 4.66 16.75
CA GLU A 54 -7.19 5.29 17.51
C GLU A 54 -6.11 4.27 17.86
N GLU A 55 -6.48 3.00 17.85
CA GLU A 55 -5.56 1.94 18.25
C GLU A 55 -4.99 1.18 17.07
N SER A 56 -5.16 1.71 15.86
CA SER A 56 -4.52 1.11 14.71
C SER A 56 -3.16 1.73 14.49
N LYS A 57 -2.12 1.04 14.97
CA LYS A 57 -0.74 1.45 14.75
C LYS A 57 -0.22 0.72 13.53
N GLU A 58 -1.11 -0.03 12.90
CA GLU A 58 -0.81 -0.82 11.73
C GLU A 58 -2.02 -0.84 10.81
N LEU A 59 -1.79 -0.73 9.52
CA LEU A 59 -2.88 -0.82 8.56
C LEU A 59 -2.41 -1.50 7.30
N THR A 60 -3.31 -2.20 6.65
CA THR A 60 -3.02 -2.87 5.41
C THR A 60 -3.95 -2.37 4.31
N ALA A 61 -3.41 -1.57 3.41
CA ALA A 61 -4.19 -1.01 2.33
C ALA A 61 -3.77 -1.61 1.00
N ARG A 62 -4.72 -2.21 0.29
CA ARG A 62 -4.41 -2.86 -0.98
C ARG A 62 -5.00 -2.12 -2.15
N PHE A 63 -4.13 -1.84 -3.11
CA PHE A 63 -4.51 -1.17 -4.33
C PHE A 63 -4.61 -2.20 -5.45
N LYS A 64 -5.78 -2.33 -6.04
CA LYS A 64 -5.91 -3.20 -7.20
C LYS A 64 -5.91 -2.35 -8.46
N PHE A 65 -5.21 -2.83 -9.46
CA PHE A 65 -5.03 -2.08 -10.69
C PHE A 65 -5.81 -2.74 -11.82
N GLU A 66 -5.61 -2.25 -13.02
CA GLU A 66 -6.31 -2.76 -14.17
C GLU A 66 -5.61 -3.99 -14.72
N VAL A 67 -4.28 -3.96 -14.69
CA VAL A 67 -3.49 -5.09 -15.13
C VAL A 67 -2.43 -5.42 -14.09
N SER A 68 -1.95 -6.66 -14.12
CA SER A 68 -0.94 -7.12 -13.17
C SER A 68 0.38 -6.40 -13.37
N ALA A 69 0.55 -5.83 -14.55
CA ALA A 69 1.75 -5.07 -14.87
C ALA A 69 1.83 -3.81 -14.00
N GLU A 70 0.69 -3.18 -13.77
CA GLU A 70 0.61 -1.97 -12.97
C GLU A 70 0.98 -2.27 -11.52
N LYS A 71 0.62 -3.46 -11.07
CA LYS A 71 0.98 -3.93 -9.74
C LYS A 71 2.49 -3.95 -9.60
N LEU A 72 3.11 -4.67 -10.52
CA LEU A 72 4.56 -4.81 -10.55
C LEU A 72 5.24 -3.43 -10.58
N ILE A 73 4.73 -2.54 -11.43
CA ILE A 73 5.28 -1.18 -11.51
C ILE A 73 5.19 -0.47 -10.16
N PHE A 74 4.05 -0.59 -9.50
CA PHE A 74 3.85 0.02 -8.20
C PHE A 74 4.80 -0.59 -7.17
N GLU A 75 4.96 -1.91 -7.23
CA GLU A 75 5.88 -2.62 -6.34
C GLU A 75 7.32 -2.19 -6.61
N LEU A 76 7.66 -2.02 -7.88
CA LEU A 76 8.99 -1.59 -8.27
C LEU A 76 9.27 -0.17 -7.80
N LYS A 77 8.31 0.72 -7.96
CA LYS A 77 8.48 2.11 -7.55
C LYS A 77 8.55 2.24 -6.03
N THR A 78 7.72 1.48 -5.32
CA THR A 78 7.69 1.55 -3.86
C THR A 78 8.99 1.07 -3.25
N ARG A 79 9.75 0.27 -4.00
CA ARG A 79 11.04 -0.19 -3.55
C ARG A 79 11.99 0.98 -3.29
N SER A 80 12.01 1.94 -4.20
CA SER A 80 12.85 3.10 -4.08
C SER A 80 12.24 4.14 -3.14
N LEU A 81 10.97 3.97 -2.83
CA LEU A 81 10.27 4.91 -1.98
C LEU A 81 10.29 4.46 -0.52
N ALA A 82 10.15 3.15 -0.32
CA ALA A 82 10.00 2.61 1.03
C ALA A 82 11.33 2.20 1.64
N ARG A 83 12.41 2.70 1.08
CA ARG A 83 13.71 2.53 1.67
C ARG A 83 14.04 3.73 2.54
N LEU A 84 15.22 3.73 3.15
CA LEU A 84 15.58 4.73 4.13
C LEU A 84 14.52 4.79 5.22
N GLU A 85 14.61 3.86 6.15
CA GLU A 85 13.63 3.74 7.22
C GLU A 85 13.44 5.08 7.90
N HIS A 86 12.19 5.42 8.12
CA HIS A 86 11.83 6.77 8.52
C HIS A 86 11.17 6.79 9.88
N HIS A 87 11.15 5.65 10.55
CA HIS A 87 10.71 5.60 11.93
C HIS A 87 11.90 5.90 12.83
N HIS A 88 12.01 7.16 13.22
CA HIS A 88 13.17 7.65 13.94
C HIS A 88 12.74 8.66 14.99
N HIS A 89 11.46 8.56 15.36
CA HIS A 89 10.81 9.43 16.35
C HIS A 89 10.54 10.83 15.79
N HIS A 90 11.33 11.24 14.81
CA HIS A 90 10.99 12.41 14.00
C HIS A 90 9.80 12.04 13.13
N HIS A 91 9.65 10.74 12.96
CA HIS A 91 8.51 10.14 12.31
C HIS A 91 8.50 8.67 12.70
N ALA A 1 -6.40 -16.04 -1.56
CA ALA A 1 -7.52 -16.82 -1.00
C ALA A 1 -7.46 -16.83 0.54
N GLY A 2 -7.03 -15.71 1.11
CA GLY A 2 -7.05 -15.56 2.55
C GLY A 2 -8.02 -14.47 2.95
N GLU A 3 -9.29 -14.82 3.01
CA GLU A 3 -10.34 -13.84 3.18
C GLU A 3 -10.39 -13.26 4.58
N ILE A 4 -9.77 -12.10 4.72
CA ILE A 4 -9.89 -11.27 5.90
C ILE A 4 -11.15 -10.41 5.72
N GLY A 5 -11.58 -9.72 6.78
CA GLY A 5 -12.79 -8.88 6.71
C GLY A 5 -12.63 -7.67 5.81
N PHE A 6 -12.23 -7.90 4.58
CA PHE A 6 -12.15 -6.88 3.55
C PHE A 6 -12.97 -7.31 2.35
N ILE A 7 -13.20 -6.39 1.42
CA ILE A 7 -13.95 -6.70 0.20
C ILE A 7 -13.04 -7.41 -0.80
N ILE A 8 -11.96 -6.75 -1.18
CA ILE A 8 -11.04 -7.30 -2.17
C ILE A 8 -10.08 -8.32 -1.55
N LYS A 9 -9.86 -9.42 -2.26
CA LYS A 9 -8.95 -10.47 -1.82
C LYS A 9 -7.66 -10.43 -2.63
N GLU A 10 -6.84 -11.46 -2.48
CA GLU A 10 -5.54 -11.51 -3.13
C GLU A 10 -5.68 -11.65 -4.64
N GLY A 11 -4.60 -11.36 -5.36
CA GLY A 11 -4.61 -11.44 -6.79
C GLY A 11 -3.30 -10.95 -7.37
N ASP A 12 -3.12 -11.12 -8.68
CA ASP A 12 -1.90 -10.70 -9.36
C ASP A 12 -1.87 -9.21 -9.58
N GLU A 13 -3.04 -8.61 -9.69
CA GLU A 13 -3.16 -7.17 -9.89
C GLU A 13 -3.45 -6.47 -8.57
N VAL A 14 -3.47 -7.24 -7.49
CA VAL A 14 -3.77 -6.71 -6.17
C VAL A 14 -2.50 -6.66 -5.33
N ALA A 15 -2.15 -5.47 -4.88
CA ALA A 15 -1.00 -5.30 -4.00
C ALA A 15 -1.46 -4.82 -2.64
N ASP A 16 -1.46 -5.72 -1.66
CA ASP A 16 -1.78 -5.36 -0.30
C ASP A 16 -0.51 -5.10 0.48
N VAL A 17 -0.47 -3.96 1.12
CA VAL A 17 0.67 -3.56 1.91
C VAL A 17 0.21 -3.06 3.25
N THR A 18 0.87 -3.53 4.28
CA THR A 18 0.62 -3.06 5.62
C THR A 18 1.65 -2.00 5.96
N ILE A 19 1.20 -0.79 6.14
CA ILE A 19 2.12 0.32 6.36
C ILE A 19 2.24 0.58 7.84
N PHE A 20 3.46 0.79 8.29
CA PHE A 20 3.74 1.02 9.69
C PHE A 20 4.27 2.42 9.89
N ALA A 21 3.65 3.15 10.79
CA ALA A 21 4.08 4.47 11.15
C ALA A 21 4.10 4.62 12.66
N GLU A 22 4.50 5.79 13.14
CA GLU A 22 4.56 6.03 14.57
C GLU A 22 3.15 6.21 15.13
N THR A 23 2.31 6.95 14.41
CA THR A 23 0.97 7.25 14.89
C THR A 23 -0.06 7.12 13.77
N LYS A 24 -1.34 7.21 14.15
CA LYS A 24 -2.44 7.20 13.21
C LYS A 24 -2.29 8.33 12.19
N ASP A 25 -1.89 9.49 12.69
CA ASP A 25 -1.70 10.67 11.84
C ASP A 25 -0.57 10.45 10.84
N ALA A 26 0.55 9.93 11.33
CA ALA A 26 1.69 9.64 10.47
C ALA A 26 1.31 8.56 9.46
N LEU A 27 0.47 7.63 9.89
CA LEU A 27 -0.03 6.58 9.04
C LEU A 27 -0.80 7.17 7.86
N GLU A 28 -1.67 8.14 8.16
CA GLU A 28 -2.41 8.86 7.14
C GLU A 28 -1.48 9.57 6.16
N SER A 29 -0.42 10.19 6.70
CA SER A 29 0.54 10.91 5.88
C SER A 29 1.17 9.97 4.86
N GLU A 30 1.69 8.85 5.35
CA GLU A 30 2.32 7.85 4.51
C GLU A 30 1.31 7.25 3.54
N LEU A 31 0.11 6.98 4.03
CA LEU A 31 -0.95 6.40 3.21
C LEU A 31 -1.25 7.30 2.03
N ALA A 32 -1.44 8.58 2.31
CA ALA A 32 -1.75 9.57 1.28
C ALA A 32 -0.70 9.55 0.17
N LYS A 33 0.56 9.37 0.56
CA LYS A 33 1.66 9.29 -0.39
C LYS A 33 1.52 8.08 -1.30
N TYR A 34 1.14 6.96 -0.72
CA TYR A 34 0.98 5.72 -1.47
C TYR A 34 -0.25 5.80 -2.37
N ILE A 35 -1.29 6.49 -1.91
CA ILE A 35 -2.47 6.72 -2.74
C ILE A 35 -2.09 7.60 -3.95
N GLU A 36 -1.28 8.60 -3.69
CA GLU A 36 -0.79 9.48 -4.75
C GLU A 36 0.09 8.70 -5.73
N LEU A 37 0.95 7.86 -5.17
CA LEU A 37 1.81 6.98 -5.96
C LEU A 37 0.95 6.05 -6.81
N ALA A 38 -0.15 5.58 -6.23
CA ALA A 38 -1.05 4.65 -6.90
C ALA A 38 -1.68 5.30 -8.11
N LYS A 39 -2.15 6.52 -7.95
CA LYS A 39 -2.78 7.26 -9.04
C LYS A 39 -1.78 7.61 -10.13
N SER A 40 -0.50 7.63 -9.77
CA SER A 40 0.56 7.90 -10.73
C SER A 40 0.82 6.67 -11.59
N VAL A 41 0.40 5.51 -11.11
CA VAL A 41 0.57 4.26 -11.84
C VAL A 41 -0.73 3.82 -12.47
N CYS A 42 -1.79 3.79 -11.68
CA CYS A 42 -3.06 3.27 -12.11
C CYS A 42 -4.18 4.24 -11.77
N ALA A 43 -4.90 4.68 -12.80
CA ALA A 43 -5.98 5.62 -12.62
C ALA A 43 -7.23 4.93 -12.09
N GLY A 44 -7.50 3.74 -12.59
CA GLY A 44 -8.69 3.01 -12.22
C GLY A 44 -8.44 2.03 -11.08
N VAL A 45 -7.54 2.40 -10.19
CA VAL A 45 -7.20 1.56 -9.05
C VAL A 45 -8.34 1.52 -8.03
N GLU A 46 -8.76 0.31 -7.69
CA GLU A 46 -9.76 0.11 -6.65
C GLU A 46 -9.10 -0.53 -5.44
N TYR A 47 -9.27 0.06 -4.28
CA TYR A 47 -8.52 -0.35 -3.11
C TYR A 47 -9.37 -0.42 -1.87
N ASN A 48 -8.95 -1.26 -0.94
CA ASN A 48 -9.53 -1.32 0.39
C ASN A 48 -8.42 -1.14 1.40
N VAL A 49 -8.80 -0.90 2.64
CA VAL A 49 -7.84 -0.69 3.70
C VAL A 49 -8.50 -0.88 5.07
N SER A 50 -7.74 -1.41 6.02
CA SER A 50 -8.22 -1.54 7.39
C SER A 50 -8.52 -0.15 7.95
N GLU A 51 -9.43 -0.08 8.90
CA GLU A 51 -9.77 1.20 9.50
C GLU A 51 -8.74 1.54 10.55
N LEU A 52 -8.15 2.71 10.41
CA LEU A 52 -7.09 3.14 11.29
C LEU A 52 -7.66 3.96 12.43
N THR A 53 -7.52 3.42 13.64
CA THR A 53 -8.04 4.07 14.82
C THR A 53 -6.88 4.64 15.63
N GLU A 54 -7.16 5.12 16.84
CA GLU A 54 -6.15 5.77 17.68
C GLU A 54 -4.99 4.81 17.97
N GLU A 55 -5.30 3.54 18.14
CA GLU A 55 -4.31 2.52 18.48
C GLU A 55 -3.69 1.88 17.24
N SER A 56 -4.08 2.34 16.05
CA SER A 56 -3.58 1.74 14.83
C SER A 56 -2.33 2.47 14.34
N LYS A 57 -1.17 1.85 14.57
CA LYS A 57 0.08 2.37 14.03
C LYS A 57 0.48 1.57 12.80
N GLU A 58 -0.46 0.75 12.34
CA GLU A 58 -0.31 -0.01 11.11
C GLU A 58 -1.67 -0.17 10.44
N LEU A 59 -1.67 -0.35 9.13
CA LEU A 59 -2.90 -0.61 8.40
C LEU A 59 -2.61 -1.37 7.12
N THR A 60 -3.54 -2.21 6.71
CA THR A 60 -3.36 -3.00 5.51
C THR A 60 -4.21 -2.47 4.38
N ALA A 61 -3.55 -1.91 3.38
CA ALA A 61 -4.23 -1.38 2.22
C ALA A 61 -3.86 -2.17 0.98
N ARG A 62 -4.87 -2.65 0.26
CA ARG A 62 -4.62 -3.38 -0.97
C ARG A 62 -5.21 -2.65 -2.15
N PHE A 63 -4.33 -2.28 -3.06
CA PHE A 63 -4.72 -1.59 -4.27
C PHE A 63 -4.84 -2.59 -5.42
N LYS A 64 -6.02 -2.71 -6.00
CA LYS A 64 -6.18 -3.52 -7.19
C LYS A 64 -6.01 -2.66 -8.41
N PHE A 65 -4.97 -2.94 -9.17
CA PHE A 65 -4.68 -2.18 -10.36
C PHE A 65 -5.38 -2.82 -11.56
N GLU A 66 -5.19 -2.21 -12.73
CA GLU A 66 -5.78 -2.72 -13.96
C GLU A 66 -5.34 -4.18 -14.18
N VAL A 67 -4.03 -4.36 -14.25
CA VAL A 67 -3.45 -5.68 -14.50
C VAL A 67 -2.19 -5.85 -13.67
N SER A 68 -1.48 -6.96 -13.87
CA SER A 68 -0.28 -7.26 -13.10
C SER A 68 0.83 -6.26 -13.40
N ALA A 69 0.83 -5.75 -14.62
CA ALA A 69 1.81 -4.76 -15.06
C ALA A 69 1.79 -3.53 -14.17
N GLU A 70 0.58 -2.99 -13.94
CA GLU A 70 0.41 -1.82 -13.10
C GLU A 70 0.87 -2.12 -11.67
N LYS A 71 0.59 -3.34 -11.23
CA LYS A 71 0.93 -3.78 -9.89
C LYS A 71 2.44 -3.75 -9.69
N LEU A 72 3.15 -4.35 -10.64
CA LEU A 72 4.61 -4.42 -10.59
C LEU A 72 5.22 -3.03 -10.62
N ILE A 73 4.73 -2.17 -11.50
CA ILE A 73 5.26 -0.80 -11.62
C ILE A 73 5.11 -0.04 -10.31
N PHE A 74 3.96 -0.20 -9.67
CA PHE A 74 3.73 0.41 -8.36
C PHE A 74 4.74 -0.10 -7.35
N GLU A 75 4.92 -1.41 -7.31
CA GLU A 75 5.86 -2.03 -6.38
C GLU A 75 7.29 -1.58 -6.66
N LEU A 76 7.64 -1.43 -7.93
CA LEU A 76 8.94 -0.94 -8.33
C LEU A 76 9.21 0.44 -7.75
N LYS A 77 8.21 1.31 -7.83
CA LYS A 77 8.32 2.65 -7.27
C LYS A 77 8.39 2.60 -5.74
N THR A 78 7.55 1.78 -5.13
CA THR A 78 7.52 1.67 -3.67
C THR A 78 8.81 1.06 -3.13
N ARG A 79 9.47 0.23 -3.92
CA ARG A 79 10.75 -0.34 -3.54
C ARG A 79 11.77 0.74 -3.26
N SER A 80 11.81 1.73 -4.14
CA SER A 80 12.77 2.80 -4.06
C SER A 80 12.38 3.83 -3.00
N LEU A 81 11.12 3.80 -2.62
CA LEU A 81 10.59 4.72 -1.62
C LEU A 81 10.69 4.11 -0.23
N ALA A 82 10.42 2.81 -0.14
CA ALA A 82 10.45 2.08 1.11
C ALA A 82 11.83 1.50 1.35
N ARG A 83 12.78 2.01 0.58
CA ARG A 83 14.17 1.64 0.71
C ARG A 83 14.72 2.15 2.03
N LEU A 84 15.70 1.45 2.58
CA LEU A 84 16.21 1.76 3.91
C LEU A 84 17.20 2.89 3.90
N GLU A 85 17.10 3.76 2.92
CA GLU A 85 17.98 4.92 2.83
C GLU A 85 17.32 6.06 2.07
N HIS A 86 17.78 7.27 2.38
CA HIS A 86 17.38 8.46 1.66
C HIS A 86 18.55 9.00 0.85
N HIS A 87 19.74 8.56 1.24
CA HIS A 87 20.99 8.91 0.56
C HIS A 87 22.11 8.04 1.12
N HIS A 88 22.06 7.88 2.43
CA HIS A 88 22.94 6.99 3.18
C HIS A 88 22.36 6.83 4.57
N HIS A 89 22.20 5.60 5.02
CA HIS A 89 21.56 5.35 6.30
C HIS A 89 22.58 4.85 7.31
N HIS A 90 23.66 4.27 6.81
CA HIS A 90 24.69 3.72 7.67
C HIS A 90 25.58 4.83 8.21
N HIS A 91 25.72 4.88 9.52
CA HIS A 91 26.62 5.82 10.17
C HIS A 91 27.61 5.08 11.04
N ALA A 1 0.76 -16.73 7.67
CA ALA A 1 -0.55 -16.68 8.34
C ALA A 1 -1.65 -16.41 7.33
N GLY A 2 -2.90 -16.47 7.79
CA GLY A 2 -4.02 -16.25 6.91
C GLY A 2 -4.24 -14.79 6.60
N GLU A 3 -4.52 -14.48 5.35
CA GLU A 3 -4.75 -13.11 4.93
C GLU A 3 -6.23 -12.76 5.03
N ILE A 4 -6.55 -11.51 5.31
CA ILE A 4 -7.93 -11.09 5.45
C ILE A 4 -8.59 -10.99 4.08
N GLY A 5 -9.90 -11.12 4.06
CA GLY A 5 -10.62 -11.21 2.80
C GLY A 5 -10.95 -9.86 2.22
N PHE A 6 -11.46 -8.97 3.08
CA PHE A 6 -11.94 -7.66 2.67
C PHE A 6 -13.02 -7.78 1.59
N ILE A 7 -13.43 -6.64 1.04
CA ILE A 7 -14.32 -6.65 -0.11
C ILE A 7 -13.50 -7.03 -1.35
N ILE A 8 -12.35 -6.39 -1.50
CA ILE A 8 -11.42 -6.75 -2.55
C ILE A 8 -10.38 -7.71 -1.97
N LYS A 9 -10.19 -8.83 -2.65
CA LYS A 9 -9.29 -9.87 -2.17
C LYS A 9 -8.00 -9.89 -2.99
N GLU A 10 -7.17 -10.89 -2.73
CA GLU A 10 -5.89 -11.02 -3.42
C GLU A 10 -6.08 -11.35 -4.89
N GLY A 11 -5.02 -11.24 -5.66
CA GLY A 11 -5.10 -11.56 -7.06
C GLY A 11 -3.78 -11.35 -7.77
N ASP A 12 -3.81 -11.49 -9.09
CA ASP A 12 -2.63 -11.35 -9.93
C ASP A 12 -2.34 -9.87 -10.17
N GLU A 13 -3.39 -9.08 -10.14
CA GLU A 13 -3.29 -7.65 -10.36
C GLU A 13 -3.49 -6.89 -9.05
N VAL A 14 -3.42 -7.60 -7.94
CA VAL A 14 -3.68 -7.02 -6.64
C VAL A 14 -2.44 -7.11 -5.74
N ALA A 15 -2.17 -6.05 -4.98
CA ALA A 15 -1.03 -6.03 -4.06
C ALA A 15 -1.42 -5.42 -2.73
N ASP A 16 -0.92 -5.99 -1.64
CA ASP A 16 -1.19 -5.48 -0.30
C ASP A 16 -0.04 -4.60 0.18
N VAL A 17 -0.40 -3.51 0.83
CA VAL A 17 0.57 -2.65 1.47
C VAL A 17 0.11 -2.36 2.90
N THR A 18 1.02 -2.45 3.84
CA THR A 18 0.68 -2.24 5.24
C THR A 18 1.70 -1.33 5.90
N ILE A 19 1.24 -0.19 6.40
CA ILE A 19 2.10 0.78 7.04
C ILE A 19 1.91 0.74 8.55
N PHE A 20 2.99 0.90 9.28
CA PHE A 20 2.92 0.96 10.73
C PHE A 20 3.78 2.11 11.26
N ALA A 21 3.30 2.75 12.30
CA ALA A 21 4.00 3.88 12.92
C ALA A 21 3.40 4.17 14.29
N GLU A 22 3.96 5.15 14.98
CA GLU A 22 3.52 5.47 16.33
C GLU A 22 2.28 6.36 16.33
N THR A 23 2.21 7.26 15.36
CA THR A 23 1.07 8.18 15.30
C THR A 23 0.16 7.85 14.12
N LYS A 24 -1.14 8.00 14.34
CA LYS A 24 -2.12 7.78 13.28
C LYS A 24 -1.83 8.72 12.12
N ASP A 25 -1.39 9.91 12.46
CA ASP A 25 -1.02 10.91 11.47
C ASP A 25 0.04 10.38 10.53
N ALA A 26 1.04 9.70 11.09
CA ALA A 26 2.11 9.12 10.27
C ALA A 26 1.55 8.04 9.36
N LEU A 27 0.63 7.24 9.89
CA LEU A 27 -0.08 6.24 9.10
C LEU A 27 -0.78 6.91 7.93
N GLU A 28 -1.60 7.90 8.24
CA GLU A 28 -2.40 8.61 7.26
C GLU A 28 -1.52 9.32 6.23
N SER A 29 -0.41 9.90 6.68
CA SER A 29 0.48 10.64 5.80
C SER A 29 1.14 9.71 4.79
N GLU A 30 1.68 8.59 5.27
CA GLU A 30 2.39 7.66 4.41
C GLU A 30 1.42 6.96 3.48
N LEU A 31 0.26 6.60 4.01
CA LEU A 31 -0.80 5.96 3.24
C LEU A 31 -1.23 6.87 2.08
N ALA A 32 -1.41 8.14 2.40
CA ALA A 32 -1.76 9.14 1.39
C ALA A 32 -0.75 9.18 0.26
N LYS A 33 0.53 9.06 0.59
CA LYS A 33 1.60 9.05 -0.39
C LYS A 33 1.44 7.86 -1.33
N TYR A 34 1.16 6.70 -0.75
CA TYR A 34 1.05 5.47 -1.51
C TYR A 34 -0.17 5.48 -2.42
N ILE A 35 -1.27 6.06 -1.93
CA ILE A 35 -2.45 6.24 -2.78
C ILE A 35 -2.16 7.23 -3.90
N GLU A 36 -1.42 8.28 -3.58
CA GLU A 36 -1.04 9.29 -4.55
C GLU A 36 -0.13 8.69 -5.61
N LEU A 37 0.78 7.83 -5.19
CA LEU A 37 1.64 7.11 -6.10
C LEU A 37 0.80 6.15 -6.94
N ALA A 38 -0.19 5.54 -6.29
CA ALA A 38 -1.02 4.52 -6.94
C ALA A 38 -1.84 5.13 -8.06
N LYS A 39 -2.40 6.31 -7.83
CA LYS A 39 -3.20 6.99 -8.83
C LYS A 39 -2.35 7.39 -10.03
N SER A 40 -1.07 7.66 -9.78
CA SER A 40 -0.14 8.04 -10.83
C SER A 40 0.21 6.82 -11.68
N VAL A 41 0.28 5.66 -11.04
CA VAL A 41 0.60 4.42 -11.73
C VAL A 41 -0.63 3.84 -12.41
N CYS A 42 -1.77 3.90 -11.74
CA CYS A 42 -2.99 3.29 -12.23
C CYS A 42 -4.13 4.29 -12.18
N ALA A 43 -4.78 4.47 -13.31
CA ALA A 43 -5.89 5.41 -13.43
C ALA A 43 -7.08 4.94 -12.58
N GLY A 44 -7.51 3.72 -12.82
CA GLY A 44 -8.68 3.20 -12.12
C GLY A 44 -8.31 2.15 -11.08
N VAL A 45 -7.38 2.49 -10.21
CA VAL A 45 -6.96 1.57 -9.15
C VAL A 45 -8.02 1.48 -8.07
N GLU A 46 -8.45 0.26 -7.78
CA GLU A 46 -9.44 0.01 -6.75
C GLU A 46 -8.77 -0.49 -5.49
N TYR A 47 -8.91 0.24 -4.41
CA TYR A 47 -8.20 -0.10 -3.19
C TYR A 47 -9.12 -0.12 -1.99
N ASN A 48 -8.86 -1.05 -1.10
CA ASN A 48 -9.54 -1.10 0.19
C ASN A 48 -8.55 -0.73 1.27
N VAL A 49 -9.07 -0.49 2.45
CA VAL A 49 -8.25 -0.03 3.58
C VAL A 49 -8.83 -0.59 4.88
N SER A 50 -7.97 -0.87 5.84
CA SER A 50 -8.43 -1.29 7.16
C SER A 50 -9.06 -0.11 7.88
N GLU A 51 -9.75 -0.39 8.96
CA GLU A 51 -10.42 0.65 9.73
C GLU A 51 -9.44 1.34 10.66
N LEU A 52 -9.42 2.67 10.62
CA LEU A 52 -8.53 3.45 11.43
C LEU A 52 -9.12 3.66 12.82
N THR A 53 -8.37 3.25 13.83
CA THR A 53 -8.81 3.36 15.20
C THR A 53 -7.83 4.21 16.01
N GLU A 54 -8.11 4.35 17.29
CA GLU A 54 -7.25 5.11 18.18
C GLU A 54 -5.94 4.37 18.45
N GLU A 55 -6.03 3.06 18.55
CA GLU A 55 -4.91 2.24 18.98
C GLU A 55 -4.14 1.64 17.82
N SER A 56 -4.65 1.78 16.60
CA SER A 56 -4.04 1.15 15.43
C SER A 56 -2.67 1.72 15.11
N LYS A 57 -1.67 0.85 15.21
CA LYS A 57 -0.32 1.18 14.81
C LYS A 57 -0.11 0.87 13.34
N GLU A 58 -0.94 -0.02 12.80
CA GLU A 58 -0.79 -0.44 11.41
C GLU A 58 -2.12 -0.39 10.68
N LEU A 59 -2.05 -0.33 9.35
CA LEU A 59 -3.23 -0.42 8.51
C LEU A 59 -2.87 -1.12 7.20
N THR A 60 -3.77 -1.96 6.73
CA THR A 60 -3.55 -2.69 5.49
C THR A 60 -4.38 -2.08 4.36
N ALA A 61 -3.68 -1.61 3.34
CA ALA A 61 -4.33 -1.08 2.16
C ALA A 61 -4.08 -2.02 0.99
N ARG A 62 -5.16 -2.49 0.38
CA ARG A 62 -5.07 -3.46 -0.70
C ARG A 62 -5.39 -2.80 -2.02
N PHE A 63 -4.42 -2.76 -2.91
CA PHE A 63 -4.56 -2.08 -4.19
C PHE A 63 -4.78 -3.07 -5.32
N LYS A 64 -5.96 -3.04 -5.91
CA LYS A 64 -6.24 -3.81 -7.11
C LYS A 64 -6.08 -2.91 -8.33
N PHE A 65 -5.18 -3.30 -9.21
CA PHE A 65 -4.95 -2.55 -10.42
C PHE A 65 -5.80 -3.13 -11.56
N GLU A 66 -5.65 -2.59 -12.76
CA GLU A 66 -6.40 -3.08 -13.90
C GLU A 66 -5.59 -4.11 -14.65
N VAL A 67 -4.29 -3.90 -14.70
CA VAL A 67 -3.38 -4.88 -15.25
C VAL A 67 -2.27 -5.16 -14.24
N SER A 68 -1.73 -6.35 -14.25
CA SER A 68 -0.74 -6.76 -13.26
C SER A 68 0.59 -6.05 -13.50
N ALA A 69 0.71 -5.42 -14.66
CA ALA A 69 1.87 -4.57 -14.96
C ALA A 69 1.87 -3.35 -14.04
N GLU A 70 0.69 -2.75 -13.84
CA GLU A 70 0.54 -1.59 -12.96
C GLU A 70 0.98 -1.95 -11.55
N LYS A 71 0.71 -3.19 -11.16
CA LYS A 71 1.12 -3.70 -9.86
C LYS A 71 2.63 -3.61 -9.72
N LEU A 72 3.31 -4.26 -10.66
CA LEU A 72 4.77 -4.31 -10.69
C LEU A 72 5.36 -2.90 -10.67
N ILE A 73 4.81 -2.02 -11.48
CA ILE A 73 5.28 -0.64 -11.57
C ILE A 73 5.18 0.06 -10.20
N PHE A 74 4.05 -0.12 -9.54
CA PHE A 74 3.83 0.47 -8.23
C PHE A 74 4.79 -0.12 -7.20
N GLU A 75 4.94 -1.45 -7.24
CA GLU A 75 5.85 -2.14 -6.35
C GLU A 75 7.29 -1.68 -6.56
N LEU A 76 7.65 -1.46 -7.82
CA LEU A 76 8.99 -1.01 -8.18
C LEU A 76 9.29 0.37 -7.61
N LYS A 77 8.32 1.28 -7.70
CA LYS A 77 8.51 2.64 -7.21
C LYS A 77 8.49 2.69 -5.69
N THR A 78 7.65 1.87 -5.07
CA THR A 78 7.54 1.86 -3.62
C THR A 78 8.79 1.26 -2.98
N ARG A 79 9.38 0.26 -3.64
CA ARG A 79 10.60 -0.35 -3.15
C ARG A 79 11.70 0.69 -2.95
N SER A 80 11.85 1.56 -3.92
CA SER A 80 12.90 2.56 -3.91
C SER A 80 12.56 3.75 -3.03
N LEU A 81 11.28 3.93 -2.74
CA LEU A 81 10.81 5.06 -1.97
C LEU A 81 10.68 4.71 -0.50
N ALA A 82 10.20 3.51 -0.23
CA ALA A 82 9.84 3.11 1.13
C ALA A 82 10.90 2.24 1.78
N ARG A 83 12.09 2.24 1.19
CA ARG A 83 13.22 1.53 1.77
C ARG A 83 13.88 2.45 2.80
N LEU A 84 14.73 1.89 3.65
CA LEU A 84 15.48 2.69 4.60
C LEU A 84 16.65 3.39 3.91
N GLU A 85 16.33 4.06 2.80
CA GLU A 85 17.29 4.77 1.97
C GLU A 85 18.24 3.79 1.28
N HIS A 86 19.00 4.32 0.33
CA HIS A 86 20.16 3.65 -0.20
C HIS A 86 21.37 4.43 0.28
N HIS A 87 21.74 4.18 1.53
CA HIS A 87 22.68 5.06 2.24
C HIS A 87 24.09 4.93 1.70
N HIS A 88 24.45 5.84 0.80
CA HIS A 88 25.78 5.86 0.24
C HIS A 88 26.70 6.72 1.10
N HIS A 89 27.98 6.36 1.16
CA HIS A 89 28.93 7.12 1.95
C HIS A 89 29.77 8.01 1.04
N HIS A 90 30.06 7.54 -0.16
CA HIS A 90 30.82 8.32 -1.13
C HIS A 90 30.54 7.85 -2.55
N HIS A 91 30.34 8.78 -3.45
CA HIS A 91 30.08 8.45 -4.85
C HIS A 91 31.36 8.54 -5.67
N ALA A 1 0.59 -17.56 8.55
CA ALA A 1 0.57 -16.66 7.38
C ALA A 1 -0.42 -17.15 6.33
N GLY A 2 -1.56 -16.47 6.25
CA GLY A 2 -2.55 -16.80 5.24
C GLY A 2 -2.72 -15.66 4.28
N GLU A 3 -3.97 -15.25 4.06
CA GLU A 3 -4.26 -14.11 3.21
C GLU A 3 -5.23 -13.20 3.94
N ILE A 4 -4.99 -11.89 3.88
CA ILE A 4 -5.78 -10.94 4.65
C ILE A 4 -7.24 -10.93 4.17
N GLY A 5 -8.13 -10.57 5.08
CA GLY A 5 -9.55 -10.68 4.82
C GLY A 5 -10.18 -9.37 4.44
N PHE A 6 -9.83 -8.91 3.25
CA PHE A 6 -10.45 -7.72 2.69
C PHE A 6 -11.53 -8.11 1.68
N ILE A 7 -12.18 -7.12 1.10
CA ILE A 7 -13.19 -7.38 0.08
C ILE A 7 -12.50 -7.91 -1.17
N ILE A 8 -11.50 -7.18 -1.65
CA ILE A 8 -10.69 -7.63 -2.76
C ILE A 8 -9.51 -8.45 -2.25
N LYS A 9 -9.37 -9.65 -2.77
CA LYS A 9 -8.31 -10.54 -2.34
C LYS A 9 -7.12 -10.44 -3.28
N GLU A 10 -6.09 -11.25 -3.02
CA GLU A 10 -4.85 -11.19 -3.78
C GLU A 10 -5.05 -11.62 -5.23
N GLY A 11 -4.02 -11.37 -6.03
CA GLY A 11 -4.07 -11.69 -7.44
C GLY A 11 -2.92 -11.07 -8.19
N ASP A 12 -2.85 -11.35 -9.48
CA ASP A 12 -1.75 -10.83 -10.31
C ASP A 12 -1.92 -9.35 -10.62
N GLU A 13 -3.13 -8.84 -10.43
CA GLU A 13 -3.39 -7.42 -10.60
C GLU A 13 -3.45 -6.74 -9.23
N VAL A 14 -3.20 -7.51 -8.19
CA VAL A 14 -3.37 -7.04 -6.83
C VAL A 14 -2.03 -6.89 -6.11
N ALA A 15 -1.87 -5.80 -5.40
CA ALA A 15 -0.69 -5.57 -4.58
C ALA A 15 -1.12 -5.13 -3.19
N ASP A 16 -0.92 -5.98 -2.20
CA ASP A 16 -1.31 -5.68 -0.84
C ASP A 16 -0.12 -5.16 -0.05
N VAL A 17 -0.35 -4.10 0.69
CA VAL A 17 0.70 -3.43 1.42
C VAL A 17 0.23 -2.98 2.79
N THR A 18 1.17 -2.87 3.70
CA THR A 18 0.87 -2.44 5.05
C THR A 18 1.89 -1.38 5.50
N ILE A 19 1.40 -0.25 5.97
CA ILE A 19 2.29 0.82 6.43
C ILE A 19 2.40 0.77 7.94
N PHE A 20 3.59 1.06 8.46
CA PHE A 20 3.83 1.00 9.88
C PHE A 20 4.43 2.31 10.38
N ALA A 21 3.98 2.74 11.54
CA ALA A 21 4.52 3.91 12.22
C ALA A 21 3.88 4.03 13.59
N GLU A 22 4.55 4.72 14.49
CA GLU A 22 4.07 4.79 15.87
C GLU A 22 2.85 5.71 16.01
N THR A 23 2.69 6.64 15.09
CA THR A 23 1.55 7.54 15.15
C THR A 23 0.60 7.31 13.97
N LYS A 24 -0.69 7.36 14.25
CA LYS A 24 -1.70 7.19 13.22
C LYS A 24 -1.58 8.29 12.19
N ASP A 25 -1.22 9.46 12.68
CA ASP A 25 -1.01 10.62 11.81
C ASP A 25 0.09 10.32 10.79
N ALA A 26 1.13 9.60 11.22
CA ALA A 26 2.20 9.23 10.30
C ALA A 26 1.69 8.23 9.28
N LEU A 27 0.84 7.32 9.72
CA LEU A 27 0.15 6.37 8.85
C LEU A 27 -0.61 7.14 7.78
N GLU A 28 -1.49 8.03 8.22
CA GLU A 28 -2.34 8.79 7.34
C GLU A 28 -1.55 9.68 6.40
N SER A 29 -0.51 10.31 6.91
CA SER A 29 0.29 11.22 6.11
C SER A 29 1.03 10.48 4.99
N GLU A 30 1.61 9.33 5.31
CA GLU A 30 2.33 8.56 4.31
C GLU A 30 1.34 7.83 3.40
N LEU A 31 0.23 7.42 3.96
CA LEU A 31 -0.85 6.79 3.19
C LEU A 31 -1.24 7.66 2.01
N ALA A 32 -1.44 8.94 2.29
CA ALA A 32 -1.79 9.91 1.26
C ALA A 32 -0.78 9.91 0.11
N LYS A 33 0.50 9.69 0.44
CA LYS A 33 1.55 9.61 -0.56
C LYS A 33 1.34 8.39 -1.44
N TYR A 34 1.02 7.27 -0.81
CA TYR A 34 0.81 6.01 -1.52
C TYR A 34 -0.42 6.09 -2.42
N ILE A 35 -1.45 6.77 -1.93
CA ILE A 35 -2.67 6.96 -2.72
C ILE A 35 -2.39 7.76 -3.98
N GLU A 36 -1.56 8.79 -3.86
CA GLU A 36 -1.15 9.60 -4.99
C GLU A 36 -0.36 8.75 -5.98
N LEU A 37 0.56 7.95 -5.46
CA LEU A 37 1.35 7.05 -6.29
C LEU A 37 0.46 6.00 -6.95
N ALA A 38 -0.61 5.61 -6.27
CA ALA A 38 -1.53 4.61 -6.78
C ALA A 38 -2.27 5.15 -8.00
N LYS A 39 -2.78 6.37 -7.89
CA LYS A 39 -3.48 7.02 -9.00
C LYS A 39 -2.51 7.41 -10.10
N SER A 40 -1.26 7.62 -9.71
CA SER A 40 -0.20 7.90 -10.67
C SER A 40 0.05 6.68 -11.55
N VAL A 41 0.04 5.50 -10.93
CA VAL A 41 0.24 4.26 -11.67
C VAL A 41 -1.04 3.84 -12.38
N CYS A 42 -2.13 3.75 -11.64
CA CYS A 42 -3.39 3.28 -12.18
C CYS A 42 -4.51 4.26 -11.89
N ALA A 43 -5.11 4.78 -12.94
CA ALA A 43 -6.21 5.74 -12.81
C ALA A 43 -7.43 5.09 -12.17
N GLY A 44 -7.65 3.83 -12.48
CA GLY A 44 -8.81 3.13 -11.96
C GLY A 44 -8.47 2.14 -10.87
N VAL A 45 -7.44 2.46 -10.09
CA VAL A 45 -6.99 1.57 -9.02
C VAL A 45 -8.08 1.38 -7.97
N GLU A 46 -8.38 0.14 -7.67
CA GLU A 46 -9.33 -0.21 -6.62
C GLU A 46 -8.57 -0.51 -5.34
N TYR A 47 -9.04 0.02 -4.23
CA TYR A 47 -8.31 -0.16 -2.98
C TYR A 47 -9.24 -0.32 -1.79
N ASN A 48 -8.85 -1.23 -0.90
CA ASN A 48 -9.49 -1.38 0.39
C ASN A 48 -8.49 -0.97 1.46
N VAL A 49 -8.94 -0.81 2.67
CA VAL A 49 -8.07 -0.36 3.75
C VAL A 49 -8.63 -0.79 5.09
N SER A 50 -7.75 -0.97 6.07
CA SER A 50 -8.16 -1.31 7.42
C SER A 50 -8.91 -0.14 8.05
N GLU A 51 -9.59 -0.41 9.15
CA GLU A 51 -10.33 0.62 9.85
C GLU A 51 -9.41 1.34 10.82
N LEU A 52 -9.40 2.66 10.76
CA LEU A 52 -8.52 3.47 11.59
C LEU A 52 -9.03 3.53 13.02
N THR A 53 -8.17 3.16 13.95
CA THR A 53 -8.49 3.25 15.36
C THR A 53 -7.55 4.23 16.04
N GLU A 54 -7.71 4.41 17.34
CA GLU A 54 -6.92 5.40 18.04
C GLU A 54 -5.48 4.94 18.26
N GLU A 55 -5.28 3.63 18.40
CA GLU A 55 -3.96 3.11 18.70
C GLU A 55 -3.34 2.36 17.51
N SER A 56 -3.76 2.72 16.30
CA SER A 56 -3.23 2.11 15.10
C SER A 56 -1.76 2.45 14.89
N LYS A 57 -0.93 1.41 14.84
CA LYS A 57 0.47 1.56 14.42
C LYS A 57 0.65 0.98 13.02
N GLU A 58 -0.42 0.43 12.47
CA GLU A 58 -0.37 -0.21 11.17
C GLU A 58 -1.70 -0.08 10.46
N LEU A 59 -1.66 -0.13 9.15
CA LEU A 59 -2.86 -0.22 8.34
C LEU A 59 -2.55 -0.93 7.04
N THR A 60 -3.47 -1.77 6.61
CA THR A 60 -3.26 -2.56 5.42
C THR A 60 -4.08 -2.00 4.27
N ALA A 61 -3.43 -1.78 3.14
CA ALA A 61 -4.07 -1.21 1.98
C ALA A 61 -4.05 -2.21 0.83
N ARG A 62 -5.23 -2.62 0.40
CA ARG A 62 -5.36 -3.59 -0.66
C ARG A 62 -5.56 -2.87 -1.99
N PHE A 63 -4.60 -3.00 -2.90
CA PHE A 63 -4.69 -2.32 -4.19
C PHE A 63 -4.85 -3.33 -5.33
N LYS A 64 -5.89 -3.16 -6.11
CA LYS A 64 -6.03 -3.91 -7.35
C LYS A 64 -5.98 -2.96 -8.53
N PHE A 65 -5.06 -3.22 -9.43
CA PHE A 65 -4.86 -2.37 -10.58
C PHE A 65 -5.72 -2.84 -11.74
N GLU A 66 -5.57 -2.19 -12.89
CA GLU A 66 -6.38 -2.49 -14.04
C GLU A 66 -5.69 -3.52 -14.93
N VAL A 67 -4.36 -3.52 -14.87
CA VAL A 67 -3.57 -4.56 -15.52
C VAL A 67 -2.48 -5.04 -14.57
N SER A 68 -1.95 -6.23 -14.84
CA SER A 68 -1.00 -6.87 -13.94
C SER A 68 0.34 -6.13 -13.94
N ALA A 69 0.61 -5.40 -15.01
CA ALA A 69 1.86 -4.65 -15.14
C ALA A 69 1.92 -3.49 -14.17
N GLU A 70 0.75 -2.94 -13.83
CA GLU A 70 0.67 -1.79 -12.93
C GLU A 70 1.08 -2.19 -11.52
N LYS A 71 0.84 -3.45 -11.16
CA LYS A 71 1.30 -4.00 -9.90
C LYS A 71 2.79 -3.82 -9.77
N LEU A 72 3.49 -4.42 -10.72
CA LEU A 72 4.95 -4.39 -10.77
C LEU A 72 5.49 -2.97 -10.70
N ILE A 73 4.92 -2.07 -11.49
CA ILE A 73 5.37 -0.67 -11.53
C ILE A 73 5.22 -0.02 -10.16
N PHE A 74 4.08 -0.23 -9.52
CA PHE A 74 3.81 0.35 -8.21
C PHE A 74 4.75 -0.26 -7.16
N GLU A 75 4.93 -1.57 -7.23
CA GLU A 75 5.80 -2.28 -6.31
C GLU A 75 7.25 -1.84 -6.47
N LEU A 76 7.65 -1.58 -7.71
CA LEU A 76 8.99 -1.12 -8.01
C LEU A 76 9.26 0.24 -7.40
N LYS A 77 8.28 1.12 -7.43
CA LYS A 77 8.44 2.46 -6.89
C LYS A 77 8.30 2.46 -5.36
N THR A 78 7.46 1.59 -4.82
CA THR A 78 7.26 1.52 -3.38
C THR A 78 8.46 0.88 -2.69
N ARG A 79 9.14 -0.03 -3.39
CA ARG A 79 10.34 -0.66 -2.88
C ARG A 79 11.40 0.37 -2.48
N SER A 80 11.56 1.39 -3.29
CA SER A 80 12.51 2.45 -3.02
C SER A 80 12.11 3.25 -1.77
N LEU A 81 10.81 3.35 -1.52
CA LEU A 81 10.31 4.08 -0.36
C LEU A 81 10.44 3.21 0.88
N ALA A 82 10.09 1.95 0.70
CA ALA A 82 10.09 0.99 1.80
C ALA A 82 10.73 -0.33 1.37
N ARG A 83 12.02 -0.44 1.61
CA ARG A 83 12.79 -1.61 1.21
C ARG A 83 12.71 -2.68 2.30
N LEU A 84 12.08 -2.34 3.41
CA LEU A 84 11.97 -3.23 4.55
C LEU A 84 10.54 -3.72 4.74
N GLU A 85 9.84 -3.92 3.64
CA GLU A 85 8.46 -4.38 3.70
C GLU A 85 8.40 -5.87 4.00
N HIS A 86 7.23 -6.31 4.44
CA HIS A 86 6.98 -7.73 4.70
C HIS A 86 5.97 -8.25 3.71
N HIS A 87 6.23 -9.42 3.16
CA HIS A 87 5.41 -9.95 2.08
C HIS A 87 4.22 -10.68 2.67
N HIS A 88 3.07 -10.57 2.02
CA HIS A 88 1.86 -11.18 2.53
C HIS A 88 1.68 -12.59 1.96
N HIS A 89 2.80 -13.21 1.61
CA HIS A 89 2.82 -14.57 1.12
C HIS A 89 3.99 -15.32 1.73
N HIS A 90 3.72 -16.18 2.69
CA HIS A 90 4.77 -16.94 3.35
C HIS A 90 4.44 -18.42 3.41
N HIS A 91 5.03 -19.17 2.50
CA HIS A 91 4.92 -20.62 2.49
C HIS A 91 6.28 -21.23 2.19
N ALA A 1 -6.07 -18.36 -2.86
CA ALA A 1 -6.56 -18.74 -1.53
C ALA A 1 -6.22 -17.65 -0.52
N GLY A 2 -6.98 -17.62 0.57
CA GLY A 2 -6.74 -16.62 1.59
C GLY A 2 -7.66 -15.44 1.46
N GLU A 3 -8.86 -15.57 2.02
CA GLU A 3 -9.82 -14.48 2.01
C GLU A 3 -9.66 -13.66 3.28
N ILE A 4 -9.70 -12.36 3.13
CA ILE A 4 -9.54 -11.44 4.25
C ILE A 4 -10.78 -10.58 4.37
N GLY A 5 -10.94 -9.87 5.48
CA GLY A 5 -12.10 -9.02 5.68
C GLY A 5 -12.05 -7.74 4.84
N PHE A 6 -11.77 -7.91 3.57
CA PHE A 6 -11.74 -6.83 2.61
C PHE A 6 -12.47 -7.26 1.34
N ILE A 7 -12.62 -6.35 0.40
CA ILE A 7 -13.26 -6.67 -0.87
C ILE A 7 -12.26 -7.31 -1.82
N ILE A 8 -11.01 -6.87 -1.72
CA ILE A 8 -9.95 -7.35 -2.59
C ILE A 8 -9.18 -8.49 -1.94
N LYS A 9 -9.11 -9.61 -2.66
CA LYS A 9 -8.37 -10.78 -2.21
C LYS A 9 -7.06 -10.89 -2.97
N GLU A 10 -6.39 -12.03 -2.83
CA GLU A 10 -5.10 -12.26 -3.45
C GLU A 10 -5.16 -12.23 -4.97
N GLY A 11 -4.00 -12.09 -5.60
CA GLY A 11 -3.91 -12.03 -7.04
C GLY A 11 -2.57 -11.49 -7.48
N ASP A 12 -2.40 -11.33 -8.79
CA ASP A 12 -1.14 -10.83 -9.33
C ASP A 12 -1.24 -9.33 -9.55
N GLU A 13 -2.44 -8.88 -9.84
CA GLU A 13 -2.73 -7.47 -10.03
C GLU A 13 -2.90 -6.78 -8.69
N VAL A 14 -2.87 -7.58 -7.63
CA VAL A 14 -3.09 -7.07 -6.29
C VAL A 14 -1.77 -6.82 -5.57
N ALA A 15 -1.70 -5.70 -4.86
CA ALA A 15 -0.57 -5.36 -4.02
C ALA A 15 -1.05 -4.66 -2.76
N ASP A 16 -0.89 -5.29 -1.61
CA ASP A 16 -1.30 -4.70 -0.36
C ASP A 16 -0.09 -4.25 0.44
N VAL A 17 -0.24 -3.11 1.11
CA VAL A 17 0.80 -2.58 1.96
C VAL A 17 0.26 -2.36 3.35
N THR A 18 1.01 -2.82 4.33
CA THR A 18 0.63 -2.70 5.71
C THR A 18 1.46 -1.61 6.39
N ILE A 19 0.80 -0.51 6.73
CA ILE A 19 1.49 0.63 7.33
C ILE A 19 1.29 0.62 8.83
N PHE A 20 2.36 0.89 9.55
CA PHE A 20 2.33 0.94 11.00
C PHE A 20 3.40 1.90 11.51
N ALA A 21 3.06 2.65 12.55
CA ALA A 21 3.96 3.64 13.11
C ALA A 21 3.57 3.98 14.55
N GLU A 22 4.11 5.06 15.07
CA GLU A 22 3.85 5.45 16.45
C GLU A 22 2.55 6.23 16.56
N THR A 23 2.19 6.95 15.51
CA THR A 23 0.97 7.74 15.50
C THR A 23 0.21 7.56 14.20
N LYS A 24 -1.09 7.78 14.25
CA LYS A 24 -1.96 7.67 13.08
C LYS A 24 -1.52 8.63 11.99
N ASP A 25 -1.02 9.78 12.41
CA ASP A 25 -0.60 10.84 11.48
C ASP A 25 0.43 10.32 10.48
N ALA A 26 1.38 9.54 10.96
CA ALA A 26 2.38 8.95 10.09
C ALA A 26 1.74 7.95 9.13
N LEU A 27 0.80 7.17 9.66
CA LEU A 27 0.03 6.24 8.85
C LEU A 27 -0.71 6.98 7.74
N GLU A 28 -1.41 8.05 8.12
CA GLU A 28 -2.16 8.86 7.18
C GLU A 28 -1.24 9.45 6.11
N SER A 29 -0.07 9.92 6.53
CA SER A 29 0.89 10.51 5.62
C SER A 29 1.37 9.50 4.59
N GLU A 30 1.82 8.34 5.07
CA GLU A 30 2.31 7.30 4.23
C GLU A 30 1.21 6.76 3.32
N LEU A 31 0.02 6.60 3.89
CA LEU A 31 -1.15 6.14 3.14
C LEU A 31 -1.42 7.06 1.96
N ALA A 32 -1.49 8.35 2.25
CA ALA A 32 -1.74 9.36 1.23
C ALA A 32 -0.73 9.24 0.09
N LYS A 33 0.54 9.02 0.44
CA LYS A 33 1.59 8.90 -0.55
C LYS A 33 1.38 7.67 -1.44
N TYR A 34 0.96 6.57 -0.83
CA TYR A 34 0.71 5.35 -1.58
C TYR A 34 -0.52 5.48 -2.47
N ILE A 35 -1.57 6.13 -1.95
CA ILE A 35 -2.79 6.35 -2.71
C ILE A 35 -2.51 7.27 -3.90
N GLU A 36 -1.74 8.32 -3.67
CA GLU A 36 -1.33 9.24 -4.71
C GLU A 36 -0.50 8.50 -5.76
N LEU A 37 0.45 7.71 -5.29
CA LEU A 37 1.30 6.92 -6.17
C LEU A 37 0.44 5.95 -6.99
N ALA A 38 -0.62 5.44 -6.38
CA ALA A 38 -1.50 4.49 -7.05
C ALA A 38 -2.23 5.14 -8.21
N LYS A 39 -2.72 6.36 -7.98
CA LYS A 39 -3.42 7.10 -9.03
C LYS A 39 -2.45 7.53 -10.12
N SER A 40 -1.19 7.68 -9.75
CA SER A 40 -0.15 8.06 -10.69
C SER A 40 0.11 6.91 -11.68
N VAL A 41 0.02 5.68 -11.17
CA VAL A 41 0.29 4.51 -11.99
C VAL A 41 -0.99 4.02 -12.69
N CYS A 42 -2.10 4.02 -11.97
CA CYS A 42 -3.34 3.46 -12.47
C CYS A 42 -4.48 4.45 -12.27
N ALA A 43 -5.28 4.61 -13.30
CA ALA A 43 -6.42 5.52 -13.26
C ALA A 43 -7.60 4.88 -12.53
N GLY A 44 -7.86 3.62 -12.85
CA GLY A 44 -8.99 2.93 -12.27
C GLY A 44 -8.57 1.82 -11.34
N VAL A 45 -7.83 2.18 -10.31
CA VAL A 45 -7.37 1.22 -9.32
C VAL A 45 -8.35 1.12 -8.16
N GLU A 46 -8.70 -0.10 -7.77
CA GLU A 46 -9.52 -0.33 -6.59
C GLU A 46 -8.62 -0.53 -5.38
N TYR A 47 -9.00 0.01 -4.24
CA TYR A 47 -8.20 -0.20 -3.04
C TYR A 47 -9.09 -0.30 -1.81
N ASN A 48 -8.61 -1.03 -0.83
CA ASN A 48 -9.29 -1.14 0.45
C ASN A 48 -8.38 -0.66 1.55
N VAL A 49 -8.97 -0.34 2.68
CA VAL A 49 -8.25 0.18 3.82
C VAL A 49 -8.82 -0.43 5.10
N SER A 50 -7.98 -0.58 6.11
CA SER A 50 -8.44 -1.09 7.40
C SER A 50 -9.31 -0.07 8.12
N GLU A 51 -9.80 -0.44 9.29
CA GLU A 51 -10.69 0.41 10.05
C GLU A 51 -9.94 1.57 10.69
N LEU A 52 -10.30 2.78 10.30
CA LEU A 52 -9.65 3.97 10.82
C LEU A 52 -10.27 4.36 12.16
N THR A 53 -9.48 4.26 13.21
CA THR A 53 -9.89 4.61 14.55
C THR A 53 -8.74 5.33 15.25
N GLU A 54 -9.00 5.87 16.43
CA GLU A 54 -8.00 6.61 17.18
C GLU A 54 -6.76 5.73 17.43
N GLU A 55 -6.99 4.49 17.80
CA GLU A 55 -5.89 3.58 18.08
C GLU A 55 -5.71 2.54 16.98
N SER A 56 -5.73 2.99 15.73
CA SER A 56 -5.27 2.16 14.65
C SER A 56 -3.76 2.30 14.55
N LYS A 57 -3.03 1.38 15.17
CA LYS A 57 -1.59 1.44 15.19
C LYS A 57 -1.02 0.86 13.90
N GLU A 58 -1.92 0.35 13.06
CA GLU A 58 -1.54 -0.22 11.78
C GLU A 58 -2.77 -0.33 10.88
N LEU A 59 -2.53 -0.37 9.58
CA LEU A 59 -3.61 -0.56 8.61
C LEU A 59 -3.06 -1.22 7.36
N THR A 60 -3.89 -2.01 6.71
CA THR A 60 -3.50 -2.70 5.49
C THR A 60 -4.28 -2.16 4.30
N ALA A 61 -3.57 -1.53 3.38
CA ALA A 61 -4.20 -0.99 2.19
C ALA A 61 -3.95 -1.91 1.01
N ARG A 62 -5.02 -2.52 0.51
CA ARG A 62 -4.89 -3.45 -0.61
C ARG A 62 -5.24 -2.75 -1.91
N PHE A 63 -4.26 -2.64 -2.81
CA PHE A 63 -4.47 -2.02 -4.10
C PHE A 63 -4.60 -3.08 -5.18
N LYS A 64 -5.68 -3.02 -5.96
CA LYS A 64 -5.83 -3.88 -7.10
C LYS A 64 -5.96 -3.03 -8.36
N PHE A 65 -4.99 -3.16 -9.24
CA PHE A 65 -4.92 -2.34 -10.43
C PHE A 65 -5.73 -2.97 -11.56
N GLU A 66 -5.66 -2.39 -12.75
CA GLU A 66 -6.40 -2.91 -13.89
C GLU A 66 -5.64 -4.08 -14.51
N VAL A 67 -4.32 -3.96 -14.54
CA VAL A 67 -3.47 -5.03 -15.05
C VAL A 67 -2.27 -5.24 -14.13
N SER A 68 -1.63 -6.40 -14.24
CA SER A 68 -0.49 -6.73 -13.40
C SER A 68 0.69 -5.81 -13.68
N ALA A 69 0.75 -5.30 -14.90
CA ALA A 69 1.81 -4.38 -15.30
C ALA A 69 1.82 -3.14 -14.42
N GLU A 70 0.63 -2.65 -14.11
CA GLU A 70 0.48 -1.48 -13.26
C GLU A 70 0.92 -1.80 -11.83
N LYS A 71 0.66 -3.03 -11.42
CA LYS A 71 1.07 -3.51 -10.10
C LYS A 71 2.58 -3.49 -10.00
N LEU A 72 3.23 -4.09 -10.98
CA LEU A 72 4.68 -4.17 -11.04
C LEU A 72 5.31 -2.78 -10.91
N ILE A 73 4.81 -1.82 -11.66
CA ILE A 73 5.34 -0.45 -11.62
C ILE A 73 5.22 0.14 -10.22
N PHE A 74 4.07 -0.06 -9.59
CA PHE A 74 3.84 0.44 -8.24
C PHE A 74 4.82 -0.21 -7.25
N GLU A 75 5.00 -1.51 -7.40
CA GLU A 75 5.95 -2.25 -6.57
C GLU A 75 7.36 -1.73 -6.77
N LEU A 76 7.74 -1.53 -8.03
CA LEU A 76 9.06 -1.06 -8.39
C LEU A 76 9.36 0.31 -7.79
N LYS A 77 8.35 1.19 -7.80
CA LYS A 77 8.51 2.52 -7.26
C LYS A 77 8.59 2.50 -5.74
N THR A 78 7.77 1.65 -5.11
CA THR A 78 7.72 1.59 -3.66
C THR A 78 8.97 0.95 -3.06
N ARG A 79 9.68 0.17 -3.87
CA ARG A 79 10.91 -0.48 -3.43
C ARG A 79 11.91 0.53 -2.89
N SER A 80 12.16 1.58 -3.65
CA SER A 80 13.14 2.58 -3.27
C SER A 80 12.52 3.67 -2.40
N LEU A 81 11.19 3.69 -2.33
CA LEU A 81 10.49 4.63 -1.49
C LEU A 81 10.48 4.14 -0.05
N ALA A 82 10.18 2.87 0.12
CA ALA A 82 10.19 2.25 1.44
C ALA A 82 11.51 1.53 1.66
N ARG A 83 12.58 2.29 1.62
CA ARG A 83 13.94 1.75 1.63
C ARG A 83 14.75 2.45 2.72
N LEU A 84 15.80 1.75 3.21
CA LEU A 84 16.65 2.26 4.26
C LEU A 84 15.86 2.52 5.54
N GLU A 85 15.06 1.53 5.90
CA GLU A 85 14.18 1.64 7.05
C GLU A 85 14.96 1.57 8.36
N HIS A 86 14.33 2.01 9.42
CA HIS A 86 14.86 1.87 10.77
C HIS A 86 13.72 1.83 11.78
N HIS A 87 13.20 0.63 12.00
CA HIS A 87 12.08 0.45 12.92
C HIS A 87 12.58 0.35 14.35
N HIS A 88 13.02 1.50 14.86
CA HIS A 88 13.59 1.60 16.21
C HIS A 88 14.84 0.74 16.35
N HIS A 89 15.41 0.73 17.55
CA HIS A 89 16.50 -0.18 17.89
C HIS A 89 17.72 0.03 17.00
N HIS A 90 17.91 1.26 16.53
CA HIS A 90 19.06 1.58 15.70
C HIS A 90 20.32 1.61 16.55
N HIS A 91 20.95 0.45 16.66
CA HIS A 91 22.16 0.30 17.44
C HIS A 91 23.38 0.67 16.62
N ALA A 1 -0.13 -7.70 4.45
CA ALA A 1 -1.27 -8.46 5.03
C ALA A 1 -0.95 -8.88 6.45
N GLY A 2 -1.98 -9.34 7.17
CA GLY A 2 -1.81 -9.82 8.52
C GLY A 2 -2.91 -10.78 8.88
N GLU A 3 -3.90 -10.29 9.60
CA GLU A 3 -5.12 -11.04 9.84
C GLU A 3 -6.13 -10.71 8.74
N ILE A 4 -7.28 -11.35 8.75
CA ILE A 4 -8.28 -11.13 7.72
C ILE A 4 -8.97 -9.79 7.97
N GLY A 5 -9.53 -9.26 6.90
CA GLY A 5 -10.18 -7.97 6.91
C GLY A 5 -10.23 -7.41 5.52
N PHE A 6 -10.41 -8.32 4.58
CA PHE A 6 -10.33 -7.99 3.16
C PHE A 6 -11.70 -8.10 2.52
N ILE A 7 -11.92 -7.30 1.50
CA ILE A 7 -13.08 -7.43 0.65
C ILE A 7 -12.62 -8.07 -0.66
N ILE A 8 -11.53 -7.52 -1.18
CA ILE A 8 -10.85 -8.10 -2.31
C ILE A 8 -9.55 -8.75 -1.84
N LYS A 9 -9.32 -9.98 -2.27
CA LYS A 9 -8.12 -10.71 -1.87
C LYS A 9 -7.03 -10.54 -2.91
N GLU A 10 -5.90 -11.20 -2.69
CA GLU A 10 -4.77 -11.13 -3.60
C GLU A 10 -5.15 -11.60 -4.99
N GLY A 11 -4.31 -11.25 -5.95
CA GLY A 11 -4.56 -11.55 -7.34
C GLY A 11 -3.49 -10.97 -8.19
N ASP A 12 -3.61 -11.10 -9.51
CA ASP A 12 -2.58 -10.63 -10.42
C ASP A 12 -2.55 -9.11 -10.48
N GLU A 13 -3.70 -8.49 -10.27
CA GLU A 13 -3.80 -7.04 -10.36
C GLU A 13 -3.94 -6.41 -8.99
N VAL A 14 -3.96 -7.24 -7.96
CA VAL A 14 -4.15 -6.74 -6.60
C VAL A 14 -2.84 -6.74 -5.83
N ALA A 15 -2.43 -5.56 -5.36
CA ALA A 15 -1.23 -5.43 -4.54
C ALA A 15 -1.59 -4.98 -3.14
N ASP A 16 -1.39 -5.85 -2.16
CA ASP A 16 -1.64 -5.50 -0.78
C ASP A 16 -0.40 -4.90 -0.15
N VAL A 17 -0.61 -3.83 0.59
CA VAL A 17 0.46 -3.09 1.24
C VAL A 17 0.14 -2.90 2.71
N THR A 18 1.16 -2.91 3.55
CA THR A 18 0.97 -2.78 4.98
C THR A 18 1.91 -1.71 5.54
N ILE A 19 1.33 -0.59 5.95
CA ILE A 19 2.09 0.53 6.44
C ILE A 19 2.08 0.56 7.96
N PHE A 20 3.20 0.90 8.56
CA PHE A 20 3.32 0.97 10.01
C PHE A 20 4.19 2.14 10.41
N ALA A 21 3.94 2.67 11.60
CA ALA A 21 4.69 3.80 12.13
C ALA A 21 4.41 3.96 13.63
N GLU A 22 4.91 5.04 14.21
CA GLU A 22 4.71 5.31 15.63
C GLU A 22 3.27 5.71 15.94
N THR A 23 2.64 6.44 15.04
CA THR A 23 1.31 6.97 15.28
C THR A 23 0.46 6.97 14.01
N LYS A 24 -0.85 7.08 14.20
CA LYS A 24 -1.80 7.15 13.10
C LYS A 24 -1.49 8.34 12.19
N ASP A 25 -1.05 9.43 12.82
CA ASP A 25 -0.68 10.65 12.12
C ASP A 25 0.31 10.36 10.99
N ALA A 26 1.29 9.53 11.29
CA ALA A 26 2.27 9.13 10.29
C ALA A 26 1.63 8.26 9.22
N LEU A 27 0.81 7.30 9.66
CA LEU A 27 0.07 6.43 8.75
C LEU A 27 -0.73 7.26 7.76
N GLU A 28 -1.47 8.22 8.29
CA GLU A 28 -2.31 9.10 7.50
C GLU A 28 -1.51 9.84 6.43
N SER A 29 -0.29 10.20 6.77
CA SER A 29 0.57 10.93 5.86
C SER A 29 1.16 10.00 4.79
N GLU A 30 1.69 8.86 5.24
CA GLU A 30 2.30 7.89 4.37
C GLU A 30 1.27 7.28 3.42
N LEU A 31 0.08 7.01 3.93
CA LEU A 31 -1.00 6.44 3.13
C LEU A 31 -1.28 7.32 1.93
N ALA A 32 -1.33 8.62 2.18
CA ALA A 32 -1.56 9.61 1.13
C ALA A 32 -0.53 9.49 0.01
N LYS A 33 0.71 9.19 0.39
CA LYS A 33 1.79 9.02 -0.56
C LYS A 33 1.55 7.78 -1.43
N TYR A 34 1.07 6.71 -0.80
CA TYR A 34 0.76 5.48 -1.52
C TYR A 34 -0.42 5.66 -2.46
N ILE A 35 -1.44 6.38 -2.00
CA ILE A 35 -2.58 6.70 -2.84
C ILE A 35 -2.14 7.54 -4.04
N GLU A 36 -1.20 8.44 -3.78
CA GLU A 36 -0.62 9.27 -4.82
C GLU A 36 0.13 8.44 -5.85
N LEU A 37 0.90 7.47 -5.37
CA LEU A 37 1.62 6.56 -6.25
C LEU A 37 0.65 5.69 -7.02
N ALA A 38 -0.46 5.33 -6.38
CA ALA A 38 -1.45 4.46 -6.99
C ALA A 38 -2.07 5.12 -8.21
N LYS A 39 -2.40 6.39 -8.08
CA LYS A 39 -2.96 7.16 -9.19
C LYS A 39 -1.92 7.38 -10.28
N SER A 40 -0.66 7.51 -9.86
CA SER A 40 0.45 7.71 -10.78
C SER A 40 0.63 6.47 -11.66
N VAL A 41 0.35 5.31 -11.09
CA VAL A 41 0.49 4.06 -11.82
C VAL A 41 -0.80 3.71 -12.56
N CYS A 42 -1.92 3.75 -11.87
CA CYS A 42 -3.18 3.30 -12.43
C CYS A 42 -4.26 4.36 -12.28
N ALA A 43 -4.93 4.66 -13.38
CA ALA A 43 -6.00 5.63 -13.39
C ALA A 43 -7.28 5.02 -12.83
N GLY A 44 -7.45 3.72 -13.03
CA GLY A 44 -8.64 3.04 -12.58
C GLY A 44 -8.36 2.11 -11.41
N VAL A 45 -7.50 2.56 -10.51
CA VAL A 45 -7.15 1.78 -9.34
C VAL A 45 -8.29 1.80 -8.31
N GLU A 46 -8.55 0.66 -7.71
CA GLU A 46 -9.57 0.55 -6.68
C GLU A 46 -9.01 -0.19 -5.49
N TYR A 47 -9.17 0.36 -4.30
CA TYR A 47 -8.49 -0.17 -3.13
C TYR A 47 -9.41 -0.39 -1.95
N ASN A 48 -9.00 -1.29 -1.07
CA ASN A 48 -9.65 -1.48 0.21
C ASN A 48 -8.69 -1.11 1.32
N VAL A 49 -9.20 -0.98 2.52
CA VAL A 49 -8.38 -0.61 3.66
C VAL A 49 -9.09 -1.00 4.96
N SER A 50 -8.32 -1.34 5.98
CA SER A 50 -8.87 -1.67 7.28
C SER A 50 -9.44 -0.43 7.96
N GLU A 51 -10.10 -0.62 9.10
CA GLU A 51 -10.69 0.49 9.82
C GLU A 51 -9.62 1.30 10.54
N LEU A 52 -9.74 2.61 10.48
CA LEU A 52 -8.78 3.51 11.09
C LEU A 52 -9.25 3.99 12.45
N THR A 53 -8.46 3.71 13.47
CA THR A 53 -8.67 4.27 14.79
C THR A 53 -7.40 4.97 15.25
N GLU A 54 -7.42 5.57 16.42
CA GLU A 54 -6.26 6.29 16.93
C GLU A 54 -5.27 5.31 17.56
N GLU A 55 -5.72 4.08 17.76
CA GLU A 55 -4.87 3.03 18.29
C GLU A 55 -4.05 2.39 17.19
N SER A 56 -4.43 2.66 15.94
CA SER A 56 -3.76 2.09 14.80
C SER A 56 -2.40 2.71 14.59
N LYS A 57 -1.38 1.87 14.59
CA LYS A 57 -0.01 2.28 14.31
C LYS A 57 0.47 1.48 13.11
N GLU A 58 -0.48 0.75 12.55
CA GLU A 58 -0.26 -0.08 11.38
C GLU A 58 -1.59 -0.31 10.67
N LEU A 59 -1.57 -0.30 9.35
CA LEU A 59 -2.79 -0.54 8.58
C LEU A 59 -2.46 -1.31 7.32
N THR A 60 -3.45 -2.05 6.83
CA THR A 60 -3.26 -2.86 5.65
C THR A 60 -4.25 -2.43 4.55
N ALA A 61 -3.72 -2.16 3.37
CA ALA A 61 -4.54 -1.69 2.26
C ALA A 61 -4.11 -2.37 0.96
N ARG A 62 -5.07 -2.79 0.16
CA ARG A 62 -4.77 -3.48 -1.08
C ARG A 62 -5.29 -2.69 -2.28
N PHE A 63 -4.42 -2.50 -3.25
CA PHE A 63 -4.77 -1.74 -4.45
C PHE A 63 -5.03 -2.69 -5.61
N LYS A 64 -6.25 -2.67 -6.12
CA LYS A 64 -6.61 -3.45 -7.28
C LYS A 64 -6.44 -2.61 -8.54
N PHE A 65 -5.52 -3.03 -9.38
CA PHE A 65 -5.27 -2.37 -10.65
C PHE A 65 -6.04 -3.10 -11.75
N GLU A 66 -5.68 -2.83 -12.99
CA GLU A 66 -6.28 -3.51 -14.12
C GLU A 66 -5.41 -4.69 -14.57
N VAL A 67 -4.10 -4.46 -14.67
CA VAL A 67 -3.19 -5.49 -15.16
C VAL A 67 -2.07 -5.78 -14.14
N SER A 68 -1.38 -6.90 -14.34
CA SER A 68 -0.33 -7.33 -13.43
C SER A 68 0.86 -6.38 -13.44
N ALA A 69 1.06 -5.74 -14.57
CA ALA A 69 2.17 -4.81 -14.75
C ALA A 69 2.05 -3.61 -13.81
N GLU A 70 0.82 -3.18 -13.55
CA GLU A 70 0.56 -2.03 -12.71
C GLU A 70 0.96 -2.31 -11.26
N LYS A 71 0.81 -3.58 -10.85
CA LYS A 71 1.29 -4.02 -9.55
C LYS A 71 2.78 -3.77 -9.46
N LEU A 72 3.48 -4.35 -10.41
CA LEU A 72 4.93 -4.26 -10.50
C LEU A 72 5.41 -2.81 -10.46
N ILE A 73 4.82 -1.96 -11.30
CA ILE A 73 5.21 -0.55 -11.37
C ILE A 73 5.04 0.13 -10.01
N PHE A 74 3.91 -0.13 -9.36
CA PHE A 74 3.62 0.46 -8.04
C PHE A 74 4.64 -0.05 -7.01
N GLU A 75 4.82 -1.36 -6.97
CA GLU A 75 5.74 -1.96 -6.01
C GLU A 75 7.20 -1.60 -6.29
N LEU A 76 7.52 -1.34 -7.56
CA LEU A 76 8.84 -0.86 -7.92
C LEU A 76 9.07 0.53 -7.32
N LYS A 77 8.03 1.34 -7.29
CA LYS A 77 8.12 2.68 -6.76
C LYS A 77 8.13 2.68 -5.23
N THR A 78 7.39 1.76 -4.63
CA THR A 78 7.35 1.65 -3.18
C THR A 78 8.69 1.19 -2.64
N ARG A 79 9.42 0.41 -3.43
CA ARG A 79 10.73 -0.06 -3.06
C ARG A 79 11.71 1.11 -2.86
N SER A 80 11.71 2.05 -3.79
CA SER A 80 12.64 3.16 -3.74
C SER A 80 12.16 4.26 -2.80
N LEU A 81 10.89 4.23 -2.43
CA LEU A 81 10.34 5.22 -1.54
C LEU A 81 10.46 4.78 -0.08
N ALA A 82 10.21 3.49 0.15
CA ALA A 82 10.18 2.96 1.51
C ALA A 82 11.48 2.27 1.85
N ARG A 83 12.58 2.84 1.40
CA ARG A 83 13.91 2.34 1.72
C ARG A 83 14.91 3.49 1.72
N LEU A 84 15.69 3.58 2.79
CA LEU A 84 16.63 4.66 2.99
C LEU A 84 15.93 6.01 2.87
N GLU A 85 14.83 6.12 3.59
CA GLU A 85 14.03 7.34 3.62
C GLU A 85 14.83 8.49 4.25
N HIS A 86 14.27 9.70 4.25
CA HIS A 86 14.95 10.85 4.85
C HIS A 86 15.26 10.61 6.31
N HIS A 87 14.25 10.70 7.16
CA HIS A 87 14.44 10.39 8.57
C HIS A 87 13.25 9.61 9.12
N HIS A 88 13.23 8.34 8.76
CA HIS A 88 12.24 7.39 9.25
C HIS A 88 12.86 6.57 10.37
N HIS A 89 13.95 7.10 10.92
CA HIS A 89 14.79 6.39 11.90
C HIS A 89 14.00 5.80 13.06
N HIS A 90 13.69 4.51 12.90
CA HIS A 90 13.03 3.67 13.90
C HIS A 90 12.41 2.48 13.19
N HIS A 91 11.42 2.76 12.35
CA HIS A 91 10.78 1.76 11.52
C HIS A 91 9.87 2.42 10.49
N ALA A 1 -8.08 -17.36 -4.00
CA ALA A 1 -9.02 -17.39 -2.87
C ALA A 1 -9.30 -15.98 -2.38
N GLY A 2 -10.12 -15.86 -1.34
CA GLY A 2 -10.49 -14.56 -0.84
C GLY A 2 -9.72 -14.16 0.40
N GLU A 3 -10.14 -13.06 1.00
CA GLU A 3 -9.51 -12.52 2.20
C GLU A 3 -10.57 -11.84 3.06
N ILE A 4 -10.43 -11.93 4.37
CA ILE A 4 -11.43 -11.41 5.28
C ILE A 4 -11.03 -10.05 5.84
N GLY A 5 -12.02 -9.32 6.33
CA GLY A 5 -11.77 -7.99 6.86
C GLY A 5 -11.79 -6.95 5.78
N PHE A 6 -11.30 -7.32 4.62
CA PHE A 6 -11.22 -6.42 3.47
C PHE A 6 -12.19 -6.87 2.40
N ILE A 7 -12.57 -5.95 1.53
CA ILE A 7 -13.47 -6.25 0.44
C ILE A 7 -12.69 -6.87 -0.72
N ILE A 8 -11.69 -6.13 -1.18
CA ILE A 8 -10.81 -6.58 -2.25
C ILE A 8 -9.94 -7.74 -1.78
N LYS A 9 -10.07 -8.87 -2.46
CA LYS A 9 -9.31 -10.06 -2.13
C LYS A 9 -8.04 -10.14 -2.98
N GLU A 10 -7.32 -11.25 -2.86
CA GLU A 10 -6.04 -11.43 -3.53
C GLU A 10 -6.18 -11.58 -5.04
N GLY A 11 -5.07 -11.41 -5.73
CA GLY A 11 -5.03 -11.50 -7.18
C GLY A 11 -3.67 -11.10 -7.69
N ASP A 12 -3.44 -11.27 -8.98
CA ASP A 12 -2.15 -10.94 -9.56
C ASP A 12 -2.03 -9.45 -9.82
N GLU A 13 -3.18 -8.79 -9.88
CA GLU A 13 -3.22 -7.34 -10.03
C GLU A 13 -3.50 -6.67 -8.69
N VAL A 14 -3.49 -7.45 -7.61
CA VAL A 14 -3.76 -6.93 -6.29
C VAL A 14 -2.50 -6.92 -5.44
N ALA A 15 -2.12 -5.73 -4.97
CA ALA A 15 -0.95 -5.58 -4.11
C ALA A 15 -1.35 -4.85 -2.84
N ASP A 16 -1.13 -5.50 -1.70
CA ASP A 16 -1.46 -4.89 -0.43
C ASP A 16 -0.21 -4.33 0.23
N VAL A 17 -0.39 -3.20 0.89
CA VAL A 17 0.70 -2.55 1.61
C VAL A 17 0.27 -2.28 3.04
N THR A 18 1.12 -2.67 3.97
CA THR A 18 0.85 -2.49 5.38
C THR A 18 1.84 -1.48 5.96
N ILE A 19 1.33 -0.35 6.41
CA ILE A 19 2.18 0.71 6.92
C ILE A 19 2.25 0.64 8.43
N PHE A 20 3.43 0.89 8.98
CA PHE A 20 3.66 0.86 10.40
C PHE A 20 4.20 2.20 10.87
N ALA A 21 3.66 2.73 11.94
CA ALA A 21 4.11 4.00 12.47
C ALA A 21 3.69 4.17 13.93
N GLU A 22 4.00 5.33 14.50
CA GLU A 22 3.76 5.57 15.91
C GLU A 22 2.37 6.17 16.14
N THR A 23 1.85 6.84 15.11
CA THR A 23 0.56 7.51 15.21
C THR A 23 -0.34 7.14 14.03
N LYS A 24 -1.65 7.22 14.24
CA LYS A 24 -2.61 6.98 13.18
C LYS A 24 -2.47 8.04 12.10
N ASP A 25 -2.18 9.26 12.54
CA ASP A 25 -1.93 10.37 11.63
C ASP A 25 -0.80 10.03 10.67
N ALA A 26 0.27 9.46 11.18
CA ALA A 26 1.40 9.04 10.35
C ALA A 26 0.95 7.98 9.36
N LEU A 27 0.10 7.06 9.81
CA LEU A 27 -0.50 6.05 8.93
C LEU A 27 -1.24 6.72 7.79
N GLU A 28 -2.15 7.63 8.15
CA GLU A 28 -2.97 8.34 7.18
C GLU A 28 -2.11 9.16 6.22
N SER A 29 -1.06 9.79 6.75
CA SER A 29 -0.18 10.62 5.95
C SER A 29 0.61 9.78 4.94
N GLU A 30 1.25 8.72 5.41
CA GLU A 30 1.99 7.82 4.55
C GLU A 30 1.08 7.18 3.52
N LEU A 31 -0.12 6.81 3.96
CA LEU A 31 -1.11 6.21 3.08
C LEU A 31 -1.39 7.12 1.90
N ALA A 32 -1.63 8.39 2.19
CA ALA A 32 -1.92 9.39 1.17
C ALA A 32 -0.78 9.48 0.13
N LYS A 33 0.45 9.24 0.58
CA LYS A 33 1.60 9.27 -0.31
C LYS A 33 1.56 8.09 -1.27
N TYR A 34 1.16 6.94 -0.75
CA TYR A 34 1.05 5.73 -1.56
C TYR A 34 -0.19 5.80 -2.45
N ILE A 35 -1.23 6.45 -1.96
CA ILE A 35 -2.43 6.68 -2.75
C ILE A 35 -2.10 7.55 -3.96
N GLU A 36 -1.24 8.55 -3.75
CA GLU A 36 -0.79 9.38 -4.83
C GLU A 36 -0.06 8.55 -5.87
N LEU A 37 0.83 7.69 -5.40
CA LEU A 37 1.52 6.76 -6.28
C LEU A 37 0.54 5.92 -7.09
N ALA A 38 -0.52 5.47 -6.42
CA ALA A 38 -1.49 4.58 -7.04
C ALA A 38 -2.20 5.28 -8.19
N LYS A 39 -2.67 6.49 -7.93
CA LYS A 39 -3.39 7.26 -8.93
C LYS A 39 -2.43 7.78 -10.02
N SER A 40 -1.16 7.90 -9.67
CA SER A 40 -0.16 8.36 -10.62
C SER A 40 0.20 7.26 -11.62
N VAL A 41 0.07 6.01 -11.18
CA VAL A 41 0.42 4.88 -12.02
C VAL A 41 -0.80 4.38 -12.80
N CYS A 42 -1.97 4.39 -12.16
CA CYS A 42 -3.16 3.82 -12.75
C CYS A 42 -4.39 4.59 -12.35
N ALA A 43 -5.34 4.66 -13.26
CA ALA A 43 -6.62 5.32 -13.02
C ALA A 43 -7.65 4.31 -12.52
N GLY A 44 -7.54 3.08 -13.00
CA GLY A 44 -8.49 2.04 -12.65
C GLY A 44 -8.11 1.31 -11.38
N VAL A 45 -7.41 1.99 -10.49
CA VAL A 45 -6.99 1.39 -9.23
C VAL A 45 -8.01 1.64 -8.13
N GLU A 46 -8.35 0.58 -7.41
CA GLU A 46 -9.22 0.69 -6.25
C GLU A 46 -8.46 0.22 -5.02
N TYR A 47 -8.74 0.81 -3.88
CA TYR A 47 -7.98 0.50 -2.69
C TYR A 47 -8.86 0.34 -1.46
N ASN A 48 -8.48 -0.62 -0.63
CA ASN A 48 -9.14 -0.86 0.64
C ASN A 48 -8.21 -0.50 1.78
N VAL A 49 -8.74 -0.46 2.98
CA VAL A 49 -7.99 -0.05 4.14
C VAL A 49 -8.54 -0.71 5.40
N SER A 50 -7.68 -0.91 6.38
CA SER A 50 -8.09 -1.47 7.67
C SER A 50 -8.93 -0.45 8.44
N GLU A 51 -9.40 -0.85 9.62
CA GLU A 51 -10.20 0.03 10.45
C GLU A 51 -9.30 0.96 11.26
N LEU A 52 -9.64 2.23 11.29
CA LEU A 52 -8.87 3.20 12.04
C LEU A 52 -9.40 3.30 13.46
N THR A 53 -8.52 3.10 14.43
CA THR A 53 -8.91 3.12 15.83
C THR A 53 -8.05 4.09 16.61
N GLU A 54 -8.14 4.04 17.93
CA GLU A 54 -7.36 4.90 18.80
C GLU A 54 -5.87 4.53 18.72
N GLU A 55 -5.61 3.24 18.70
CA GLU A 55 -4.25 2.72 18.82
C GLU A 55 -3.76 2.07 17.53
N SER A 56 -4.40 2.39 16.41
CA SER A 56 -3.98 1.81 15.14
C SER A 56 -2.62 2.33 14.71
N LYS A 57 -1.61 1.52 14.93
CA LYS A 57 -0.26 1.83 14.48
C LYS A 57 0.09 1.00 13.26
N GLU A 58 -0.91 0.28 12.76
CA GLU A 58 -0.76 -0.54 11.57
C GLU A 58 -2.04 -0.48 10.73
N LEU A 59 -1.89 -0.42 9.42
CA LEU A 59 -3.04 -0.53 8.54
C LEU A 59 -2.63 -1.20 7.23
N THR A 60 -3.55 -1.97 6.68
CA THR A 60 -3.30 -2.66 5.44
C THR A 60 -4.15 -2.08 4.32
N ALA A 61 -3.48 -1.46 3.36
CA ALA A 61 -4.16 -0.90 2.22
C ALA A 61 -3.98 -1.82 1.02
N ARG A 62 -5.08 -2.37 0.54
CA ARG A 62 -5.02 -3.33 -0.55
C ARG A 62 -5.38 -2.65 -1.85
N PHE A 63 -4.43 -2.58 -2.77
CA PHE A 63 -4.61 -1.89 -4.03
C PHE A 63 -4.88 -2.91 -5.14
N LYS A 64 -6.06 -2.80 -5.74
CA LYS A 64 -6.40 -3.64 -6.88
C LYS A 64 -6.24 -2.84 -8.16
N PHE A 65 -5.21 -3.16 -8.92
CA PHE A 65 -4.90 -2.47 -10.15
C PHE A 65 -5.74 -3.03 -11.29
N GLU A 66 -5.47 -2.59 -12.50
CA GLU A 66 -6.22 -3.03 -13.65
C GLU A 66 -5.45 -4.10 -14.42
N VAL A 67 -4.15 -3.87 -14.59
CA VAL A 67 -3.28 -4.86 -15.22
C VAL A 67 -2.11 -5.18 -14.30
N SER A 68 -1.44 -6.30 -14.58
CA SER A 68 -0.35 -6.77 -13.75
C SER A 68 0.86 -5.84 -13.80
N ALA A 69 0.98 -5.12 -14.91
CA ALA A 69 2.07 -4.16 -15.08
C ALA A 69 2.02 -3.10 -14.00
N GLU A 70 0.85 -2.49 -13.82
CA GLU A 70 0.65 -1.45 -12.83
C GLU A 70 1.00 -1.97 -11.43
N LYS A 71 0.57 -3.20 -11.17
CA LYS A 71 0.83 -3.87 -9.92
C LYS A 71 2.33 -3.98 -9.66
N LEU A 72 3.03 -4.57 -10.61
CA LEU A 72 4.47 -4.77 -10.50
C LEU A 72 5.23 -3.45 -10.45
N ILE A 73 4.83 -2.50 -11.29
CA ILE A 73 5.49 -1.19 -11.34
C ILE A 73 5.37 -0.47 -9.99
N PHE A 74 4.20 -0.60 -9.35
CA PHE A 74 3.99 0.00 -8.04
C PHE A 74 4.95 -0.61 -7.03
N GLU A 75 5.13 -1.92 -7.11
CA GLU A 75 6.04 -2.63 -6.23
C GLU A 75 7.50 -2.28 -6.53
N LEU A 76 7.79 -1.97 -7.79
CA LEU A 76 9.12 -1.56 -8.18
C LEU A 76 9.45 -0.18 -7.63
N LYS A 77 8.52 0.76 -7.81
CA LYS A 77 8.70 2.13 -7.35
C LYS A 77 8.86 2.19 -5.85
N THR A 78 7.98 1.51 -5.13
CA THR A 78 8.00 1.53 -3.67
C THR A 78 9.32 1.01 -3.11
N ARG A 79 9.96 0.08 -3.83
CA ARG A 79 11.21 -0.50 -3.40
C ARG A 79 12.34 0.54 -3.40
N SER A 80 12.41 1.35 -4.45
CA SER A 80 13.49 2.32 -4.58
C SER A 80 13.13 3.64 -3.92
N LEU A 81 11.86 4.02 -3.98
CA LEU A 81 11.39 5.27 -3.41
C LEU A 81 11.38 5.18 -1.89
N ALA A 82 10.91 4.05 -1.37
CA ALA A 82 10.79 3.86 0.05
C ALA A 82 11.76 2.79 0.50
N ARG A 83 12.98 3.21 0.77
CA ARG A 83 14.01 2.29 1.22
C ARG A 83 13.73 1.87 2.65
N LEU A 84 13.36 0.61 2.78
CA LEU A 84 12.93 0.06 4.05
C LEU A 84 14.13 -0.42 4.83
N GLU A 85 14.91 0.54 5.28
CA GLU A 85 16.12 0.27 6.05
C GLU A 85 17.11 -0.53 5.21
N HIS A 86 17.61 -1.62 5.74
CA HIS A 86 18.57 -2.43 5.02
C HIS A 86 18.35 -3.92 5.27
N HIS A 87 17.48 -4.49 4.47
CA HIS A 87 17.25 -5.92 4.48
C HIS A 87 18.24 -6.59 3.55
N HIS A 88 19.16 -7.36 4.10
CA HIS A 88 20.25 -7.91 3.31
C HIS A 88 19.78 -9.07 2.44
N HIS A 89 19.44 -8.74 1.21
CA HIS A 89 19.11 -9.72 0.19
C HIS A 89 20.40 -10.33 -0.32
N HIS A 90 20.65 -11.58 0.04
CA HIS A 90 21.88 -12.24 -0.34
C HIS A 90 21.77 -12.81 -1.75
N HIS A 91 22.91 -13.05 -2.36
CA HIS A 91 22.94 -13.63 -3.69
C HIS A 91 23.57 -15.02 -3.61
N ALA A 1 0.48 -10.45 -2.37
CA ALA A 1 0.98 -11.47 -1.41
C ALA A 1 0.67 -11.04 0.02
N GLY A 2 -0.43 -10.32 0.20
CA GLY A 2 -0.77 -9.79 1.49
C GLY A 2 -1.66 -10.72 2.28
N GLU A 3 -2.70 -10.17 2.89
CA GLU A 3 -3.59 -10.98 3.71
C GLU A 3 -4.97 -11.12 3.05
N ILE A 4 -5.51 -12.32 3.12
CA ILE A 4 -6.80 -12.62 2.54
C ILE A 4 -7.90 -12.56 3.59
N GLY A 5 -9.15 -12.53 3.14
CA GLY A 5 -10.26 -12.46 4.07
C GLY A 5 -10.79 -11.06 4.19
N PHE A 6 -10.60 -10.28 3.15
CA PHE A 6 -11.09 -8.92 3.11
C PHE A 6 -12.04 -8.74 1.94
N ILE A 7 -12.44 -7.51 1.68
CA ILE A 7 -13.34 -7.20 0.57
C ILE A 7 -12.74 -7.69 -0.76
N ILE A 8 -11.54 -7.21 -1.06
CA ILE A 8 -10.82 -7.66 -2.25
C ILE A 8 -9.88 -8.80 -1.86
N LYS A 9 -9.84 -9.83 -2.70
CA LYS A 9 -9.00 -11.00 -2.47
C LYS A 9 -7.60 -10.78 -3.04
N GLU A 10 -6.77 -11.81 -2.96
CA GLU A 10 -5.42 -11.76 -3.49
C GLU A 10 -5.40 -11.98 -5.01
N GLY A 11 -4.23 -11.77 -5.58
CA GLY A 11 -4.04 -11.93 -7.00
C GLY A 11 -2.81 -11.15 -7.44
N ASP A 12 -2.35 -11.38 -8.66
CA ASP A 12 -1.17 -10.68 -9.15
C ASP A 12 -1.50 -9.24 -9.49
N GLU A 13 -2.78 -8.97 -9.68
CA GLU A 13 -3.25 -7.63 -10.01
C GLU A 13 -3.50 -6.84 -8.74
N VAL A 14 -3.40 -7.51 -7.60
CA VAL A 14 -3.69 -6.88 -6.32
C VAL A 14 -2.46 -6.92 -5.42
N ALA A 15 -2.00 -5.75 -5.02
CA ALA A 15 -0.88 -5.65 -4.10
C ALA A 15 -1.36 -5.24 -2.71
N ASP A 16 -1.40 -6.19 -1.79
CA ASP A 16 -1.80 -5.91 -0.42
C ASP A 16 -0.58 -5.53 0.39
N VAL A 17 -0.71 -4.43 1.10
CA VAL A 17 0.41 -3.83 1.83
C VAL A 17 -0.04 -3.41 3.22
N THR A 18 0.83 -3.64 4.19
CA THR A 18 0.56 -3.25 5.55
C THR A 18 1.52 -2.14 5.98
N ILE A 19 0.99 -0.95 6.19
CA ILE A 19 1.81 0.18 6.59
C ILE A 19 1.72 0.37 8.11
N PHE A 20 2.81 0.80 8.72
CA PHE A 20 2.85 0.95 10.16
C PHE A 20 3.59 2.23 10.55
N ALA A 21 3.22 2.77 11.70
CA ALA A 21 3.85 3.96 12.27
C ALA A 21 3.29 4.18 13.67
N GLU A 22 3.86 5.13 14.40
CA GLU A 22 3.47 5.34 15.79
C GLU A 22 2.18 6.14 15.93
N THR A 23 1.87 6.96 14.93
CA THR A 23 0.69 7.80 15.00
C THR A 23 -0.22 7.62 13.78
N LYS A 24 -1.52 7.78 14.00
CA LYS A 24 -2.51 7.69 12.94
C LYS A 24 -2.20 8.69 11.83
N ASP A 25 -1.80 9.89 12.25
CA ASP A 25 -1.38 10.93 11.32
C ASP A 25 -0.25 10.44 10.42
N ALA A 26 0.71 9.76 11.00
CA ALA A 26 1.84 9.21 10.24
C ALA A 26 1.35 8.15 9.26
N LEU A 27 0.41 7.32 9.71
CA LEU A 27 -0.23 6.33 8.85
C LEU A 27 -0.84 7.01 7.64
N GLU A 28 -1.67 8.00 7.90
CA GLU A 28 -2.37 8.74 6.87
C GLU A 28 -1.40 9.47 5.93
N SER A 29 -0.36 10.07 6.51
CA SER A 29 0.60 10.82 5.73
C SER A 29 1.34 9.93 4.73
N GLU A 30 1.75 8.75 5.17
CA GLU A 30 2.45 7.83 4.31
C GLU A 30 1.49 7.20 3.31
N LEU A 31 0.33 6.83 3.81
CA LEU A 31 -0.73 6.26 2.97
C LEU A 31 -1.03 7.18 1.80
N ALA A 32 -1.16 8.47 2.11
CA ALA A 32 -1.42 9.49 1.10
C ALA A 32 -0.36 9.48 0.00
N LYS A 33 0.87 9.15 0.37
CA LYS A 33 1.95 9.08 -0.61
C LYS A 33 1.83 7.82 -1.46
N TYR A 34 1.38 6.74 -0.86
CA TYR A 34 1.10 5.51 -1.60
C TYR A 34 -0.08 5.74 -2.54
N ILE A 35 -1.08 6.48 -2.07
CA ILE A 35 -2.21 6.85 -2.90
C ILE A 35 -1.76 7.77 -4.04
N GLU A 36 -0.84 8.67 -3.73
CA GLU A 36 -0.26 9.55 -4.72
C GLU A 36 0.44 8.74 -5.80
N LEU A 37 1.26 7.78 -5.36
CA LEU A 37 1.93 6.88 -6.28
C LEU A 37 0.91 6.02 -7.04
N ALA A 38 -0.18 5.70 -6.36
CA ALA A 38 -1.21 4.85 -6.95
C ALA A 38 -1.87 5.54 -8.13
N LYS A 39 -2.23 6.81 -7.96
CA LYS A 39 -2.87 7.58 -9.02
C LYS A 39 -1.92 7.80 -10.19
N SER A 40 -0.63 7.90 -9.89
CA SER A 40 0.38 8.11 -10.91
C SER A 40 0.58 6.84 -11.74
N VAL A 41 0.31 5.69 -11.12
CA VAL A 41 0.45 4.42 -11.80
C VAL A 41 -0.86 3.95 -12.41
N CYS A 42 -1.94 4.09 -11.65
CA CYS A 42 -3.23 3.57 -12.06
C CYS A 42 -4.34 4.55 -11.71
N ALA A 43 -5.10 4.97 -12.71
CA ALA A 43 -6.20 5.89 -12.51
C ALA A 43 -7.44 5.15 -12.00
N GLY A 44 -7.42 3.83 -12.13
CA GLY A 44 -8.55 3.03 -11.71
C GLY A 44 -8.15 1.95 -10.73
N VAL A 45 -7.42 2.34 -9.71
CA VAL A 45 -6.97 1.41 -8.69
C VAL A 45 -7.97 1.31 -7.54
N GLU A 46 -8.50 0.11 -7.34
CA GLU A 46 -9.41 -0.15 -6.23
C GLU A 46 -8.61 -0.55 -5.01
N TYR A 47 -8.92 0.03 -3.87
CA TYR A 47 -8.17 -0.29 -2.67
C TYR A 47 -9.06 -0.31 -1.44
N ASN A 48 -8.79 -1.27 -0.58
CA ASN A 48 -9.43 -1.35 0.73
C ASN A 48 -8.40 -1.05 1.77
N VAL A 49 -8.83 -0.81 3.00
CA VAL A 49 -7.91 -0.53 4.08
C VAL A 49 -8.53 -0.96 5.41
N SER A 50 -7.69 -1.16 6.43
CA SER A 50 -8.18 -1.45 7.77
C SER A 50 -8.89 -0.23 8.35
N GLU A 51 -9.54 -0.40 9.48
CA GLU A 51 -10.22 0.70 10.14
C GLU A 51 -9.23 1.48 11.00
N LEU A 52 -9.26 2.80 10.87
CA LEU A 52 -8.34 3.65 11.59
C LEU A 52 -8.91 4.04 12.94
N THR A 53 -8.06 4.02 13.96
CA THR A 53 -8.46 4.42 15.29
C THR A 53 -7.46 5.45 15.83
N GLU A 54 -7.70 5.93 17.04
CA GLU A 54 -6.84 6.95 17.63
C GLU A 54 -5.38 6.51 17.68
N GLU A 55 -5.15 5.26 18.04
CA GLU A 55 -3.81 4.71 18.13
C GLU A 55 -3.61 3.51 17.23
N SER A 56 -4.21 3.51 16.05
CA SER A 56 -3.91 2.50 15.08
C SER A 56 -2.50 2.71 14.56
N LYS A 57 -1.62 1.78 14.88
CA LYS A 57 -0.23 1.86 14.46
C LYS A 57 -0.03 1.06 13.18
N GLU A 58 -1.12 0.52 12.65
CA GLU A 58 -1.04 -0.30 11.45
C GLU A 58 -2.28 -0.12 10.60
N LEU A 59 -2.11 -0.26 9.30
CA LEU A 59 -3.23 -0.32 8.38
C LEU A 59 -2.84 -1.12 7.16
N THR A 60 -3.71 -2.03 6.80
CA THR A 60 -3.45 -2.92 5.68
C THR A 60 -4.33 -2.53 4.50
N ALA A 61 -3.70 -2.09 3.43
CA ALA A 61 -4.40 -1.62 2.26
C ALA A 61 -4.02 -2.44 1.04
N ARG A 62 -5.02 -2.92 0.32
CA ARG A 62 -4.78 -3.72 -0.87
C ARG A 62 -5.11 -2.94 -2.12
N PHE A 63 -4.10 -2.72 -2.94
CA PHE A 63 -4.26 -1.96 -4.16
C PHE A 63 -4.50 -2.90 -5.34
N LYS A 64 -5.72 -2.93 -5.82
CA LYS A 64 -6.08 -3.71 -6.99
C LYS A 64 -5.98 -2.85 -8.23
N PHE A 65 -5.12 -3.24 -9.14
CA PHE A 65 -4.92 -2.49 -10.36
C PHE A 65 -5.71 -3.12 -11.51
N GLU A 66 -5.71 -2.45 -12.65
CA GLU A 66 -6.47 -2.93 -13.80
C GLU A 66 -5.70 -4.01 -14.54
N VAL A 67 -4.39 -3.86 -14.59
CA VAL A 67 -3.55 -4.87 -15.20
C VAL A 67 -2.42 -5.24 -14.24
N SER A 68 -1.87 -6.44 -14.41
CA SER A 68 -0.82 -6.93 -13.52
C SER A 68 0.46 -6.10 -13.67
N ALA A 69 0.57 -5.42 -14.79
CA ALA A 69 1.71 -4.54 -15.05
C ALA A 69 1.72 -3.34 -14.10
N GLU A 70 0.54 -2.76 -13.87
CA GLU A 70 0.40 -1.60 -12.98
C GLU A 70 0.82 -1.97 -11.57
N LYS A 71 0.55 -3.22 -11.19
CA LYS A 71 0.94 -3.74 -9.89
C LYS A 71 2.45 -3.64 -9.71
N LEU A 72 3.16 -4.21 -10.67
CA LEU A 72 4.62 -4.22 -10.66
C LEU A 72 5.19 -2.80 -10.59
N ILE A 73 4.64 -1.90 -11.40
CA ILE A 73 5.12 -0.52 -11.45
C ILE A 73 4.97 0.16 -10.09
N PHE A 74 3.88 -0.14 -9.39
CA PHE A 74 3.66 0.38 -8.05
C PHE A 74 4.71 -0.17 -7.09
N GLU A 75 4.93 -1.48 -7.15
CA GLU A 75 5.92 -2.14 -6.31
C GLU A 75 7.33 -1.62 -6.58
N LEU A 76 7.57 -1.21 -7.83
CA LEU A 76 8.84 -0.64 -8.21
C LEU A 76 9.06 0.71 -7.52
N LYS A 77 7.99 1.51 -7.47
CA LYS A 77 8.06 2.82 -6.84
C LYS A 77 8.18 2.69 -5.32
N THR A 78 7.44 1.76 -4.73
CA THR A 78 7.48 1.55 -3.30
C THR A 78 8.86 1.10 -2.86
N ARG A 79 9.52 0.30 -3.69
CA ARG A 79 10.89 -0.15 -3.42
C ARG A 79 11.83 1.04 -3.24
N SER A 80 11.72 2.02 -4.12
CA SER A 80 12.61 3.15 -4.12
C SER A 80 12.25 4.20 -3.06
N LEU A 81 10.96 4.37 -2.82
CA LEU A 81 10.50 5.34 -1.85
C LEU A 81 10.63 4.78 -0.43
N ALA A 82 10.30 3.50 -0.30
CA ALA A 82 10.29 2.87 1.01
C ALA A 82 11.44 1.89 1.13
N ARG A 83 12.58 2.43 1.53
CA ARG A 83 13.76 1.61 1.77
C ARG A 83 13.47 0.53 2.80
N LEU A 84 13.60 -0.72 2.37
CA LEU A 84 13.36 -1.85 3.24
C LEU A 84 14.62 -2.20 4.04
N GLU A 85 15.48 -1.23 4.13
CA GLU A 85 16.74 -1.38 4.83
C GLU A 85 16.60 -0.89 6.27
N HIS A 86 17.43 -1.43 7.12
CA HIS A 86 17.59 -0.91 8.48
C HIS A 86 19.05 -0.49 8.66
N HIS A 87 19.85 -0.87 7.68
CA HIS A 87 21.25 -0.47 7.62
C HIS A 87 21.39 0.80 6.79
N HIS A 88 22.60 1.33 6.72
CA HIS A 88 22.84 2.55 5.96
C HIS A 88 23.05 2.24 4.48
N HIS A 89 23.52 1.02 4.19
CA HIS A 89 23.67 0.53 2.81
C HIS A 89 24.83 1.24 2.09
N HIS A 90 25.60 0.47 1.35
CA HIS A 90 26.72 1.03 0.58
C HIS A 90 26.72 0.45 -0.82
N HIS A 91 27.54 1.01 -1.69
CA HIS A 91 27.68 0.50 -3.05
C HIS A 91 29.10 0.74 -3.54
N ALA A 1 3.87 -18.89 5.61
CA ALA A 1 2.63 -18.34 6.17
C ALA A 1 1.63 -18.02 5.07
N GLY A 2 0.38 -17.85 5.46
CA GLY A 2 -0.66 -17.49 4.50
C GLY A 2 -1.02 -16.03 4.59
N GLU A 3 -1.75 -15.55 3.58
CA GLU A 3 -2.16 -14.16 3.53
C GLU A 3 -3.58 -14.03 4.09
N ILE A 4 -3.96 -12.81 4.45
CA ILE A 4 -5.29 -12.56 5.02
C ILE A 4 -6.33 -12.57 3.89
N GLY A 5 -7.60 -12.67 4.25
CA GLY A 5 -8.65 -12.74 3.26
C GLY A 5 -9.00 -11.40 2.68
N PHE A 6 -9.39 -10.47 3.56
CA PHE A 6 -9.80 -9.13 3.19
C PHE A 6 -10.90 -9.11 2.12
N ILE A 7 -11.19 -7.92 1.63
CA ILE A 7 -12.24 -7.73 0.63
C ILE A 7 -11.75 -8.13 -0.75
N ILE A 8 -10.69 -7.47 -1.22
CA ILE A 8 -10.11 -7.80 -2.51
C ILE A 8 -9.03 -8.86 -2.35
N LYS A 9 -9.10 -9.89 -3.19
CA LYS A 9 -8.22 -11.04 -3.07
C LYS A 9 -6.89 -10.78 -3.79
N GLU A 10 -5.93 -11.65 -3.52
CA GLU A 10 -4.60 -11.54 -4.10
C GLU A 10 -4.60 -11.87 -5.59
N GLY A 11 -3.46 -11.64 -6.22
CA GLY A 11 -3.31 -11.94 -7.63
C GLY A 11 -2.02 -11.39 -8.18
N ASP A 12 -2.04 -10.96 -9.43
CA ASP A 12 -0.87 -10.36 -10.05
C ASP A 12 -1.17 -8.92 -10.44
N GLU A 13 -2.43 -8.56 -10.32
CA GLU A 13 -2.86 -7.18 -10.53
C GLU A 13 -3.18 -6.55 -9.18
N VAL A 14 -3.05 -7.34 -8.13
CA VAL A 14 -3.34 -6.89 -6.79
C VAL A 14 -2.08 -6.88 -5.94
N ALA A 15 -1.88 -5.81 -5.19
CA ALA A 15 -0.74 -5.70 -4.29
C ALA A 15 -1.21 -5.18 -2.94
N ASP A 16 -0.73 -5.81 -1.87
CA ASP A 16 -1.09 -5.40 -0.53
C ASP A 16 0.05 -4.69 0.16
N VAL A 17 -0.29 -3.68 0.91
CA VAL A 17 0.71 -2.91 1.65
C VAL A 17 0.23 -2.65 3.06
N THR A 18 1.03 -3.04 4.01
CA THR A 18 0.74 -2.81 5.41
C THR A 18 1.68 -1.75 5.96
N ILE A 19 1.12 -0.59 6.27
CA ILE A 19 1.93 0.55 6.67
C ILE A 19 1.93 0.68 8.19
N PHE A 20 3.07 1.08 8.72
CA PHE A 20 3.20 1.38 10.13
C PHE A 20 3.73 2.79 10.30
N ALA A 21 3.19 3.52 11.25
CA ALA A 21 3.65 4.88 11.51
C ALA A 21 3.70 5.15 13.01
N GLU A 22 4.24 6.31 13.36
CA GLU A 22 4.38 6.70 14.75
C GLU A 22 3.03 7.03 15.36
N THR A 23 2.21 7.75 14.61
CA THR A 23 0.88 8.13 15.08
C THR A 23 -0.19 7.82 14.03
N LYS A 24 -1.44 7.85 14.47
CA LYS A 24 -2.58 7.61 13.59
C LYS A 24 -2.59 8.61 12.43
N ASP A 25 -2.36 9.87 12.75
CA ASP A 25 -2.33 10.93 11.75
C ASP A 25 -1.17 10.73 10.78
N ALA A 26 -0.03 10.33 11.32
CA ALA A 26 1.14 10.04 10.50
C ALA A 26 0.87 8.87 9.56
N LEU A 27 0.13 7.89 10.07
CA LEU A 27 -0.27 6.73 9.30
C LEU A 27 -1.07 7.18 8.09
N GLU A 28 -2.04 8.04 8.34
CA GLU A 28 -2.87 8.63 7.30
C GLU A 28 -2.02 9.40 6.29
N SER A 29 -1.04 10.13 6.79
CA SER A 29 -0.17 10.95 5.95
C SER A 29 0.63 10.08 4.98
N GLU A 30 1.23 9.02 5.49
CA GLU A 30 2.02 8.12 4.67
C GLU A 30 1.12 7.33 3.73
N LEU A 31 -0.07 6.97 4.20
CA LEU A 31 -1.06 6.29 3.37
C LEU A 31 -1.35 7.11 2.13
N ALA A 32 -1.64 8.39 2.35
CA ALA A 32 -1.96 9.31 1.27
C ALA A 32 -0.83 9.37 0.23
N LYS A 33 0.40 9.16 0.68
CA LYS A 33 1.55 9.14 -0.21
C LYS A 33 1.49 7.91 -1.11
N TYR A 34 1.14 6.77 -0.55
CA TYR A 34 0.99 5.54 -1.31
C TYR A 34 -0.19 5.62 -2.26
N ILE A 35 -1.28 6.24 -1.80
CA ILE A 35 -2.45 6.45 -2.64
C ILE A 35 -2.09 7.30 -3.86
N GLU A 36 -1.32 8.36 -3.60
CA GLU A 36 -0.85 9.23 -4.66
C GLU A 36 0.00 8.47 -5.66
N LEU A 37 0.89 7.64 -5.14
CA LEU A 37 1.75 6.82 -5.97
C LEU A 37 0.91 5.87 -6.84
N ALA A 38 -0.16 5.36 -6.26
CA ALA A 38 -1.01 4.38 -6.93
C ALA A 38 -1.80 5.03 -8.05
N LYS A 39 -2.37 6.20 -7.77
CA LYS A 39 -3.17 6.93 -8.76
C LYS A 39 -2.29 7.49 -9.87
N SER A 40 -1.01 7.66 -9.58
CA SER A 40 -0.06 8.12 -10.57
C SER A 40 0.24 7.01 -11.57
N VAL A 41 0.04 5.76 -11.14
CA VAL A 41 0.28 4.61 -12.00
C VAL A 41 -1.02 4.17 -12.67
N CYS A 42 -2.08 4.05 -11.89
CA CYS A 42 -3.35 3.55 -12.39
C CYS A 42 -4.50 4.43 -11.91
N ALA A 43 -5.39 4.76 -12.82
CA ALA A 43 -6.59 5.50 -12.50
C ALA A 43 -7.73 4.53 -12.15
N GLY A 44 -7.62 3.31 -12.66
CA GLY A 44 -8.64 2.31 -12.42
C GLY A 44 -8.26 1.38 -11.29
N VAL A 45 -7.85 1.97 -10.18
CA VAL A 45 -7.43 1.20 -9.02
C VAL A 45 -8.50 1.22 -7.92
N GLU A 46 -8.79 0.05 -7.38
CA GLU A 46 -9.65 -0.04 -6.20
C GLU A 46 -8.78 -0.33 -4.98
N TYR A 47 -9.01 0.37 -3.89
CA TYR A 47 -8.21 0.15 -2.70
C TYR A 47 -9.08 -0.03 -1.45
N ASN A 48 -8.68 -0.97 -0.63
CA ASN A 48 -9.33 -1.18 0.65
C ASN A 48 -8.39 -0.73 1.75
N VAL A 49 -8.98 -0.37 2.87
CA VAL A 49 -8.23 0.11 4.03
C VAL A 49 -8.91 -0.40 5.29
N SER A 50 -8.13 -0.86 6.24
CA SER A 50 -8.67 -1.31 7.51
C SER A 50 -9.28 -0.15 8.30
N GLU A 51 -9.87 -0.47 9.43
CA GLU A 51 -10.50 0.55 10.26
C GLU A 51 -9.45 1.29 11.07
N LEU A 52 -9.62 2.60 11.19
CA LEU A 52 -8.69 3.42 11.93
C LEU A 52 -9.22 3.66 13.34
N THR A 53 -8.34 3.73 14.30
CA THR A 53 -8.73 3.96 15.67
C THR A 53 -7.89 5.08 16.28
N GLU A 54 -7.98 5.26 17.58
CA GLU A 54 -7.25 6.30 18.27
C GLU A 54 -5.74 6.07 18.19
N GLU A 55 -5.33 4.82 18.29
CA GLU A 55 -3.92 4.48 18.32
C GLU A 55 -3.54 3.53 17.19
N SER A 56 -4.26 3.61 16.06
CA SER A 56 -3.91 2.79 14.92
C SER A 56 -2.56 3.18 14.35
N LYS A 57 -1.54 2.43 14.74
CA LYS A 57 -0.19 2.65 14.28
C LYS A 57 0.11 1.72 13.11
N GLU A 58 -0.90 0.98 12.68
CA GLU A 58 -0.76 0.08 11.54
C GLU A 58 -2.07 0.01 10.77
N LEU A 59 -1.98 -0.21 9.48
CA LEU A 59 -3.15 -0.43 8.65
C LEU A 59 -2.76 -1.24 7.42
N THR A 60 -3.72 -1.95 6.87
CA THR A 60 -3.46 -2.78 5.71
C THR A 60 -4.25 -2.27 4.51
N ALA A 61 -3.54 -1.85 3.48
CA ALA A 61 -4.16 -1.29 2.29
C ALA A 61 -4.07 -2.27 1.14
N ARG A 62 -5.22 -2.65 0.61
CA ARG A 62 -5.29 -3.60 -0.49
C ARG A 62 -5.50 -2.86 -1.80
N PHE A 63 -4.52 -2.93 -2.70
CA PHE A 63 -4.59 -2.21 -3.96
C PHE A 63 -4.90 -3.15 -5.13
N LYS A 64 -6.01 -2.89 -5.79
CA LYS A 64 -6.42 -3.64 -6.96
C LYS A 64 -6.12 -2.81 -8.20
N PHE A 65 -5.05 -3.15 -8.91
CA PHE A 65 -4.67 -2.44 -10.11
C PHE A 65 -5.44 -3.01 -11.30
N GLU A 66 -5.52 -2.23 -12.37
CA GLU A 66 -6.30 -2.63 -13.54
C GLU A 66 -5.63 -3.80 -14.25
N VAL A 67 -4.36 -3.64 -14.62
CA VAL A 67 -3.59 -4.73 -15.21
C VAL A 67 -2.39 -5.07 -14.34
N SER A 68 -1.85 -6.26 -14.54
CA SER A 68 -0.73 -6.77 -13.75
C SER A 68 0.51 -5.88 -13.89
N ALA A 69 0.65 -5.26 -15.05
CA ALA A 69 1.78 -4.39 -15.33
C ALA A 69 1.81 -3.20 -14.38
N GLU A 70 0.64 -2.60 -14.15
CA GLU A 70 0.52 -1.44 -13.28
C GLU A 70 0.87 -1.80 -11.84
N LYS A 71 0.54 -3.04 -11.47
CA LYS A 71 0.87 -3.57 -10.15
C LYS A 71 2.39 -3.57 -9.98
N LEU A 72 3.05 -4.18 -10.94
CA LEU A 72 4.50 -4.30 -10.92
C LEU A 72 5.17 -2.93 -10.88
N ILE A 73 4.62 -1.95 -11.59
CA ILE A 73 5.18 -0.60 -11.61
C ILE A 73 5.18 0.01 -10.22
N PHE A 74 4.06 -0.11 -9.51
CA PHE A 74 3.95 0.41 -8.16
C PHE A 74 4.99 -0.23 -7.25
N GLU A 75 5.19 -1.53 -7.43
CA GLU A 75 6.18 -2.26 -6.66
C GLU A 75 7.59 -1.81 -7.02
N LEU A 76 7.84 -1.62 -8.31
CA LEU A 76 9.13 -1.17 -8.79
C LEU A 76 9.51 0.17 -8.17
N LYS A 77 8.53 1.06 -8.07
CA LYS A 77 8.74 2.38 -7.51
C LYS A 77 8.97 2.33 -6.01
N THR A 78 8.26 1.42 -5.32
CA THR A 78 8.39 1.30 -3.88
C THR A 78 9.69 0.58 -3.48
N ARG A 79 10.28 -0.18 -4.41
CA ARG A 79 11.55 -0.83 -4.17
C ARG A 79 12.62 0.19 -3.79
N SER A 80 12.78 1.19 -4.64
CA SER A 80 13.78 2.23 -4.44
C SER A 80 13.35 3.20 -3.34
N LEU A 81 12.07 3.18 -2.98
CA LEU A 81 11.56 4.06 -1.97
C LEU A 81 11.89 3.53 -0.57
N ALA A 82 11.75 2.24 -0.38
CA ALA A 82 11.97 1.63 0.93
C ALA A 82 13.44 1.30 1.16
N ARG A 83 14.30 1.82 0.30
CA ARG A 83 15.72 1.59 0.39
C ARG A 83 16.31 2.29 1.62
N LEU A 84 15.80 3.49 1.89
CA LEU A 84 16.32 4.30 2.98
C LEU A 84 15.87 3.76 4.33
N GLU A 85 14.70 3.17 4.30
CA GLU A 85 14.08 2.64 5.50
C GLU A 85 14.85 1.43 6.00
N HIS A 86 15.14 0.53 5.09
CA HIS A 86 15.89 -0.68 5.39
C HIS A 86 17.39 -0.39 5.39
N HIS A 87 17.74 0.74 5.99
CA HIS A 87 19.12 1.17 6.18
C HIS A 87 19.17 2.08 7.40
N HIS A 88 18.28 3.08 7.40
CA HIS A 88 18.14 4.05 8.49
C HIS A 88 19.36 4.96 8.56
N HIS A 89 20.48 4.43 9.00
CA HIS A 89 21.73 5.18 8.97
C HIS A 89 22.20 5.30 7.53
N HIS A 90 22.31 6.53 7.05
CA HIS A 90 22.57 6.77 5.63
C HIS A 90 23.39 8.05 5.44
N HIS A 91 23.89 8.23 4.23
CA HIS A 91 24.60 9.45 3.88
C HIS A 91 23.63 10.60 3.69
N ALA A 1 -4.72 -15.29 12.75
CA ALA A 1 -4.84 -14.64 11.43
C ALA A 1 -3.49 -14.62 10.72
N GLY A 2 -3.53 -14.70 9.39
CA GLY A 2 -2.31 -14.63 8.61
C GLY A 2 -2.43 -13.61 7.51
N GLU A 3 -3.15 -13.96 6.45
CA GLU A 3 -3.47 -13.05 5.39
C GLU A 3 -4.82 -12.40 5.67
N ILE A 4 -4.95 -11.11 5.39
CA ILE A 4 -6.17 -10.40 5.69
C ILE A 4 -7.16 -10.52 4.53
N GLY A 5 -8.43 -10.40 4.85
CA GLY A 5 -9.46 -10.60 3.87
C GLY A 5 -10.34 -9.39 3.71
N PHE A 6 -9.82 -8.39 3.04
CA PHE A 6 -10.54 -7.15 2.78
C PHE A 6 -11.66 -7.38 1.77
N ILE A 7 -12.34 -6.30 1.39
CA ILE A 7 -13.42 -6.36 0.42
C ILE A 7 -12.93 -6.99 -0.88
N ILE A 8 -11.85 -6.43 -1.43
CA ILE A 8 -11.21 -6.98 -2.60
C ILE A 8 -10.33 -8.16 -2.21
N LYS A 9 -10.44 -9.24 -2.96
CA LYS A 9 -9.67 -10.44 -2.69
C LYS A 9 -8.26 -10.34 -3.28
N GLU A 10 -7.44 -11.34 -2.98
CA GLU A 10 -6.13 -11.46 -3.58
C GLU A 10 -6.25 -11.76 -5.07
N GLY A 11 -5.14 -11.66 -5.78
CA GLY A 11 -5.15 -11.89 -7.21
C GLY A 11 -3.89 -11.39 -7.88
N ASP A 12 -3.76 -11.72 -9.16
CA ASP A 12 -2.57 -11.37 -9.95
C ASP A 12 -2.43 -9.86 -10.06
N GLU A 13 -3.57 -9.19 -10.16
CA GLU A 13 -3.62 -7.76 -10.34
C GLU A 13 -3.82 -7.03 -9.01
N VAL A 14 -3.64 -7.76 -7.92
CA VAL A 14 -3.88 -7.23 -6.58
C VAL A 14 -2.59 -7.25 -5.76
N ALA A 15 -2.32 -6.14 -5.08
CA ALA A 15 -1.18 -6.06 -4.17
C ALA A 15 -1.54 -5.21 -2.96
N ASP A 16 -1.58 -5.83 -1.79
CA ASP A 16 -1.83 -5.10 -0.57
C ASP A 16 -0.53 -4.79 0.15
N VAL A 17 -0.40 -3.55 0.58
CA VAL A 17 0.79 -3.10 1.27
C VAL A 17 0.43 -2.65 2.68
N THR A 18 1.23 -3.06 3.63
CA THR A 18 1.00 -2.72 5.01
C THR A 18 1.93 -1.61 5.44
N ILE A 19 1.34 -0.56 5.99
CA ILE A 19 2.10 0.60 6.45
C ILE A 19 2.31 0.51 7.96
N PHE A 20 3.48 0.96 8.39
CA PHE A 20 3.83 0.95 9.80
C PHE A 20 4.35 2.30 10.22
N ALA A 21 3.87 2.78 11.34
CA ALA A 21 4.32 4.04 11.90
C ALA A 21 3.96 4.12 13.38
N GLU A 22 4.22 5.25 13.99
CA GLU A 22 4.00 5.40 15.42
C GLU A 22 2.56 5.80 15.73
N THR A 23 1.97 6.59 14.85
CA THR A 23 0.64 7.14 15.11
C THR A 23 -0.27 7.04 13.90
N LYS A 24 -1.57 7.17 14.13
CA LYS A 24 -2.56 7.24 13.06
C LYS A 24 -2.20 8.35 12.08
N ASP A 25 -1.82 9.49 12.65
CA ASP A 25 -1.39 10.65 11.89
C ASP A 25 -0.28 10.29 10.90
N ALA A 26 0.73 9.60 11.40
CA ALA A 26 1.84 9.15 10.54
C ALA A 26 1.34 8.17 9.50
N LEU A 27 0.45 7.26 9.92
CA LEU A 27 -0.18 6.32 9.00
C LEU A 27 -0.88 7.05 7.85
N GLU A 28 -1.70 8.03 8.22
CA GLU A 28 -2.45 8.82 7.24
C GLU A 28 -1.50 9.56 6.30
N SER A 29 -0.39 10.05 6.84
CA SER A 29 0.58 10.77 6.05
C SER A 29 1.22 9.86 5.00
N GLU A 30 1.60 8.66 5.42
CA GLU A 30 2.21 7.70 4.54
C GLU A 30 1.17 7.14 3.56
N LEU A 31 -0.05 6.95 4.05
CA LEU A 31 -1.14 6.45 3.22
C LEU A 31 -1.36 7.38 2.04
N ALA A 32 -1.40 8.68 2.33
CA ALA A 32 -1.57 9.69 1.31
C ALA A 32 -0.51 9.57 0.22
N LYS A 33 0.73 9.28 0.61
CA LYS A 33 1.82 9.09 -0.35
C LYS A 33 1.57 7.87 -1.22
N TYR A 34 1.18 6.77 -0.58
CA TYR A 34 0.92 5.53 -1.28
C TYR A 34 -0.26 5.66 -2.24
N ILE A 35 -1.32 6.30 -1.78
CA ILE A 35 -2.48 6.53 -2.63
C ILE A 35 -2.12 7.42 -3.81
N GLU A 36 -1.30 8.44 -3.55
CA GLU A 36 -0.83 9.32 -4.60
C GLU A 36 0.01 8.56 -5.61
N LEU A 37 0.92 7.74 -5.10
CA LEU A 37 1.77 6.91 -5.91
C LEU A 37 0.93 5.97 -6.78
N ALA A 38 -0.15 5.47 -6.21
CA ALA A 38 -1.01 4.52 -6.90
C ALA A 38 -1.77 5.20 -8.04
N LYS A 39 -2.33 6.37 -7.74
CA LYS A 39 -3.08 7.14 -8.73
C LYS A 39 -2.16 7.66 -9.84
N SER A 40 -0.89 7.83 -9.51
CA SER A 40 0.10 8.27 -10.47
C SER A 40 0.39 7.17 -11.49
N VAL A 41 0.16 5.92 -11.09
CA VAL A 41 0.37 4.78 -11.97
C VAL A 41 -0.94 4.41 -12.68
N CYS A 42 -2.03 4.48 -11.94
CA CYS A 42 -3.32 4.08 -12.45
C CYS A 42 -4.43 4.94 -11.87
N ALA A 43 -5.27 5.48 -12.73
CA ALA A 43 -6.41 6.27 -12.31
C ALA A 43 -7.63 5.37 -12.08
N GLY A 44 -7.54 4.14 -12.59
CA GLY A 44 -8.63 3.19 -12.43
C GLY A 44 -8.32 2.14 -11.39
N VAL A 45 -7.60 2.54 -10.35
CA VAL A 45 -7.22 1.62 -9.29
C VAL A 45 -8.32 1.49 -8.25
N GLU A 46 -8.61 0.27 -7.84
CA GLU A 46 -9.55 0.00 -6.78
C GLU A 46 -8.78 -0.38 -5.52
N TYR A 47 -9.02 0.33 -4.43
CA TYR A 47 -8.25 0.09 -3.22
C TYR A 47 -9.13 0.08 -1.98
N ASN A 48 -8.74 -0.75 -1.03
CA ASN A 48 -9.41 -0.78 0.27
C ASN A 48 -8.39 -0.47 1.35
N VAL A 49 -8.89 0.02 2.47
CA VAL A 49 -8.06 0.44 3.58
C VAL A 49 -8.80 0.17 4.88
N SER A 50 -8.07 -0.26 5.90
CA SER A 50 -8.66 -0.42 7.22
C SER A 50 -9.05 0.95 7.78
N GLU A 51 -9.85 0.95 8.82
CA GLU A 51 -10.23 2.20 9.45
C GLU A 51 -9.21 2.55 10.52
N LEU A 52 -8.77 3.80 10.51
CA LEU A 52 -7.69 4.23 11.36
C LEU A 52 -8.21 4.83 12.64
N THR A 53 -7.63 4.42 13.75
CA THR A 53 -7.92 5.01 15.04
C THR A 53 -6.63 5.49 15.69
N GLU A 54 -6.76 6.16 16.81
CA GLU A 54 -5.61 6.67 17.55
C GLU A 54 -4.61 5.56 17.87
N GLU A 55 -5.11 4.36 18.07
CA GLU A 55 -4.30 3.24 18.49
C GLU A 55 -3.68 2.48 17.30
N SER A 56 -4.04 2.87 16.08
CA SER A 56 -3.53 2.19 14.91
C SER A 56 -2.08 2.59 14.64
N LYS A 57 -1.20 1.62 14.72
CA LYS A 57 0.20 1.84 14.41
C LYS A 57 0.56 1.13 13.12
N GLU A 58 -0.45 0.50 12.51
CA GLU A 58 -0.28 -0.21 11.27
C GLU A 58 -1.60 -0.31 10.54
N LEU A 59 -1.55 -0.45 9.22
CA LEU A 59 -2.74 -0.67 8.42
C LEU A 59 -2.35 -1.28 7.09
N THR A 60 -3.25 -2.03 6.50
CA THR A 60 -2.98 -2.66 5.23
C THR A 60 -3.90 -2.09 4.14
N ALA A 61 -3.28 -1.50 3.13
CA ALA A 61 -4.02 -0.96 2.01
C ALA A 61 -3.89 -1.87 0.81
N ARG A 62 -5.00 -2.47 0.39
CA ARG A 62 -4.99 -3.39 -0.72
C ARG A 62 -5.29 -2.65 -2.02
N PHE A 63 -4.31 -2.65 -2.92
CA PHE A 63 -4.46 -1.99 -4.20
C PHE A 63 -4.76 -3.01 -5.29
N LYS A 64 -5.90 -2.86 -5.91
CA LYS A 64 -6.31 -3.73 -6.99
C LYS A 64 -6.20 -2.97 -8.31
N PHE A 65 -5.32 -3.44 -9.17
CA PHE A 65 -5.03 -2.77 -10.44
C PHE A 65 -5.80 -3.42 -11.58
N GLU A 66 -5.56 -2.94 -12.79
CA GLU A 66 -6.23 -3.48 -13.96
C GLU A 66 -5.41 -4.62 -14.54
N VAL A 67 -4.10 -4.43 -14.56
CA VAL A 67 -3.19 -5.44 -15.09
C VAL A 67 -2.06 -5.70 -14.11
N SER A 68 -1.35 -6.81 -14.30
CA SER A 68 -0.25 -7.18 -13.43
C SER A 68 0.93 -6.21 -13.57
N ALA A 69 0.99 -5.54 -14.72
CA ALA A 69 2.03 -4.56 -14.98
C ALA A 69 1.96 -3.41 -13.98
N GLU A 70 0.76 -2.88 -13.77
CA GLU A 70 0.55 -1.80 -12.81
C GLU A 70 0.92 -2.27 -11.41
N LYS A 71 0.56 -3.50 -11.11
CA LYS A 71 0.90 -4.14 -9.84
C LYS A 71 2.41 -4.12 -9.65
N LEU A 72 3.11 -4.63 -10.65
CA LEU A 72 4.56 -4.69 -10.63
C LEU A 72 5.19 -3.30 -10.52
N ILE A 73 4.73 -2.37 -11.35
CA ILE A 73 5.29 -1.02 -11.39
C ILE A 73 5.12 -0.31 -10.05
N PHE A 74 3.94 -0.45 -9.45
CA PHE A 74 3.68 0.16 -8.14
C PHE A 74 4.65 -0.39 -7.12
N GLU A 75 4.83 -1.70 -7.14
CA GLU A 75 5.77 -2.36 -6.24
C GLU A 75 7.21 -1.91 -6.49
N LEU A 76 7.58 -1.76 -7.76
CA LEU A 76 8.90 -1.31 -8.12
C LEU A 76 9.16 0.12 -7.62
N LYS A 77 8.15 0.98 -7.74
CA LYS A 77 8.26 2.35 -7.28
C LYS A 77 8.40 2.43 -5.76
N THR A 78 7.60 1.63 -5.06
CA THR A 78 7.55 1.68 -3.61
C THR A 78 8.87 1.21 -2.99
N ARG A 79 9.63 0.41 -3.71
CA ARG A 79 10.93 -0.05 -3.25
C ARG A 79 11.85 1.13 -2.97
N SER A 80 11.85 2.09 -3.87
CA SER A 80 12.68 3.27 -3.72
C SER A 80 11.99 4.33 -2.86
N LEU A 81 10.67 4.34 -2.88
CA LEU A 81 9.89 5.30 -2.12
C LEU A 81 9.95 5.00 -0.62
N ALA A 82 9.89 3.72 -0.29
CA ALA A 82 9.89 3.31 1.11
C ALA A 82 11.30 3.22 1.67
N ARG A 83 12.24 3.82 0.94
CA ARG A 83 13.62 3.85 1.38
C ARG A 83 13.79 4.90 2.48
N LEU A 84 12.98 5.95 2.41
CA LEU A 84 13.05 7.02 3.39
C LEU A 84 12.04 6.79 4.50
N GLU A 85 11.22 5.80 4.27
CA GLU A 85 10.17 5.42 5.22
C GLU A 85 10.54 4.10 5.87
N HIS A 86 9.62 3.51 6.62
CA HIS A 86 9.88 2.22 7.26
C HIS A 86 8.96 1.15 6.69
N HIS A 87 9.41 0.51 5.62
CA HIS A 87 8.62 -0.52 4.96
C HIS A 87 9.53 -1.59 4.37
N HIS A 88 9.36 -2.82 4.83
CA HIS A 88 10.10 -3.95 4.27
C HIS A 88 9.14 -5.01 3.78
N HIS A 89 9.02 -5.13 2.47
CA HIS A 89 8.13 -6.10 1.85
C HIS A 89 8.63 -7.52 2.09
N HIS A 90 7.96 -8.24 2.98
CA HIS A 90 8.23 -9.66 3.14
C HIS A 90 7.16 -10.43 2.39
N HIS A 91 7.51 -10.89 1.21
CA HIS A 91 6.56 -11.53 0.31
C HIS A 91 6.97 -12.97 0.04
N ALA A 1 -6.62 -21.62 0.94
CA ALA A 1 -7.82 -20.83 1.25
C ALA A 1 -7.57 -19.91 2.43
N GLY A 2 -7.16 -18.68 2.14
CA GLY A 2 -6.92 -17.71 3.18
C GLY A 2 -7.61 -16.40 2.90
N GLU A 3 -8.94 -16.43 2.92
CA GLU A 3 -9.74 -15.25 2.61
C GLU A 3 -9.57 -14.19 3.69
N ILE A 4 -8.99 -13.06 3.33
CA ILE A 4 -8.80 -11.95 4.24
C ILE A 4 -10.06 -11.09 4.25
N GLY A 5 -10.20 -10.23 5.25
CA GLY A 5 -11.39 -9.42 5.40
C GLY A 5 -11.38 -8.16 4.56
N PHE A 6 -11.13 -8.32 3.29
CA PHE A 6 -11.18 -7.21 2.35
C PHE A 6 -12.14 -7.51 1.22
N ILE A 7 -12.63 -6.48 0.57
CA ILE A 7 -13.55 -6.62 -0.56
C ILE A 7 -12.79 -6.99 -1.83
N ILE A 8 -11.60 -6.43 -1.98
CA ILE A 8 -10.76 -6.74 -3.12
C ILE A 8 -9.94 -8.00 -2.84
N LYS A 9 -10.13 -9.00 -3.69
CA LYS A 9 -9.46 -10.27 -3.55
C LYS A 9 -8.06 -10.20 -4.16
N GLU A 10 -7.20 -11.14 -3.78
CA GLU A 10 -5.83 -11.19 -4.25
C GLU A 10 -5.77 -11.55 -5.73
N GLY A 11 -4.59 -11.43 -6.32
CA GLY A 11 -4.43 -11.76 -7.73
C GLY A 11 -3.11 -11.28 -8.27
N ASP A 12 -2.92 -11.45 -9.57
CA ASP A 12 -1.71 -11.02 -10.25
C ASP A 12 -1.73 -9.52 -10.52
N GLU A 13 -2.91 -8.94 -10.40
CA GLU A 13 -3.07 -7.50 -10.54
C GLU A 13 -3.45 -6.87 -9.20
N VAL A 14 -3.28 -7.64 -8.13
CA VAL A 14 -3.63 -7.19 -6.79
C VAL A 14 -2.48 -7.41 -5.81
N ALA A 15 -2.25 -6.43 -4.95
CA ALA A 15 -1.25 -6.54 -3.89
C ALA A 15 -1.59 -5.58 -2.76
N ASP A 16 -1.39 -6.00 -1.52
CA ASP A 16 -1.63 -5.13 -0.39
C ASP A 16 -0.32 -4.69 0.23
N VAL A 17 -0.33 -3.51 0.82
CA VAL A 17 0.82 -2.98 1.50
C VAL A 17 0.46 -2.69 2.95
N THR A 18 1.31 -3.13 3.84
CA THR A 18 1.11 -2.91 5.26
C THR A 18 2.05 -1.82 5.75
N ILE A 19 1.48 -0.68 6.10
CA ILE A 19 2.27 0.48 6.48
C ILE A 19 2.35 0.60 8.00
N PHE A 20 3.50 1.04 8.48
CA PHE A 20 3.73 1.26 9.90
C PHE A 20 4.29 2.66 10.11
N ALA A 21 3.83 3.33 11.16
CA ALA A 21 4.31 4.66 11.48
C ALA A 21 4.14 4.96 12.96
N GLU A 22 4.55 6.17 13.35
CA GLU A 22 4.53 6.58 14.75
C GLU A 22 3.11 6.67 15.29
N THR A 23 2.21 7.23 14.49
CA THR A 23 0.86 7.54 14.96
C THR A 23 -0.18 7.38 13.85
N LYS A 24 -1.45 7.43 14.24
CA LYS A 24 -2.58 7.46 13.31
C LYS A 24 -2.36 8.51 12.22
N ASP A 25 -2.04 9.72 12.64
CA ASP A 25 -1.77 10.82 11.73
C ASP A 25 -0.63 10.47 10.78
N ALA A 26 0.44 9.91 11.32
CA ALA A 26 1.58 9.50 10.52
C ALA A 26 1.19 8.40 9.52
N LEU A 27 0.32 7.49 9.97
CA LEU A 27 -0.24 6.46 9.10
C LEU A 27 -0.92 7.10 7.90
N GLU A 28 -1.84 8.01 8.19
CA GLU A 28 -2.62 8.69 7.18
C GLU A 28 -1.75 9.56 6.27
N SER A 29 -0.70 10.15 6.84
CA SER A 29 0.22 10.95 6.05
C SER A 29 0.95 10.09 5.02
N GLU A 30 1.45 8.94 5.46
CA GLU A 30 2.18 8.04 4.58
C GLU A 30 1.23 7.38 3.60
N LEU A 31 0.04 7.02 4.09
CA LEU A 31 -0.98 6.40 3.27
C LEU A 31 -1.33 7.31 2.10
N ALA A 32 -1.51 8.58 2.39
CA ALA A 32 -1.80 9.58 1.38
C ALA A 32 -0.77 9.55 0.25
N LYS A 33 0.50 9.38 0.62
CA LYS A 33 1.59 9.30 -0.34
C LYS A 33 1.43 8.07 -1.23
N TYR A 34 0.99 6.96 -0.66
CA TYR A 34 0.76 5.74 -1.41
C TYR A 34 -0.44 5.90 -2.33
N ILE A 35 -1.46 6.61 -1.86
CA ILE A 35 -2.61 6.93 -2.69
C ILE A 35 -2.19 7.83 -3.85
N GLU A 36 -1.33 8.79 -3.54
CA GLU A 36 -0.76 9.68 -4.54
C GLU A 36 0.05 8.91 -5.59
N LEU A 37 0.84 7.95 -5.11
CA LEU A 37 1.63 7.11 -6.00
C LEU A 37 0.70 6.23 -6.84
N ALA A 38 -0.42 5.83 -6.24
CA ALA A 38 -1.38 4.96 -6.91
C ALA A 38 -1.99 5.66 -8.13
N LYS A 39 -2.43 6.90 -7.93
CA LYS A 39 -3.00 7.70 -9.02
C LYS A 39 -1.94 7.99 -10.08
N SER A 40 -0.69 8.05 -9.66
CA SER A 40 0.42 8.29 -10.56
C SER A 40 0.62 7.09 -11.49
N VAL A 41 0.36 5.89 -10.97
CA VAL A 41 0.53 4.67 -11.73
C VAL A 41 -0.72 4.34 -12.55
N CYS A 42 -1.89 4.48 -11.93
CA CYS A 42 -3.13 4.12 -12.58
C CYS A 42 -4.27 5.02 -12.10
N ALA A 43 -5.09 5.46 -13.04
CA ALA A 43 -6.24 6.29 -12.72
C ALA A 43 -7.44 5.42 -12.34
N GLY A 44 -7.31 4.12 -12.56
CA GLY A 44 -8.39 3.21 -12.24
C GLY A 44 -8.01 2.24 -11.14
N VAL A 45 -7.21 2.71 -10.20
CA VAL A 45 -6.76 1.87 -9.10
C VAL A 45 -7.85 1.70 -8.04
N GLU A 46 -8.14 0.45 -7.72
CA GLU A 46 -9.10 0.12 -6.67
C GLU A 46 -8.35 -0.24 -5.41
N TYR A 47 -8.76 0.31 -4.28
CA TYR A 47 -8.08 0.03 -3.04
C TYR A 47 -9.02 -0.03 -1.84
N ASN A 48 -8.73 -0.96 -0.94
CA ASN A 48 -9.41 -1.04 0.35
C ASN A 48 -8.36 -0.89 1.42
N VAL A 49 -8.80 -0.55 2.61
CA VAL A 49 -7.89 -0.33 3.73
C VAL A 49 -8.56 -0.78 5.02
N SER A 50 -7.81 -1.45 5.88
CA SER A 50 -8.32 -1.81 7.19
C SER A 50 -8.74 -0.55 7.93
N GLU A 51 -9.78 -0.65 8.74
CA GLU A 51 -10.28 0.52 9.43
C GLU A 51 -9.42 0.82 10.65
N LEU A 52 -9.29 2.10 10.95
CA LEU A 52 -8.42 2.54 12.01
C LEU A 52 -9.10 2.38 13.36
N THR A 53 -8.29 2.14 14.38
CA THR A 53 -8.77 2.01 15.74
C THR A 53 -8.17 3.13 16.58
N GLU A 54 -8.26 3.02 17.90
CA GLU A 54 -7.73 4.04 18.78
C GLU A 54 -6.21 4.08 18.72
N GLU A 55 -5.57 2.94 18.96
CA GLU A 55 -4.12 2.90 19.01
C GLU A 55 -3.53 2.16 17.80
N SER A 56 -4.24 2.20 16.68
CA SER A 56 -3.73 1.61 15.45
C SER A 56 -2.49 2.34 14.97
N LYS A 57 -1.40 1.60 14.88
CA LYS A 57 -0.13 2.14 14.42
C LYS A 57 0.29 1.38 13.17
N GLU A 58 -0.64 0.57 12.70
CA GLU A 58 -0.43 -0.25 11.52
C GLU A 58 -1.73 -0.37 10.74
N LEU A 59 -1.63 -0.35 9.41
CA LEU A 59 -2.81 -0.50 8.56
C LEU A 59 -2.45 -1.27 7.30
N THR A 60 -3.43 -1.95 6.71
CA THR A 60 -3.20 -2.74 5.52
C THR A 60 -4.02 -2.20 4.36
N ALA A 61 -3.33 -1.71 3.34
CA ALA A 61 -3.99 -1.17 2.16
C ALA A 61 -3.92 -2.16 1.00
N ARG A 62 -5.08 -2.65 0.59
CA ARG A 62 -5.18 -3.62 -0.49
C ARG A 62 -5.41 -2.90 -1.82
N PHE A 63 -4.44 -3.02 -2.72
CA PHE A 63 -4.50 -2.32 -4.00
C PHE A 63 -4.76 -3.28 -5.15
N LYS A 64 -5.61 -2.86 -6.07
CA LYS A 64 -5.83 -3.57 -7.32
C LYS A 64 -5.72 -2.60 -8.48
N PHE A 65 -4.99 -3.00 -9.51
CA PHE A 65 -4.82 -2.17 -10.69
C PHE A 65 -5.57 -2.78 -11.87
N GLU A 66 -5.45 -2.14 -13.02
CA GLU A 66 -6.14 -2.60 -14.21
C GLU A 66 -5.39 -3.77 -14.83
N VAL A 67 -4.10 -3.59 -15.06
CA VAL A 67 -3.27 -4.65 -15.59
C VAL A 67 -2.20 -5.06 -14.58
N SER A 68 -1.72 -6.29 -14.71
CA SER A 68 -0.73 -6.84 -13.80
C SER A 68 0.55 -6.03 -13.81
N ALA A 69 0.82 -5.39 -14.94
CA ALA A 69 2.01 -4.58 -15.11
C ALA A 69 2.02 -3.40 -14.14
N GLU A 70 0.87 -2.73 -14.02
CA GLU A 70 0.73 -1.59 -13.12
C GLU A 70 1.01 -2.00 -11.68
N LYS A 71 0.57 -3.21 -11.34
CA LYS A 71 0.77 -3.76 -10.02
C LYS A 71 2.26 -3.90 -9.74
N LEU A 72 2.94 -4.58 -10.65
CA LEU A 72 4.38 -4.79 -10.54
C LEU A 72 5.15 -3.47 -10.51
N ILE A 73 4.76 -2.54 -11.38
CA ILE A 73 5.40 -1.22 -11.43
C ILE A 73 5.26 -0.48 -10.10
N PHE A 74 4.08 -0.58 -9.51
CA PHE A 74 3.83 0.05 -8.21
C PHE A 74 4.73 -0.57 -7.15
N GLU A 75 4.88 -1.88 -7.20
CA GLU A 75 5.75 -2.59 -6.27
C GLU A 75 7.21 -2.18 -6.46
N LEU A 76 7.60 -2.00 -7.72
CA LEU A 76 8.94 -1.59 -8.06
C LEU A 76 9.23 -0.17 -7.59
N LYS A 77 8.28 0.73 -7.80
CA LYS A 77 8.45 2.13 -7.42
C LYS A 77 8.44 2.32 -5.92
N THR A 78 7.63 1.52 -5.22
CA THR A 78 7.55 1.61 -3.77
C THR A 78 8.85 1.12 -3.14
N ARG A 79 9.54 0.20 -3.81
CA ARG A 79 10.83 -0.28 -3.37
C ARG A 79 11.84 0.87 -3.28
N SER A 80 11.84 1.72 -4.28
CA SER A 80 12.76 2.84 -4.34
C SER A 80 12.34 3.96 -3.40
N LEU A 81 11.09 3.93 -2.97
CA LEU A 81 10.56 4.94 -2.08
C LEU A 81 10.73 4.50 -0.63
N ALA A 82 10.50 3.22 -0.38
CA ALA A 82 10.52 2.68 0.97
C ALA A 82 11.77 1.86 1.21
N ARG A 83 12.85 2.21 0.52
CA ARG A 83 14.13 1.54 0.71
C ARG A 83 14.69 1.86 2.10
N LEU A 84 14.17 2.91 2.71
CA LEU A 84 14.56 3.31 4.05
C LEU A 84 13.41 3.05 5.01
N GLU A 85 12.89 1.84 4.96
CA GLU A 85 11.73 1.45 5.75
C GLU A 85 12.11 1.03 7.17
N HIS A 86 11.17 0.39 7.85
CA HIS A 86 11.39 -0.10 9.21
C HIS A 86 11.18 -1.61 9.28
N HIS A 87 10.97 -2.23 8.12
CA HIS A 87 10.68 -3.65 8.06
C HIS A 87 11.57 -4.35 7.03
N HIS A 88 11.29 -5.64 6.79
CA HIS A 88 11.93 -6.43 5.74
C HIS A 88 13.39 -6.74 6.07
N HIS A 89 14.19 -5.70 6.25
CA HIS A 89 15.64 -5.80 6.49
C HIS A 89 16.35 -6.21 5.19
N HIS A 90 15.80 -7.21 4.50
CA HIS A 90 16.28 -7.58 3.17
C HIS A 90 15.65 -6.66 2.14
N HIS A 91 16.44 -6.17 1.21
CA HIS A 91 15.92 -5.32 0.15
C HIS A 91 16.24 -5.90 -1.21
N ALA A 1 1.41 -7.51 4.98
CA ALA A 1 0.54 -8.64 5.35
C ALA A 1 0.11 -8.55 6.81
N GLY A 2 -1.10 -8.07 7.03
CA GLY A 2 -1.61 -7.94 8.37
C GLY A 2 -2.92 -8.67 8.55
N GLU A 3 -4.01 -7.94 8.40
CA GLU A 3 -5.33 -8.53 8.57
C GLU A 3 -6.20 -8.18 7.37
N ILE A 4 -6.84 -9.19 6.79
CA ILE A 4 -7.67 -8.98 5.62
C ILE A 4 -9.14 -9.12 5.99
N GLY A 5 -9.98 -8.48 5.21
CA GLY A 5 -11.40 -8.47 5.46
C GLY A 5 -12.05 -7.34 4.71
N PHE A 6 -11.69 -7.24 3.45
CA PHE A 6 -12.10 -6.11 2.61
C PHE A 6 -13.05 -6.56 1.52
N ILE A 7 -13.70 -5.59 0.89
CA ILE A 7 -14.65 -5.86 -0.18
C ILE A 7 -13.95 -6.53 -1.36
N ILE A 8 -12.85 -5.92 -1.80
CA ILE A 8 -12.10 -6.44 -2.92
C ILE A 8 -11.43 -7.76 -2.55
N LYS A 9 -11.58 -8.75 -3.43
CA LYS A 9 -11.01 -10.07 -3.22
C LYS A 9 -9.53 -10.08 -3.60
N GLU A 10 -8.92 -11.26 -3.52
CA GLU A 10 -7.51 -11.40 -3.82
C GLU A 10 -7.28 -11.42 -5.33
N GLY A 11 -6.02 -11.49 -5.73
CA GLY A 11 -5.68 -11.54 -7.13
C GLY A 11 -4.22 -11.27 -7.36
N ASP A 12 -3.74 -11.56 -8.56
CA ASP A 12 -2.33 -11.36 -8.89
C ASP A 12 -2.09 -9.91 -9.31
N GLU A 13 -3.16 -9.19 -9.59
CA GLU A 13 -3.08 -7.77 -9.91
C GLU A 13 -3.36 -6.94 -8.67
N VAL A 14 -3.72 -7.64 -7.60
CA VAL A 14 -3.99 -7.02 -6.32
C VAL A 14 -2.75 -7.00 -5.46
N ALA A 15 -2.35 -5.81 -5.01
CA ALA A 15 -1.20 -5.66 -4.14
C ALA A 15 -1.66 -5.24 -2.75
N ASP A 16 -1.43 -6.12 -1.80
CA ASP A 16 -1.76 -5.85 -0.41
C ASP A 16 -0.60 -5.16 0.25
N VAL A 17 -0.87 -4.05 0.91
CA VAL A 17 0.17 -3.27 1.57
C VAL A 17 -0.20 -3.07 3.03
N THR A 18 0.80 -3.19 3.87
CA THR A 18 0.61 -2.96 5.29
C THR A 18 1.60 -1.92 5.77
N ILE A 19 1.09 -0.75 6.11
CA ILE A 19 1.95 0.33 6.57
C ILE A 19 1.93 0.38 8.09
N PHE A 20 3.09 0.55 8.67
CA PHE A 20 3.22 0.54 10.12
C PHE A 20 4.08 1.69 10.61
N ALA A 21 3.66 2.28 11.72
CA ALA A 21 4.36 3.37 12.36
C ALA A 21 3.79 3.58 13.75
N GLU A 22 4.44 4.40 14.55
CA GLU A 22 4.04 4.56 15.94
C GLU A 22 2.96 5.61 16.12
N THR A 23 2.71 6.40 15.08
CA THR A 23 1.64 7.39 15.14
C THR A 23 0.65 7.18 14.01
N LYS A 24 -0.62 7.41 14.28
CA LYS A 24 -1.66 7.32 13.26
C LYS A 24 -1.40 8.37 12.19
N ASP A 25 -0.88 9.50 12.63
CA ASP A 25 -0.50 10.59 11.74
C ASP A 25 0.47 10.11 10.67
N ALA A 26 1.47 9.31 11.08
CA ALA A 26 2.43 8.76 10.13
C ALA A 26 1.74 7.83 9.14
N LEU A 27 0.84 6.99 9.67
CA LEU A 27 0.03 6.11 8.84
C LEU A 27 -0.73 6.91 7.78
N GLU A 28 -1.38 7.97 8.23
CA GLU A 28 -2.17 8.83 7.37
C GLU A 28 -1.29 9.57 6.34
N SER A 29 -0.05 9.83 6.72
CA SER A 29 0.90 10.52 5.84
C SER A 29 1.44 9.56 4.78
N GLU A 30 1.92 8.40 5.21
CA GLU A 30 2.49 7.42 4.31
C GLU A 30 1.43 6.88 3.35
N LEU A 31 0.22 6.69 3.85
CA LEU A 31 -0.89 6.17 3.05
C LEU A 31 -1.12 7.06 1.84
N ALA A 32 -1.13 8.37 2.09
CA ALA A 32 -1.34 9.36 1.05
C ALA A 32 -0.31 9.21 -0.06
N LYS A 33 0.93 8.91 0.32
CA LYS A 33 2.01 8.73 -0.64
C LYS A 33 1.76 7.53 -1.54
N TYR A 34 1.24 6.46 -0.96
CA TYR A 34 0.91 5.26 -1.72
C TYR A 34 -0.26 5.53 -2.66
N ILE A 35 -1.23 6.31 -2.19
CA ILE A 35 -2.35 6.70 -3.04
C ILE A 35 -1.86 7.58 -4.19
N GLU A 36 -0.93 8.49 -3.87
CA GLU A 36 -0.30 9.33 -4.85
C GLU A 36 0.38 8.51 -5.93
N LEU A 37 1.16 7.54 -5.50
CA LEU A 37 1.89 6.67 -6.42
C LEU A 37 0.94 5.74 -7.16
N ALA A 38 -0.19 5.43 -6.54
CA ALA A 38 -1.18 4.54 -7.14
C ALA A 38 -1.80 5.19 -8.37
N LYS A 39 -2.28 6.42 -8.19
CA LYS A 39 -2.86 7.19 -9.27
C LYS A 39 -1.80 7.49 -10.33
N SER A 40 -0.56 7.60 -9.86
CA SER A 40 0.57 7.87 -10.72
C SER A 40 0.75 6.77 -11.76
N VAL A 41 0.44 5.54 -11.34
CA VAL A 41 0.50 4.40 -12.24
C VAL A 41 -0.81 4.25 -13.00
N CYS A 42 -1.91 4.19 -12.26
CA CYS A 42 -3.20 3.92 -12.85
C CYS A 42 -4.28 4.73 -12.14
N ALA A 43 -5.22 5.23 -12.92
CA ALA A 43 -6.34 5.99 -12.38
C ALA A 43 -7.48 5.04 -12.03
N GLY A 44 -7.50 3.89 -12.69
CA GLY A 44 -8.56 2.92 -12.46
C GLY A 44 -8.15 1.89 -11.42
N VAL A 45 -7.56 2.35 -10.33
CA VAL A 45 -7.16 1.48 -9.24
C VAL A 45 -8.21 1.49 -8.13
N GLU A 46 -8.73 0.32 -7.80
CA GLU A 46 -9.65 0.19 -6.70
C GLU A 46 -8.90 -0.22 -5.45
N TYR A 47 -9.19 0.41 -4.34
CA TYR A 47 -8.49 0.07 -3.11
C TYR A 47 -9.40 0.13 -1.90
N ASN A 48 -9.12 -0.76 -0.96
CA ASN A 48 -9.77 -0.75 0.33
C ASN A 48 -8.70 -0.59 1.40
N VAL A 49 -9.11 -0.30 2.61
CA VAL A 49 -8.16 -0.05 3.68
C VAL A 49 -8.85 -0.23 5.03
N SER A 50 -8.09 -0.59 6.05
CA SER A 50 -8.62 -0.71 7.39
C SER A 50 -8.98 0.68 7.93
N GLU A 51 -9.81 0.71 8.95
CA GLU A 51 -10.20 1.97 9.55
C GLU A 51 -9.23 2.35 10.65
N LEU A 52 -8.80 3.59 10.64
CA LEU A 52 -7.82 4.09 11.59
C LEU A 52 -8.44 4.17 12.98
N THR A 53 -7.88 3.41 13.90
CA THR A 53 -8.32 3.44 15.27
C THR A 53 -7.50 4.47 16.04
N GLU A 54 -7.64 4.50 17.35
CA GLU A 54 -6.98 5.51 18.15
C GLU A 54 -5.48 5.23 18.27
N GLU A 55 -5.11 3.97 18.31
CA GLU A 55 -3.70 3.59 18.40
C GLU A 55 -3.33 2.53 17.39
N SER A 56 -3.88 2.63 16.18
CA SER A 56 -3.47 1.74 15.11
C SER A 56 -2.01 1.99 14.73
N LYS A 57 -1.17 1.00 14.99
CA LYS A 57 0.23 1.09 14.62
C LYS A 57 0.41 0.67 13.17
N GLU A 58 -0.56 -0.08 12.66
CA GLU A 58 -0.48 -0.57 11.29
C GLU A 58 -1.87 -0.64 10.68
N LEU A 59 -1.93 -0.37 9.38
CA LEU A 59 -3.18 -0.48 8.64
C LEU A 59 -2.94 -1.27 7.37
N THR A 60 -3.94 -2.02 6.96
CA THR A 60 -3.82 -2.84 5.78
C THR A 60 -4.62 -2.26 4.63
N ALA A 61 -3.96 -2.03 3.51
CA ALA A 61 -4.59 -1.49 2.33
C ALA A 61 -4.46 -2.46 1.17
N ARG A 62 -5.52 -2.62 0.41
CA ARG A 62 -5.52 -3.53 -0.72
C ARG A 62 -5.74 -2.76 -2.01
N PHE A 63 -4.74 -2.78 -2.88
CA PHE A 63 -4.79 -2.05 -4.13
C PHE A 63 -5.01 -3.00 -5.30
N LYS A 64 -6.16 -2.88 -5.94
CA LYS A 64 -6.48 -3.66 -7.12
C LYS A 64 -6.15 -2.87 -8.37
N PHE A 65 -5.07 -3.26 -9.04
CA PHE A 65 -4.63 -2.57 -10.24
C PHE A 65 -5.31 -3.15 -11.46
N GLU A 66 -5.16 -2.48 -12.60
CA GLU A 66 -5.75 -2.96 -13.84
C GLU A 66 -5.20 -4.34 -14.19
N VAL A 67 -3.88 -4.42 -14.29
CA VAL A 67 -3.20 -5.68 -14.54
C VAL A 67 -2.02 -5.82 -13.58
N SER A 68 -1.40 -7.00 -13.58
CA SER A 68 -0.30 -7.28 -12.66
C SER A 68 0.94 -6.46 -13.02
N ALA A 69 1.02 -6.03 -14.26
CA ALA A 69 2.14 -5.23 -14.74
C ALA A 69 2.16 -3.86 -14.07
N GLU A 70 0.99 -3.23 -14.02
CA GLU A 70 0.85 -1.93 -13.37
C GLU A 70 1.20 -2.04 -11.89
N LYS A 71 0.81 -3.17 -11.30
CA LYS A 71 1.11 -3.46 -9.91
C LYS A 71 2.60 -3.44 -9.66
N LEU A 72 3.29 -4.28 -10.42
CA LEU A 72 4.75 -4.41 -10.32
C LEU A 72 5.44 -3.06 -10.40
N ILE A 73 5.01 -2.21 -11.33
CA ILE A 73 5.58 -0.88 -11.48
C ILE A 73 5.38 -0.06 -10.20
N PHE A 74 4.15 -0.09 -9.68
CA PHE A 74 3.83 0.57 -8.43
C PHE A 74 4.73 0.06 -7.31
N GLU A 75 4.86 -1.26 -7.22
CA GLU A 75 5.69 -1.89 -6.20
C GLU A 75 7.14 -1.46 -6.34
N LEU A 76 7.60 -1.33 -7.58
CA LEU A 76 8.94 -0.88 -7.87
C LEU A 76 9.15 0.57 -7.45
N LYS A 77 8.17 1.42 -7.73
CA LYS A 77 8.30 2.85 -7.42
C LYS A 77 8.18 3.11 -5.92
N THR A 78 7.36 2.32 -5.24
CA THR A 78 7.13 2.50 -3.81
C THR A 78 8.38 2.11 -3.00
N ARG A 79 9.21 1.24 -3.57
CA ARG A 79 10.44 0.83 -2.92
C ARG A 79 11.35 2.02 -2.69
N SER A 80 11.48 2.88 -3.69
CA SER A 80 12.30 4.08 -3.60
C SER A 80 11.72 5.09 -2.62
N LEU A 81 10.48 4.88 -2.22
CA LEU A 81 9.81 5.77 -1.29
C LEU A 81 9.92 5.26 0.14
N ALA A 82 9.83 3.95 0.28
CA ALA A 82 9.76 3.32 1.61
C ALA A 82 11.12 2.80 2.07
N ARG A 83 12.19 3.51 1.66
CA ARG A 83 13.57 3.16 2.02
C ARG A 83 14.06 1.91 1.29
N LEU A 84 15.24 2.01 0.71
CA LEU A 84 15.85 0.91 -0.05
C LEU A 84 16.90 0.19 0.79
N GLU A 85 16.45 -0.41 1.86
CA GLU A 85 17.35 -1.20 2.70
C GLU A 85 17.63 -2.55 2.04
N HIS A 86 18.62 -3.25 2.56
CA HIS A 86 18.97 -4.58 2.05
C HIS A 86 18.07 -5.63 2.70
N HIS A 87 16.77 -5.49 2.48
CA HIS A 87 15.77 -6.34 3.12
C HIS A 87 15.68 -7.70 2.42
N HIS A 88 16.82 -8.38 2.35
CA HIS A 88 16.87 -9.70 1.72
C HIS A 88 17.61 -10.66 2.65
N HIS A 89 17.43 -10.45 3.95
CA HIS A 89 18.05 -11.30 4.95
C HIS A 89 17.10 -11.52 6.11
N HIS A 90 17.04 -12.75 6.60
CA HIS A 90 16.18 -13.09 7.73
C HIS A 90 16.81 -14.20 8.54
N HIS A 91 17.07 -13.94 9.82
CA HIS A 91 17.58 -14.95 10.72
C HIS A 91 16.42 -15.75 11.32
N ALA A 1 -3.56 -16.28 13.21
CA ALA A 1 -2.70 -15.28 12.55
C ALA A 1 -2.79 -15.40 11.04
N GLY A 2 -2.12 -14.51 10.33
CA GLY A 2 -2.20 -14.48 8.88
C GLY A 2 -2.87 -13.22 8.40
N GLU A 3 -2.85 -13.00 7.10
CA GLU A 3 -3.40 -11.81 6.52
C GLU A 3 -4.87 -11.98 6.19
N ILE A 4 -5.62 -10.89 6.33
CA ILE A 4 -7.06 -10.92 6.08
C ILE A 4 -7.33 -10.71 4.60
N GLY A 5 -8.51 -11.12 4.15
CA GLY A 5 -8.84 -11.04 2.74
C GLY A 5 -9.41 -9.70 2.33
N PHE A 6 -9.99 -8.99 3.30
CA PHE A 6 -10.62 -7.70 3.08
C PHE A 6 -11.75 -7.78 2.06
N ILE A 7 -12.24 -6.63 1.64
CA ILE A 7 -13.27 -6.56 0.61
C ILE A 7 -12.70 -7.04 -0.73
N ILE A 8 -11.74 -6.29 -1.25
CA ILE A 8 -10.99 -6.73 -2.40
C ILE A 8 -9.94 -7.75 -1.98
N LYS A 9 -10.04 -8.93 -2.55
CA LYS A 9 -9.16 -10.03 -2.20
C LYS A 9 -7.80 -9.87 -2.88
N GLU A 10 -6.94 -10.86 -2.70
CA GLU A 10 -5.64 -10.88 -3.33
C GLU A 10 -5.79 -11.11 -4.84
N GLY A 11 -4.68 -11.02 -5.55
CA GLY A 11 -4.73 -11.25 -6.98
C GLY A 11 -3.41 -11.02 -7.66
N ASP A 12 -3.45 -10.84 -8.96
CA ASP A 12 -2.26 -10.65 -9.77
C ASP A 12 -2.18 -9.20 -10.20
N GLU A 13 -3.33 -8.55 -10.16
CA GLU A 13 -3.46 -7.15 -10.48
C GLU A 13 -3.58 -6.35 -9.20
N VAL A 14 -3.64 -7.06 -8.09
CA VAL A 14 -3.77 -6.45 -6.78
C VAL A 14 -2.43 -6.41 -6.07
N ALA A 15 -2.04 -5.24 -5.63
CA ALA A 15 -0.84 -5.07 -4.83
C ALA A 15 -1.22 -4.67 -3.42
N ASP A 16 -1.14 -5.60 -2.49
CA ASP A 16 -1.47 -5.33 -1.10
C ASP A 16 -0.24 -4.87 -0.36
N VAL A 17 -0.40 -3.82 0.43
CA VAL A 17 0.71 -3.24 1.17
C VAL A 17 0.32 -3.02 2.62
N THR A 18 1.26 -3.30 3.49
CA THR A 18 1.09 -3.05 4.91
C THR A 18 2.01 -1.91 5.32
N ILE A 19 1.42 -0.81 5.75
CA ILE A 19 2.17 0.39 6.07
C ILE A 19 2.43 0.47 7.56
N PHE A 20 3.64 0.85 7.92
CA PHE A 20 4.05 0.95 9.30
C PHE A 20 4.43 2.39 9.64
N ALA A 21 4.00 2.85 10.80
CA ALA A 21 4.31 4.19 11.26
C ALA A 21 4.12 4.29 12.77
N GLU A 22 4.72 5.28 13.39
CA GLU A 22 4.67 5.43 14.84
C GLU A 22 3.39 6.13 15.28
N THR A 23 3.04 7.21 14.61
CA THR A 23 1.87 7.99 14.98
C THR A 23 0.74 7.79 13.97
N LYS A 24 -0.50 7.93 14.44
CA LYS A 24 -1.67 7.74 13.60
C LYS A 24 -1.68 8.75 12.46
N ASP A 25 -1.19 9.95 12.74
CA ASP A 25 -1.01 10.97 11.71
C ASP A 25 -0.06 10.49 10.62
N ALA A 26 1.04 9.86 11.05
CA ALA A 26 2.01 9.31 10.13
C ALA A 26 1.37 8.22 9.28
N LEU A 27 0.55 7.38 9.91
CA LEU A 27 -0.21 6.36 9.19
C LEU A 27 -1.03 7.00 8.08
N GLU A 28 -1.78 8.04 8.42
CA GLU A 28 -2.62 8.74 7.47
C GLU A 28 -1.79 9.44 6.39
N SER A 29 -0.61 9.90 6.77
CA SER A 29 0.28 10.57 5.83
C SER A 29 0.86 9.57 4.83
N GLU A 30 1.40 8.47 5.35
CA GLU A 30 1.98 7.44 4.52
C GLU A 30 0.94 6.85 3.58
N LEU A 31 -0.26 6.62 4.12
CA LEU A 31 -1.36 6.08 3.34
C LEU A 31 -1.66 6.98 2.17
N ALA A 32 -1.83 8.26 2.47
CA ALA A 32 -2.11 9.28 1.47
C ALA A 32 -1.08 9.22 0.34
N LYS A 33 0.20 9.21 0.71
CA LYS A 33 1.29 9.19 -0.26
C LYS A 33 1.26 7.94 -1.12
N TYR A 34 0.95 6.81 -0.52
CA TYR A 34 0.96 5.54 -1.23
C TYR A 34 -0.25 5.44 -2.16
N ILE A 35 -1.35 6.08 -1.76
CA ILE A 35 -2.51 6.19 -2.63
C ILE A 35 -2.21 7.15 -3.78
N GLU A 36 -1.46 8.19 -3.47
CA GLU A 36 -1.00 9.14 -4.47
C GLU A 36 -0.08 8.46 -5.47
N LEU A 37 0.79 7.60 -4.96
CA LEU A 37 1.66 6.79 -5.78
C LEU A 37 0.83 5.87 -6.69
N ALA A 38 -0.27 5.35 -6.14
CA ALA A 38 -1.14 4.45 -6.88
C ALA A 38 -1.77 5.15 -8.08
N LYS A 39 -2.18 6.39 -7.88
CA LYS A 39 -2.75 7.21 -8.94
C LYS A 39 -1.70 7.46 -10.03
N SER A 40 -0.45 7.51 -9.62
CA SER A 40 0.67 7.72 -10.53
C SER A 40 0.90 6.46 -11.37
N VAL A 41 0.41 5.33 -10.88
CA VAL A 41 0.55 4.08 -11.59
C VAL A 41 -0.66 3.80 -12.47
N CYS A 42 -1.85 3.97 -11.90
CA CYS A 42 -3.08 3.67 -12.60
C CYS A 42 -4.19 4.62 -12.16
N ALA A 43 -4.98 5.05 -13.12
CA ALA A 43 -6.09 5.97 -12.85
C ALA A 43 -7.36 5.20 -12.49
N GLY A 44 -7.33 3.89 -12.67
CA GLY A 44 -8.49 3.07 -12.37
C GLY A 44 -8.27 2.17 -11.17
N VAL A 45 -7.31 2.55 -10.34
CA VAL A 45 -6.96 1.74 -9.18
C VAL A 45 -8.08 1.75 -8.13
N GLU A 46 -8.63 0.57 -7.89
CA GLU A 46 -9.62 0.39 -6.83
C GLU A 46 -8.89 0.00 -5.56
N TYR A 47 -9.28 0.55 -4.43
CA TYR A 47 -8.54 0.31 -3.21
C TYR A 47 -9.43 0.18 -1.99
N ASN A 48 -8.91 -0.51 -1.00
CA ASN A 48 -9.53 -0.60 0.31
C ASN A 48 -8.51 -0.28 1.38
N VAL A 49 -8.98 0.00 2.57
CA VAL A 49 -8.13 0.37 3.69
C VAL A 49 -8.72 -0.21 4.97
N SER A 50 -7.88 -0.75 5.83
CA SER A 50 -8.33 -1.21 7.14
C SER A 50 -8.87 -0.04 7.95
N GLU A 51 -9.68 -0.36 8.94
CA GLU A 51 -10.27 0.67 9.78
C GLU A 51 -9.26 1.16 10.80
N LEU A 52 -8.98 2.46 10.74
CA LEU A 52 -7.93 3.06 11.55
C LEU A 52 -8.40 3.23 12.99
N THR A 53 -7.47 3.06 13.91
CA THR A 53 -7.75 3.26 15.32
C THR A 53 -6.71 4.21 15.91
N GLU A 54 -6.92 4.61 17.16
CA GLU A 54 -6.02 5.51 17.83
C GLU A 54 -4.60 4.96 17.90
N GLU A 55 -4.48 3.70 18.31
CA GLU A 55 -3.17 3.08 18.45
C GLU A 55 -2.96 1.92 17.48
N SER A 56 -3.35 2.12 16.22
CA SER A 56 -2.93 1.20 15.17
C SER A 56 -1.58 1.67 14.66
N LYS A 57 -0.58 0.83 14.82
CA LYS A 57 0.78 1.20 14.44
C LYS A 57 1.05 0.77 13.01
N GLU A 58 0.07 0.11 12.41
CA GLU A 58 0.17 -0.33 11.02
C GLU A 58 -1.22 -0.48 10.42
N LEU A 59 -1.29 -0.53 9.10
CA LEU A 59 -2.55 -0.71 8.40
C LEU A 59 -2.32 -1.46 7.10
N THR A 60 -3.36 -2.14 6.62
CA THR A 60 -3.26 -2.90 5.39
C THR A 60 -4.12 -2.26 4.29
N ALA A 61 -3.51 -2.00 3.15
CA ALA A 61 -4.21 -1.38 2.04
C ALA A 61 -4.25 -2.32 0.83
N ARG A 62 -5.39 -2.36 0.18
CA ARG A 62 -5.55 -3.16 -1.03
C ARG A 62 -5.51 -2.26 -2.25
N PHE A 63 -4.52 -2.42 -3.10
CA PHE A 63 -4.45 -1.64 -4.33
C PHE A 63 -4.71 -2.53 -5.53
N LYS A 64 -5.89 -2.41 -6.11
CA LYS A 64 -6.27 -3.20 -7.27
C LYS A 64 -6.12 -2.39 -8.54
N PHE A 65 -5.22 -2.84 -9.39
CA PHE A 65 -4.96 -2.17 -10.66
C PHE A 65 -5.70 -2.86 -11.78
N GLU A 66 -5.42 -2.46 -13.01
CA GLU A 66 -6.09 -3.03 -14.16
C GLU A 66 -5.35 -4.28 -14.64
N VAL A 67 -4.04 -4.15 -14.80
CA VAL A 67 -3.23 -5.25 -15.27
C VAL A 67 -2.15 -5.60 -14.24
N SER A 68 -1.67 -6.83 -14.32
CA SER A 68 -0.69 -7.34 -13.38
C SER A 68 0.63 -6.57 -13.47
N ALA A 69 0.83 -5.88 -14.58
CA ALA A 69 2.03 -5.09 -14.80
C ALA A 69 2.07 -3.89 -13.86
N GLU A 70 0.90 -3.29 -13.63
CA GLU A 70 0.80 -2.10 -12.79
C GLU A 70 1.09 -2.44 -11.34
N LYS A 71 0.74 -3.67 -10.95
CA LYS A 71 1.09 -4.21 -9.63
C LYS A 71 2.58 -4.11 -9.40
N LEU A 72 3.30 -4.77 -10.30
CA LEU A 72 4.75 -4.80 -10.27
C LEU A 72 5.36 -3.40 -10.26
N ILE A 73 4.87 -2.54 -11.14
CA ILE A 73 5.37 -1.17 -11.22
C ILE A 73 5.20 -0.43 -9.90
N PHE A 74 4.03 -0.57 -9.30
CA PHE A 74 3.74 0.06 -8.01
C PHE A 74 4.67 -0.49 -6.93
N GLU A 75 4.84 -1.80 -6.91
CA GLU A 75 5.70 -2.46 -5.93
C GLU A 75 7.16 -2.07 -6.14
N LEU A 76 7.52 -1.77 -7.37
CA LEU A 76 8.85 -1.32 -7.70
C LEU A 76 9.09 0.12 -7.24
N LYS A 77 8.13 1.00 -7.55
CA LYS A 77 8.28 2.42 -7.21
C LYS A 77 8.21 2.64 -5.70
N THR A 78 7.44 1.81 -5.00
CA THR A 78 7.32 1.93 -3.56
C THR A 78 8.63 1.61 -2.85
N ARG A 79 9.41 0.71 -3.45
CA ARG A 79 10.70 0.33 -2.90
C ARG A 79 11.65 1.51 -2.85
N SER A 80 11.67 2.30 -3.92
CA SER A 80 12.62 3.39 -4.03
C SER A 80 12.13 4.64 -3.30
N LEU A 81 10.86 4.64 -2.92
CA LEU A 81 10.30 5.74 -2.18
C LEU A 81 10.38 5.49 -0.68
N ALA A 82 10.08 4.25 -0.29
CA ALA A 82 10.00 3.89 1.12
C ALA A 82 11.28 3.24 1.60
N ARG A 83 12.34 3.41 0.82
CA ARG A 83 13.65 2.86 1.15
C ARG A 83 14.69 3.48 0.23
N LEU A 84 15.96 3.38 0.58
CA LEU A 84 17.03 3.93 -0.25
C LEU A 84 17.40 2.94 -1.36
N GLU A 85 16.42 2.20 -1.83
CA GLU A 85 16.66 1.19 -2.84
C GLU A 85 16.68 1.76 -4.24
N HIS A 86 17.36 1.02 -5.10
CA HIS A 86 17.45 1.32 -6.51
C HIS A 86 17.95 0.09 -7.24
N HIS A 87 17.01 -0.70 -7.75
CA HIS A 87 17.36 -1.96 -8.40
C HIS A 87 18.14 -1.71 -9.67
N HIS A 88 17.66 -0.77 -10.48
CA HIS A 88 18.35 -0.34 -11.69
C HIS A 88 18.49 -1.48 -12.69
N HIS A 89 17.51 -1.62 -13.58
CA HIS A 89 17.55 -2.63 -14.61
C HIS A 89 16.78 -2.14 -15.83
N HIS A 90 15.47 -1.97 -15.64
CA HIS A 90 14.57 -1.48 -16.70
C HIS A 90 14.39 -2.53 -17.79
N HIS A 91 13.17 -2.66 -18.29
CA HIS A 91 12.91 -3.56 -19.40
C HIS A 91 12.62 -2.74 -20.65
N ALA A 1 2.36 -10.42 7.77
CA ALA A 1 1.98 -9.04 8.17
C ALA A 1 0.64 -8.66 7.55
N GLY A 2 -0.10 -7.79 8.24
CA GLY A 2 -1.38 -7.36 7.73
C GLY A 2 -2.51 -8.28 8.14
N GLU A 3 -3.68 -7.71 8.40
CA GLU A 3 -4.84 -8.49 8.76
C GLU A 3 -5.92 -8.34 7.68
N ILE A 4 -6.51 -9.45 7.27
CA ILE A 4 -7.46 -9.43 6.17
C ILE A 4 -8.87 -9.23 6.70
N GLY A 5 -9.77 -8.87 5.81
CA GLY A 5 -11.15 -8.60 6.18
C GLY A 5 -11.72 -7.53 5.29
N PHE A 6 -11.43 -7.66 4.01
CA PHE A 6 -11.78 -6.63 3.04
C PHE A 6 -12.88 -7.12 2.11
N ILE A 7 -13.35 -6.22 1.26
CA ILE A 7 -14.39 -6.56 0.29
C ILE A 7 -13.80 -7.36 -0.85
N ILE A 8 -12.74 -6.84 -1.45
CA ILE A 8 -12.08 -7.50 -2.55
C ILE A 8 -11.00 -8.45 -2.03
N LYS A 9 -11.00 -9.67 -2.52
CA LYS A 9 -10.00 -10.64 -2.18
C LYS A 9 -8.74 -10.43 -3.01
N GLU A 10 -7.63 -10.88 -2.49
CA GLU A 10 -6.36 -10.83 -3.15
C GLU A 10 -6.42 -11.49 -4.53
N GLY A 11 -5.44 -11.20 -5.36
CA GLY A 11 -5.45 -11.70 -6.72
C GLY A 11 -4.19 -11.41 -7.46
N ASP A 12 -4.16 -11.80 -8.73
CA ASP A 12 -3.01 -11.62 -9.60
C ASP A 12 -2.71 -10.14 -9.81
N GLU A 13 -3.77 -9.37 -9.96
CA GLU A 13 -3.64 -7.94 -10.24
C GLU A 13 -3.78 -7.14 -8.96
N VAL A 14 -3.86 -7.85 -7.84
CA VAL A 14 -4.05 -7.24 -6.55
C VAL A 14 -2.79 -7.34 -5.70
N ALA A 15 -2.47 -6.28 -4.98
CA ALA A 15 -1.34 -6.28 -4.06
C ALA A 15 -1.72 -5.63 -2.74
N ASP A 16 -1.28 -6.22 -1.65
CA ASP A 16 -1.53 -5.67 -0.34
C ASP A 16 -0.33 -4.86 0.13
N VAL A 17 -0.61 -3.73 0.73
CA VAL A 17 0.42 -2.89 1.30
C VAL A 17 0.13 -2.66 2.76
N THR A 18 1.11 -2.91 3.60
CA THR A 18 0.95 -2.76 5.03
C THR A 18 1.85 -1.64 5.54
N ILE A 19 1.24 -0.58 6.03
CA ILE A 19 1.99 0.54 6.56
C ILE A 19 2.05 0.42 8.07
N PHE A 20 3.23 0.63 8.61
CA PHE A 20 3.44 0.51 10.04
C PHE A 20 4.36 1.60 10.55
N ALA A 21 4.05 2.11 11.73
CA ALA A 21 4.83 3.16 12.36
C ALA A 21 4.40 3.31 13.82
N GLU A 22 4.91 4.36 14.47
CA GLU A 22 4.59 4.59 15.88
C GLU A 22 3.42 5.55 16.03
N THR A 23 3.08 6.25 14.95
CA THR A 23 2.01 7.24 14.99
C THR A 23 1.03 7.04 13.85
N LYS A 24 -0.25 7.28 14.14
CA LYS A 24 -1.30 7.25 13.11
C LYS A 24 -0.99 8.30 12.05
N ASP A 25 -0.49 9.43 12.51
CA ASP A 25 -0.09 10.53 11.65
C ASP A 25 0.87 10.06 10.55
N ALA A 26 1.86 9.25 10.94
CA ALA A 26 2.82 8.74 9.98
C ALA A 26 2.14 7.83 8.99
N LEU A 27 1.26 6.95 9.49
CA LEU A 27 0.46 6.08 8.64
C LEU A 27 -0.31 6.90 7.62
N GLU A 28 -1.02 7.92 8.09
CA GLU A 28 -1.82 8.78 7.24
C GLU A 28 -0.96 9.50 6.21
N SER A 29 0.20 9.98 6.64
CA SER A 29 1.11 10.70 5.76
C SER A 29 1.61 9.80 4.63
N GLU A 30 2.01 8.59 5.00
CA GLU A 30 2.52 7.64 4.05
C GLU A 30 1.41 7.09 3.17
N LEU A 31 0.24 6.88 3.77
CA LEU A 31 -0.94 6.42 3.03
C LEU A 31 -1.27 7.39 1.91
N ALA A 32 -1.29 8.68 2.28
CA ALA A 32 -1.55 9.74 1.32
C ALA A 32 -0.58 9.66 0.14
N LYS A 33 0.70 9.43 0.42
CA LYS A 33 1.71 9.32 -0.63
C LYS A 33 1.44 8.12 -1.52
N TYR A 34 1.05 7.01 -0.91
CA TYR A 34 0.79 5.78 -1.65
C TYR A 34 -0.45 5.92 -2.51
N ILE A 35 -1.45 6.64 -2.00
CA ILE A 35 -2.64 6.93 -2.78
C ILE A 35 -2.29 7.85 -3.95
N GLU A 36 -1.37 8.77 -3.68
CA GLU A 36 -0.88 9.69 -4.70
C GLU A 36 -0.11 8.94 -5.79
N LEU A 37 0.73 8.01 -5.38
CA LEU A 37 1.46 7.17 -6.34
C LEU A 37 0.49 6.27 -7.09
N ALA A 38 -0.56 5.85 -6.39
CA ALA A 38 -1.55 4.95 -6.97
C ALA A 38 -2.25 5.61 -8.15
N LYS A 39 -2.49 6.91 -8.03
CA LYS A 39 -3.13 7.66 -9.10
C LYS A 39 -2.25 7.71 -10.35
N SER A 40 -0.96 7.96 -10.14
CA SER A 40 -0.01 8.00 -11.24
C SER A 40 0.11 6.63 -11.91
N VAL A 41 -0.07 5.57 -11.14
CA VAL A 41 0.02 4.22 -11.66
C VAL A 41 -1.30 3.76 -12.26
N CYS A 42 -2.40 4.12 -11.61
CA CYS A 42 -3.71 3.67 -12.04
C CYS A 42 -4.76 4.74 -11.78
N ALA A 43 -5.36 5.26 -12.85
CA ALA A 43 -6.36 6.32 -12.74
C ALA A 43 -7.59 5.82 -12.00
N GLY A 44 -8.05 4.63 -12.36
CA GLY A 44 -9.23 4.07 -11.74
C GLY A 44 -8.90 2.87 -10.89
N VAL A 45 -8.00 3.06 -9.94
CA VAL A 45 -7.54 1.99 -9.08
C VAL A 45 -8.61 1.59 -8.07
N GLU A 46 -8.90 0.30 -8.00
CA GLU A 46 -9.81 -0.21 -6.99
C GLU A 46 -9.01 -0.68 -5.79
N TYR A 47 -9.33 -0.12 -4.64
CA TYR A 47 -8.59 -0.43 -3.43
C TYR A 47 -9.49 -0.44 -2.21
N ASN A 48 -9.10 -1.26 -1.25
CA ASN A 48 -9.75 -1.28 0.05
C ASN A 48 -8.70 -1.00 1.10
N VAL A 49 -9.13 -0.74 2.32
CA VAL A 49 -8.21 -0.39 3.39
C VAL A 49 -8.84 -0.66 4.75
N SER A 50 -8.01 -1.01 5.71
CA SER A 50 -8.47 -1.25 7.06
C SER A 50 -8.85 0.07 7.72
N GLU A 51 -9.70 0.00 8.72
CA GLU A 51 -10.11 1.17 9.47
C GLU A 51 -9.26 1.29 10.72
N LEU A 52 -8.69 2.46 10.92
CA LEU A 52 -7.72 2.66 11.97
C LEU A 52 -8.21 3.66 13.01
N THR A 53 -7.56 3.64 14.16
CA THR A 53 -7.79 4.61 15.21
C THR A 53 -6.52 5.43 15.39
N GLU A 54 -6.45 6.18 16.48
CA GLU A 54 -5.27 6.97 16.77
C GLU A 54 -4.16 6.10 17.36
N GLU A 55 -4.52 4.89 17.75
CA GLU A 55 -3.56 3.97 18.35
C GLU A 55 -3.09 2.90 17.35
N SER A 56 -3.68 2.89 16.17
CA SER A 56 -3.31 1.92 15.16
C SER A 56 -1.91 2.19 14.63
N LYS A 57 -1.05 1.20 14.75
CA LYS A 57 0.31 1.31 14.26
C LYS A 57 0.43 0.72 12.86
N GLU A 58 -0.62 0.03 12.43
CA GLU A 58 -0.59 -0.64 11.14
C GLU A 58 -1.94 -0.57 10.44
N LEU A 59 -1.91 -0.59 9.12
CA LEU A 59 -3.12 -0.74 8.32
C LEU A 59 -2.76 -1.44 7.03
N THR A 60 -3.70 -2.20 6.50
CA THR A 60 -3.48 -2.93 5.27
C THR A 60 -4.33 -2.34 4.15
N ALA A 61 -3.66 -1.87 3.11
CA ALA A 61 -4.33 -1.32 1.96
C ALA A 61 -4.18 -2.27 0.77
N ARG A 62 -5.31 -2.68 0.23
CA ARG A 62 -5.33 -3.64 -0.86
C ARG A 62 -5.63 -2.95 -2.18
N PHE A 63 -4.66 -2.98 -3.09
CA PHE A 63 -4.78 -2.25 -4.36
C PHE A 63 -4.89 -3.19 -5.55
N LYS A 64 -5.80 -2.89 -6.45
CA LYS A 64 -5.88 -3.56 -7.75
C LYS A 64 -5.79 -2.51 -8.86
N PHE A 65 -4.78 -2.62 -9.70
CA PHE A 65 -4.49 -1.58 -10.68
C PHE A 65 -5.02 -1.95 -12.06
N GLU A 66 -4.62 -1.17 -13.07
CA GLU A 66 -5.00 -1.39 -14.45
C GLU A 66 -4.79 -2.86 -14.83
N VAL A 67 -3.55 -3.32 -14.62
CA VAL A 67 -3.19 -4.71 -14.86
C VAL A 67 -2.17 -5.14 -13.80
N SER A 68 -1.79 -6.41 -13.81
CA SER A 68 -0.86 -6.94 -12.83
C SER A 68 0.54 -6.35 -12.99
N ALA A 69 0.84 -5.88 -14.19
CA ALA A 69 2.12 -5.25 -14.49
C ALA A 69 2.25 -3.92 -13.74
N GLU A 70 1.15 -3.18 -13.67
CA GLU A 70 1.13 -1.90 -12.99
C GLU A 70 1.42 -2.08 -11.51
N LYS A 71 0.96 -3.21 -10.97
CA LYS A 71 1.23 -3.58 -9.59
C LYS A 71 2.71 -3.54 -9.32
N LEU A 72 3.43 -4.33 -10.11
CA LEU A 72 4.88 -4.45 -10.01
C LEU A 72 5.55 -3.07 -10.02
N ILE A 73 5.15 -2.23 -10.96
CA ILE A 73 5.71 -0.88 -11.08
C ILE A 73 5.43 -0.06 -9.81
N PHE A 74 4.20 -0.16 -9.30
CA PHE A 74 3.82 0.53 -8.08
C PHE A 74 4.67 0.03 -6.91
N GLU A 75 4.75 -1.30 -6.79
CA GLU A 75 5.57 -1.93 -5.76
C GLU A 75 7.01 -1.42 -5.82
N LEU A 76 7.56 -1.41 -7.02
CA LEU A 76 8.91 -0.95 -7.26
C LEU A 76 9.12 0.48 -6.77
N LYS A 77 8.20 1.36 -7.10
CA LYS A 77 8.29 2.76 -6.72
C LYS A 77 8.01 2.94 -5.23
N THR A 78 7.13 2.11 -4.69
CA THR A 78 6.83 2.13 -3.26
C THR A 78 8.05 1.75 -2.45
N ARG A 79 8.71 0.67 -2.83
CA ARG A 79 9.91 0.20 -2.18
C ARG A 79 10.98 1.28 -2.19
N SER A 80 11.16 1.91 -3.34
CA SER A 80 12.16 2.94 -3.52
C SER A 80 11.83 4.18 -2.69
N LEU A 81 10.55 4.52 -2.62
CA LEU A 81 10.11 5.68 -1.89
C LEU A 81 10.26 5.47 -0.39
N ALA A 82 9.95 4.27 0.07
CA ALA A 82 9.99 3.96 1.50
C ALA A 82 11.39 3.58 1.94
N ARG A 83 12.35 3.75 1.06
CA ARG A 83 13.74 3.41 1.38
C ARG A 83 14.54 4.68 1.68
N LEU A 84 14.40 5.67 0.83
CA LEU A 84 15.10 6.93 1.02
C LEU A 84 14.13 8.05 1.35
N GLU A 85 12.90 7.65 1.63
CA GLU A 85 11.81 8.58 1.94
C GLU A 85 11.69 9.65 0.86
N HIS A 86 11.10 10.78 1.22
CA HIS A 86 11.01 11.93 0.33
C HIS A 86 10.69 13.18 1.12
N HIS A 87 11.73 13.80 1.65
CA HIS A 87 11.56 15.03 2.42
C HIS A 87 11.57 16.22 1.48
N HIS A 88 10.65 17.14 1.66
CA HIS A 88 10.53 18.29 0.76
C HIS A 88 10.66 19.61 1.49
N HIS A 89 11.66 20.37 1.11
CA HIS A 89 11.80 21.74 1.56
C HIS A 89 12.15 22.62 0.36
N HIS A 90 12.29 21.97 -0.79
CA HIS A 90 12.57 22.65 -2.06
C HIS A 90 12.28 21.71 -3.23
N HIS A 91 11.73 22.26 -4.30
CA HIS A 91 11.47 21.48 -5.50
C HIS A 91 12.44 21.89 -6.60
N ALA A 1 -4.88 -19.89 0.65
CA ALA A 1 -4.83 -20.37 2.05
C ALA A 1 -4.43 -19.24 2.98
N GLY A 2 -5.37 -18.77 3.78
CA GLY A 2 -5.12 -17.64 4.65
C GLY A 2 -5.87 -16.43 4.19
N GLU A 3 -7.17 -16.60 3.98
CA GLU A 3 -8.01 -15.52 3.48
C GLU A 3 -8.31 -14.52 4.59
N ILE A 4 -8.17 -13.24 4.24
CA ILE A 4 -8.44 -12.16 5.17
C ILE A 4 -9.82 -11.55 4.89
N GLY A 5 -10.31 -10.77 5.84
CA GLY A 5 -11.64 -10.20 5.71
C GLY A 5 -11.67 -8.94 4.89
N PHE A 6 -11.07 -8.99 3.72
CA PHE A 6 -11.10 -7.87 2.78
C PHE A 6 -11.98 -8.23 1.59
N ILE A 7 -12.47 -7.21 0.90
CA ILE A 7 -13.33 -7.42 -0.25
C ILE A 7 -12.53 -7.97 -1.43
N ILE A 8 -11.47 -7.26 -1.78
CA ILE A 8 -10.61 -7.66 -2.89
C ILE A 8 -9.60 -8.70 -2.42
N LYS A 9 -9.48 -9.77 -3.20
CA LYS A 9 -8.58 -10.87 -2.87
C LYS A 9 -7.24 -10.72 -3.57
N GLU A 10 -6.38 -11.72 -3.40
CA GLU A 10 -5.05 -11.69 -3.96
C GLU A 10 -5.09 -11.86 -5.48
N GLY A 11 -3.97 -11.56 -6.13
CA GLY A 11 -3.89 -11.69 -7.56
C GLY A 11 -2.55 -11.23 -8.08
N ASP A 12 -2.45 -11.01 -9.39
CA ASP A 12 -1.22 -10.54 -10.01
C ASP A 12 -1.32 -9.04 -10.21
N GLU A 13 -2.54 -8.57 -10.33
CA GLU A 13 -2.84 -7.17 -10.49
C GLU A 13 -3.25 -6.57 -9.15
N VAL A 14 -3.26 -7.39 -8.12
CA VAL A 14 -3.67 -6.97 -6.79
C VAL A 14 -2.59 -7.30 -5.77
N ALA A 15 -2.29 -6.33 -4.92
CA ALA A 15 -1.30 -6.51 -3.86
C ALA A 15 -1.76 -5.81 -2.58
N ASP A 16 -1.32 -6.31 -1.44
CA ASP A 16 -1.61 -5.67 -0.18
C ASP A 16 -0.38 -4.97 0.34
N VAL A 17 -0.58 -3.74 0.77
CA VAL A 17 0.50 -2.94 1.31
C VAL A 17 0.20 -2.54 2.73
N THR A 18 1.14 -2.80 3.60
CA THR A 18 1.00 -2.48 5.00
C THR A 18 1.97 -1.35 5.35
N ILE A 19 1.44 -0.23 5.76
CA ILE A 19 2.24 0.95 6.02
C ILE A 19 2.54 1.04 7.51
N PHE A 20 3.73 1.52 7.83
CA PHE A 20 4.16 1.61 9.22
C PHE A 20 4.54 3.04 9.55
N ALA A 21 4.13 3.47 10.73
CA ALA A 21 4.45 4.79 11.24
C ALA A 21 4.14 4.83 12.73
N GLU A 22 4.71 5.78 13.45
CA GLU A 22 4.58 5.82 14.89
C GLU A 22 3.27 6.47 15.32
N THR A 23 2.84 7.48 14.60
CA THR A 23 1.63 8.21 14.92
C THR A 23 0.53 7.95 13.89
N LYS A 24 -0.71 7.89 14.35
CA LYS A 24 -1.88 7.64 13.48
C LYS A 24 -1.93 8.66 12.35
N ASP A 25 -1.69 9.91 12.69
CA ASP A 25 -1.59 10.99 11.71
C ASP A 25 -0.59 10.63 10.62
N ALA A 26 0.57 10.15 11.02
CA ALA A 26 1.62 9.75 10.07
C ALA A 26 1.12 8.60 9.20
N LEU A 27 0.41 7.65 9.80
CA LEU A 27 -0.22 6.57 9.06
C LEU A 27 -1.11 7.14 7.95
N GLU A 28 -2.02 8.02 8.36
CA GLU A 28 -2.99 8.61 7.46
C GLU A 28 -2.33 9.54 6.43
N SER A 29 -1.24 10.19 6.82
CA SER A 29 -0.53 11.09 5.94
C SER A 29 0.26 10.32 4.88
N GLU A 30 0.99 9.30 5.31
CA GLU A 30 1.81 8.50 4.41
C GLU A 30 0.93 7.68 3.48
N LEU A 31 -0.21 7.25 4.01
CA LEU A 31 -1.24 6.56 3.22
C LEU A 31 -1.58 7.36 1.99
N ALA A 32 -1.85 8.64 2.20
CA ALA A 32 -2.19 9.55 1.11
C ALA A 32 -1.09 9.58 0.06
N LYS A 33 0.16 9.55 0.49
CA LYS A 33 1.29 9.57 -0.43
C LYS A 33 1.35 8.29 -1.25
N TYR A 34 0.98 7.17 -0.64
CA TYR A 34 0.91 5.90 -1.34
C TYR A 34 -0.23 5.91 -2.35
N ILE A 35 -1.35 6.50 -1.96
CA ILE A 35 -2.48 6.65 -2.88
C ILE A 35 -2.11 7.56 -4.04
N GLU A 36 -1.38 8.63 -3.72
CA GLU A 36 -0.87 9.55 -4.72
C GLU A 36 0.04 8.83 -5.71
N LEU A 37 0.94 8.01 -5.18
CA LEU A 37 1.84 7.23 -6.02
C LEU A 37 1.05 6.21 -6.83
N ALA A 38 -0.03 5.70 -6.26
CA ALA A 38 -0.85 4.71 -6.91
C ALA A 38 -1.56 5.33 -8.12
N LYS A 39 -2.12 6.51 -7.91
CA LYS A 39 -2.78 7.26 -8.97
C LYS A 39 -1.78 7.66 -10.05
N SER A 40 -0.54 7.88 -9.64
CA SER A 40 0.53 8.24 -10.55
C SER A 40 0.84 7.09 -11.51
N VAL A 41 0.63 5.86 -11.05
CA VAL A 41 0.89 4.68 -11.86
C VAL A 41 -0.36 4.22 -12.58
N CYS A 42 -1.47 4.17 -11.86
CA CYS A 42 -2.71 3.63 -12.39
C CYS A 42 -3.86 4.55 -12.04
N ALA A 43 -4.61 4.98 -13.06
CA ALA A 43 -5.74 5.86 -12.87
C ALA A 43 -6.99 5.09 -12.50
N GLY A 44 -6.90 3.77 -12.56
CA GLY A 44 -8.03 2.93 -12.22
C GLY A 44 -7.73 2.02 -11.04
N VAL A 45 -6.95 2.52 -10.10
CA VAL A 45 -6.57 1.74 -8.93
C VAL A 45 -7.63 1.86 -7.83
N GLU A 46 -8.12 0.71 -7.39
CA GLU A 46 -9.09 0.64 -6.29
C GLU A 46 -8.43 0.03 -5.07
N TYR A 47 -8.89 0.39 -3.88
CA TYR A 47 -8.24 -0.11 -2.68
C TYR A 47 -9.22 -0.40 -1.55
N ASN A 48 -8.83 -1.36 -0.73
CA ASN A 48 -9.50 -1.64 0.53
C ASN A 48 -8.54 -1.33 1.65
N VAL A 49 -9.01 -1.30 2.88
CA VAL A 49 -8.15 -0.99 4.01
C VAL A 49 -8.74 -1.52 5.30
N SER A 50 -7.88 -1.93 6.21
CA SER A 50 -8.29 -2.35 7.54
C SER A 50 -8.78 -1.13 8.33
N GLU A 51 -9.42 -1.38 9.46
CA GLU A 51 -9.88 -0.29 10.30
C GLU A 51 -8.74 0.19 11.20
N LEU A 52 -8.56 1.49 11.26
CA LEU A 52 -7.48 2.07 12.04
C LEU A 52 -7.89 2.27 13.49
N THR A 53 -6.91 2.34 14.36
CA THR A 53 -7.14 2.60 15.77
C THR A 53 -6.16 3.66 16.25
N GLU A 54 -6.15 3.90 17.55
CA GLU A 54 -5.25 4.88 18.14
C GLU A 54 -3.88 4.24 18.36
N GLU A 55 -3.90 2.94 18.56
CA GLU A 55 -2.69 2.20 18.90
C GLU A 55 -2.06 1.54 17.67
N SER A 56 -2.73 1.66 16.52
CA SER A 56 -2.23 1.05 15.30
C SER A 56 -1.08 1.84 14.71
N LYS A 57 0.09 1.22 14.67
CA LYS A 57 1.25 1.79 14.02
C LYS A 57 1.39 1.21 12.62
N GLU A 58 0.36 0.49 12.20
CA GLU A 58 0.34 -0.16 10.90
C GLU A 58 -1.08 -0.26 10.37
N LEU A 59 -1.21 -0.32 9.06
CA LEU A 59 -2.50 -0.54 8.42
C LEU A 59 -2.30 -1.27 7.10
N THR A 60 -3.20 -2.18 6.79
CA THR A 60 -3.11 -2.97 5.58
C THR A 60 -4.10 -2.48 4.53
N ALA A 61 -3.58 -2.08 3.40
CA ALA A 61 -4.41 -1.61 2.31
C ALA A 61 -4.29 -2.54 1.11
N ARG A 62 -5.44 -3.00 0.62
CA ARG A 62 -5.47 -3.90 -0.53
C ARG A 62 -5.65 -3.07 -1.80
N PHE A 63 -4.65 -3.10 -2.67
CA PHE A 63 -4.68 -2.31 -3.88
C PHE A 63 -4.85 -3.19 -5.11
N LYS A 64 -5.85 -2.90 -5.92
CA LYS A 64 -6.00 -3.55 -7.20
C LYS A 64 -5.76 -2.53 -8.31
N PHE A 65 -4.94 -2.91 -9.26
CA PHE A 65 -4.64 -2.05 -10.38
C PHE A 65 -5.43 -2.53 -11.59
N GLU A 66 -5.45 -1.73 -12.65
CA GLU A 66 -6.22 -2.08 -13.83
C GLU A 66 -5.62 -3.33 -14.47
N VAL A 67 -4.30 -3.31 -14.68
CA VAL A 67 -3.60 -4.48 -15.17
C VAL A 67 -2.45 -4.84 -14.24
N SER A 68 -1.94 -6.06 -14.36
CA SER A 68 -0.91 -6.56 -13.47
C SER A 68 0.41 -5.82 -13.69
N ALA A 69 0.58 -5.30 -14.88
CA ALA A 69 1.78 -4.54 -15.22
C ALA A 69 1.88 -3.27 -14.40
N GLU A 70 0.73 -2.66 -14.13
CA GLU A 70 0.67 -1.42 -13.37
C GLU A 70 0.98 -1.68 -11.89
N LYS A 71 0.67 -2.89 -11.43
CA LYS A 71 1.02 -3.29 -10.07
C LYS A 71 2.53 -3.36 -9.94
N LEU A 72 3.13 -4.07 -10.89
CA LEU A 72 4.57 -4.28 -10.93
C LEU A 72 5.34 -2.96 -10.82
N ILE A 73 4.97 -1.98 -11.66
CA ILE A 73 5.63 -0.69 -11.66
C ILE A 73 5.55 -0.03 -10.28
N PHE A 74 4.36 -0.02 -9.70
CA PHE A 74 4.14 0.55 -8.38
C PHE A 74 4.97 -0.18 -7.34
N GLU A 75 4.87 -1.50 -7.33
CA GLU A 75 5.60 -2.35 -6.40
C GLU A 75 7.11 -2.18 -6.54
N LEU A 76 7.56 -1.88 -7.76
CA LEU A 76 8.96 -1.65 -8.02
C LEU A 76 9.42 -0.32 -7.45
N LYS A 77 8.58 0.69 -7.56
CA LYS A 77 8.92 2.02 -7.09
C LYS A 77 8.75 2.15 -5.58
N THR A 78 7.82 1.38 -5.02
CA THR A 78 7.61 1.41 -3.57
C THR A 78 8.79 0.78 -2.84
N ARG A 79 9.38 -0.25 -3.43
CA ARG A 79 10.58 -0.88 -2.89
C ARG A 79 11.69 0.15 -2.75
N SER A 80 11.87 0.97 -3.78
CA SER A 80 12.91 1.97 -3.81
C SER A 80 12.55 3.18 -2.95
N LEU A 81 11.26 3.33 -2.67
CA LEU A 81 10.78 4.43 -1.86
C LEU A 81 10.91 4.09 -0.37
N ALA A 82 10.57 2.85 -0.03
CA ALA A 82 10.56 2.41 1.37
C ALA A 82 11.90 1.81 1.76
N ARG A 83 12.90 2.06 0.94
CA ARG A 83 14.24 1.55 1.17
C ARG A 83 14.91 2.35 2.29
N LEU A 84 14.97 3.67 2.08
CA LEU A 84 15.41 4.63 3.09
C LEU A 84 16.77 4.29 3.69
N GLU A 85 17.65 3.73 2.88
CA GLU A 85 18.99 3.39 3.34
C GLU A 85 20.04 4.10 2.49
N HIS A 86 21.28 3.67 2.63
CA HIS A 86 22.39 4.27 1.89
C HIS A 86 22.42 3.74 0.48
N HIS A 87 22.75 4.59 -0.48
CA HIS A 87 22.67 4.24 -1.89
C HIS A 87 23.91 3.47 -2.37
N HIS A 88 24.43 2.60 -1.52
CA HIS A 88 25.52 1.72 -1.89
C HIS A 88 25.30 0.35 -1.24
N HIS A 89 24.15 -0.25 -1.52
CA HIS A 89 23.79 -1.53 -0.94
C HIS A 89 22.57 -2.13 -1.65
N HIS A 90 22.81 -2.84 -2.73
CA HIS A 90 21.75 -3.58 -3.41
C HIS A 90 21.89 -5.05 -3.08
N HIS A 91 23.12 -5.49 -2.91
CA HIS A 91 23.42 -6.86 -2.55
C HIS A 91 24.15 -6.90 -1.21
N ALA A 1 0.46 -7.07 12.69
CA ALA A 1 -0.31 -8.17 12.08
C ALA A 1 -0.59 -7.86 10.61
N GLY A 2 -1.10 -8.86 9.91
CA GLY A 2 -1.42 -8.70 8.50
C GLY A 2 -2.50 -9.67 8.08
N GLU A 3 -3.62 -9.61 8.79
CA GLU A 3 -4.71 -10.55 8.60
C GLU A 3 -5.56 -10.15 7.39
N ILE A 4 -5.92 -11.13 6.58
CA ILE A 4 -6.65 -10.86 5.35
C ILE A 4 -8.15 -11.05 5.55
N GLY A 5 -8.94 -10.56 4.61
CA GLY A 5 -10.38 -10.63 4.73
C GLY A 5 -11.03 -9.33 4.33
N PHE A 6 -10.50 -8.75 3.27
CA PHE A 6 -10.93 -7.43 2.81
C PHE A 6 -12.15 -7.55 1.90
N ILE A 7 -12.59 -6.41 1.36
CA ILE A 7 -13.71 -6.38 0.45
C ILE A 7 -13.32 -6.97 -0.89
N ILE A 8 -12.20 -6.51 -1.43
CA ILE A 8 -11.67 -7.02 -2.68
C ILE A 8 -10.81 -8.24 -2.42
N LYS A 9 -11.07 -9.30 -3.16
CA LYS A 9 -10.35 -10.55 -3.00
C LYS A 9 -8.95 -10.47 -3.62
N GLU A 10 -8.17 -11.52 -3.43
CA GLU A 10 -6.81 -11.57 -3.93
C GLU A 10 -6.79 -11.67 -5.45
N GLY A 11 -5.64 -11.39 -6.05
CA GLY A 11 -5.53 -11.40 -7.49
C GLY A 11 -4.10 -11.20 -7.96
N ASP A 12 -3.89 -11.36 -9.26
CA ASP A 12 -2.57 -11.24 -9.84
C ASP A 12 -2.18 -9.78 -10.03
N GLU A 13 -3.19 -8.93 -10.10
CA GLU A 13 -2.99 -7.49 -10.27
C GLU A 13 -3.23 -6.76 -8.96
N VAL A 14 -3.49 -7.53 -7.91
CA VAL A 14 -3.79 -6.96 -6.61
C VAL A 14 -2.54 -6.93 -5.73
N ALA A 15 -2.36 -5.84 -5.00
CA ALA A 15 -1.24 -5.70 -4.08
C ALA A 15 -1.69 -5.06 -2.77
N ASP A 16 -1.59 -5.81 -1.69
CA ASP A 16 -1.88 -5.26 -0.37
C ASP A 16 -0.60 -4.95 0.37
N VAL A 17 -0.52 -3.73 0.88
CA VAL A 17 0.67 -3.25 1.55
C VAL A 17 0.37 -2.96 3.02
N THR A 18 1.33 -3.27 3.87
CA THR A 18 1.18 -3.06 5.29
C THR A 18 2.01 -1.85 5.72
N ILE A 19 1.34 -0.78 6.08
CA ILE A 19 1.99 0.44 6.51
C ILE A 19 2.00 0.50 8.04
N PHE A 20 3.07 1.02 8.60
CA PHE A 20 3.21 1.07 10.05
C PHE A 20 3.87 2.38 10.51
N ALA A 21 3.41 2.88 11.63
CA ALA A 21 3.96 4.08 12.26
C ALA A 21 3.38 4.24 13.65
N GLU A 22 4.01 5.07 14.47
CA GLU A 22 3.60 5.22 15.86
C GLU A 22 2.34 6.09 16.02
N THR A 23 2.13 7.01 15.08
CA THR A 23 1.01 7.93 15.17
C THR A 23 0.02 7.72 14.03
N LYS A 24 -1.26 7.95 14.31
CA LYS A 24 -2.32 7.79 13.31
C LYS A 24 -2.10 8.78 12.17
N ASP A 25 -1.61 9.96 12.52
CA ASP A 25 -1.27 10.99 11.56
C ASP A 25 -0.25 10.48 10.55
N ALA A 26 0.76 9.77 11.05
CA ALA A 26 1.78 9.22 10.18
C ALA A 26 1.20 8.16 9.27
N LEU A 27 0.32 7.33 9.83
CA LEU A 27 -0.40 6.33 9.04
C LEU A 27 -1.14 6.99 7.88
N GLU A 28 -1.95 7.99 8.21
CA GLU A 28 -2.74 8.70 7.23
C GLU A 28 -1.86 9.41 6.20
N SER A 29 -0.79 10.04 6.67
CA SER A 29 0.11 10.79 5.79
C SER A 29 0.81 9.86 4.80
N GLU A 30 1.40 8.80 5.33
CA GLU A 30 2.15 7.85 4.51
C GLU A 30 1.21 7.11 3.56
N LEU A 31 0.02 6.80 4.06
CA LEU A 31 -1.03 6.18 3.25
C LEU A 31 -1.37 7.07 2.06
N ALA A 32 -1.63 8.34 2.35
CA ALA A 32 -1.96 9.32 1.33
C ALA A 32 -0.89 9.37 0.24
N LYS A 33 0.38 9.29 0.65
CA LYS A 33 1.48 9.31 -0.28
C LYS A 33 1.47 8.05 -1.16
N TYR A 34 1.18 6.93 -0.53
CA TYR A 34 1.07 5.66 -1.23
C TYR A 34 -0.04 5.70 -2.27
N ILE A 35 -1.17 6.29 -1.88
CA ILE A 35 -2.31 6.44 -2.77
C ILE A 35 -1.97 7.36 -3.95
N GLU A 36 -1.27 8.44 -3.66
CA GLU A 36 -0.87 9.40 -4.67
C GLU A 36 0.09 8.76 -5.66
N LEU A 37 0.97 7.91 -5.17
CA LEU A 37 1.87 7.17 -6.02
C LEU A 37 1.08 6.20 -6.91
N ALA A 38 0.04 5.60 -6.33
CA ALA A 38 -0.75 4.60 -7.03
C ALA A 38 -1.51 5.20 -8.20
N LYS A 39 -2.26 6.26 -7.93
CA LYS A 39 -3.09 6.90 -8.95
C LYS A 39 -2.24 7.60 -10.01
N SER A 40 -1.00 7.92 -9.67
CA SER A 40 -0.09 8.54 -10.62
C SER A 40 0.33 7.52 -11.69
N VAL A 41 0.19 6.25 -11.37
CA VAL A 41 0.49 5.18 -12.32
C VAL A 41 -0.81 4.61 -12.87
N CYS A 42 -1.70 4.22 -11.96
CA CYS A 42 -2.99 3.68 -12.32
C CYS A 42 -4.08 4.53 -11.69
N ALA A 43 -4.68 5.41 -12.48
CA ALA A 43 -5.70 6.33 -11.98
C ALA A 43 -6.89 5.58 -11.38
N GLY A 44 -7.36 4.58 -12.10
CA GLY A 44 -8.53 3.84 -11.67
C GLY A 44 -8.18 2.67 -10.77
N VAL A 45 -7.22 2.88 -9.88
CA VAL A 45 -6.84 1.86 -8.92
C VAL A 45 -7.87 1.77 -7.80
N GLU A 46 -8.37 0.58 -7.55
CA GLU A 46 -9.30 0.37 -6.45
C GLU A 46 -8.52 0.00 -5.20
N TYR A 47 -8.99 0.43 -4.04
CA TYR A 47 -8.25 0.17 -2.82
C TYR A 47 -9.18 -0.21 -1.68
N ASN A 48 -8.61 -0.95 -0.75
CA ASN A 48 -9.24 -1.20 0.53
C ASN A 48 -8.31 -0.75 1.63
N VAL A 49 -8.83 -0.65 2.82
CA VAL A 49 -8.06 -0.18 3.94
C VAL A 49 -8.69 -0.63 5.25
N SER A 50 -7.86 -0.95 6.22
CA SER A 50 -8.32 -1.33 7.54
C SER A 50 -8.92 -0.12 8.26
N GLU A 51 -9.67 -0.36 9.31
CA GLU A 51 -10.22 0.73 10.09
C GLU A 51 -9.28 1.04 11.26
N LEU A 52 -9.00 2.32 11.44
CA LEU A 52 -7.99 2.75 12.38
C LEU A 52 -8.57 2.95 13.77
N THR A 53 -8.04 2.21 14.73
CA THR A 53 -8.47 2.29 16.11
C THR A 53 -7.62 3.30 16.90
N GLU A 54 -7.72 3.23 18.22
CA GLU A 54 -6.96 4.09 19.10
C GLU A 54 -5.45 3.90 18.86
N GLU A 55 -4.99 2.67 18.98
CA GLU A 55 -3.57 2.37 18.78
C GLU A 55 -3.31 1.73 17.42
N SER A 56 -3.90 2.28 16.37
CA SER A 56 -3.57 1.83 15.03
C SER A 56 -2.18 2.30 14.66
N LYS A 57 -1.22 1.41 14.85
CA LYS A 57 0.16 1.70 14.51
C LYS A 57 0.52 0.92 13.27
N GLU A 58 -0.52 0.46 12.57
CA GLU A 58 -0.36 -0.29 11.34
C GLU A 58 -1.71 -0.40 10.63
N LEU A 59 -1.67 -0.56 9.31
CA LEU A 59 -2.87 -0.77 8.53
C LEU A 59 -2.52 -1.42 7.21
N THR A 60 -3.43 -2.20 6.67
CA THR A 60 -3.20 -2.87 5.40
C THR A 60 -4.04 -2.25 4.30
N ALA A 61 -3.37 -1.71 3.30
CA ALA A 61 -4.04 -1.10 2.16
C ALA A 61 -3.90 -1.99 0.93
N ARG A 62 -5.04 -2.46 0.42
CA ARG A 62 -5.05 -3.35 -0.73
C ARG A 62 -5.39 -2.57 -2.00
N PHE A 63 -4.45 -2.56 -2.94
CA PHE A 63 -4.66 -1.87 -4.20
C PHE A 63 -4.89 -2.86 -5.33
N LYS A 64 -5.97 -2.67 -6.05
CA LYS A 64 -6.26 -3.47 -7.24
C LYS A 64 -6.03 -2.63 -8.49
N PHE A 65 -5.07 -3.06 -9.30
CA PHE A 65 -4.76 -2.35 -10.51
C PHE A 65 -5.56 -2.92 -11.68
N GLU A 66 -5.43 -2.31 -12.84
CA GLU A 66 -6.15 -2.74 -14.02
C GLU A 66 -5.46 -3.95 -14.62
N VAL A 67 -4.14 -3.88 -14.69
CA VAL A 67 -3.35 -5.01 -15.17
C VAL A 67 -2.23 -5.31 -14.17
N SER A 68 -1.75 -6.54 -14.19
CA SER A 68 -0.72 -6.98 -13.26
C SER A 68 0.60 -6.25 -13.50
N ALA A 69 0.72 -5.66 -14.67
CA ALA A 69 1.92 -4.89 -15.00
C ALA A 69 1.99 -3.63 -14.13
N GLU A 70 0.83 -3.03 -13.88
CA GLU A 70 0.75 -1.83 -13.05
C GLU A 70 1.12 -2.16 -11.61
N LYS A 71 0.77 -3.37 -11.19
CA LYS A 71 1.15 -3.88 -9.87
C LYS A 71 2.66 -3.82 -9.72
N LEU A 72 3.33 -4.53 -10.62
CA LEU A 72 4.79 -4.60 -10.63
C LEU A 72 5.41 -3.21 -10.68
N ILE A 73 4.94 -2.35 -11.59
CA ILE A 73 5.46 -1.00 -11.71
C ILE A 73 5.34 -0.24 -10.39
N PHE A 74 4.16 -0.30 -9.79
CA PHE A 74 3.92 0.37 -8.51
C PHE A 74 4.81 -0.20 -7.41
N GLU A 75 4.95 -1.53 -7.41
CA GLU A 75 5.77 -2.20 -6.42
C GLU A 75 7.26 -1.90 -6.65
N LEU A 76 7.62 -1.63 -7.90
CA LEU A 76 8.97 -1.25 -8.24
C LEU A 76 9.28 0.15 -7.70
N LYS A 77 8.34 1.06 -7.86
CA LYS A 77 8.51 2.43 -7.39
C LYS A 77 8.50 2.49 -5.86
N THR A 78 7.61 1.73 -5.25
CA THR A 78 7.51 1.72 -3.80
C THR A 78 8.73 1.07 -3.16
N ARG A 79 9.46 0.29 -3.93
CA ARG A 79 10.71 -0.30 -3.47
C ARG A 79 11.71 0.78 -3.08
N SER A 80 11.80 1.81 -3.90
CA SER A 80 12.73 2.89 -3.69
C SER A 80 12.26 3.85 -2.61
N LEU A 81 10.98 4.17 -2.62
CA LEU A 81 10.41 5.11 -1.68
C LEU A 81 10.29 4.46 -0.30
N ALA A 82 9.85 3.22 -0.27
CA ALA A 82 9.58 2.54 0.97
C ALA A 82 10.54 1.39 1.16
N ARG A 83 11.75 1.73 1.54
CA ARG A 83 12.79 0.74 1.77
C ARG A 83 12.83 0.38 3.25
N LEU A 84 11.90 0.96 4.00
CA LEU A 84 11.84 0.74 5.44
C LEU A 84 10.81 -0.31 5.78
N GLU A 85 10.29 -0.91 4.73
CA GLU A 85 9.29 -1.97 4.87
C GLU A 85 9.80 -3.22 4.17
N HIS A 86 8.97 -4.24 4.13
CA HIS A 86 9.32 -5.47 3.44
C HIS A 86 8.31 -5.75 2.34
N HIS A 87 8.46 -5.01 1.25
CA HIS A 87 7.53 -5.08 0.13
C HIS A 87 7.79 -6.33 -0.69
N HIS A 88 6.97 -7.35 -0.49
CA HIS A 88 7.11 -8.61 -1.21
C HIS A 88 6.18 -8.66 -2.41
N HIS A 89 6.64 -9.31 -3.47
CA HIS A 89 5.82 -9.51 -4.65
C HIS A 89 5.10 -10.86 -4.56
N HIS A 90 3.81 -10.82 -4.30
CA HIS A 90 3.04 -12.04 -4.20
C HIS A 90 2.76 -12.61 -5.58
N HIS A 91 3.28 -13.79 -5.84
CA HIS A 91 3.01 -14.50 -7.08
C HIS A 91 2.00 -15.61 -6.84
N ALA A 1 2.63 -11.26 -0.95
CA ALA A 1 1.33 -11.99 -0.94
C ALA A 1 0.85 -12.18 0.49
N GLY A 2 -0.40 -12.58 0.64
CA GLY A 2 -0.97 -12.78 1.96
C GLY A 2 -2.45 -12.48 1.99
N GLU A 3 -3.26 -13.52 2.11
CA GLU A 3 -4.71 -13.35 2.14
C GLU A 3 -5.15 -12.64 3.41
N ILE A 4 -6.08 -11.72 3.26
CA ILE A 4 -6.62 -10.96 4.37
C ILE A 4 -8.13 -10.88 4.26
N GLY A 5 -8.78 -10.58 5.38
CA GLY A 5 -10.24 -10.51 5.42
C GLY A 5 -10.77 -9.17 4.98
N PHE A 6 -10.46 -8.80 3.75
CA PHE A 6 -10.95 -7.56 3.17
C PHE A 6 -11.85 -7.86 1.98
N ILE A 7 -12.43 -6.82 1.41
CA ILE A 7 -13.32 -6.96 0.25
C ILE A 7 -12.51 -7.40 -0.97
N ILE A 8 -11.42 -6.68 -1.23
CA ILE A 8 -10.54 -7.02 -2.34
C ILE A 8 -9.61 -8.15 -1.96
N LYS A 9 -9.71 -9.22 -2.71
CA LYS A 9 -8.93 -10.42 -2.46
C LYS A 9 -7.67 -10.40 -3.31
N GLU A 10 -6.87 -11.45 -3.23
CA GLU A 10 -5.59 -11.48 -3.91
C GLU A 10 -5.75 -11.66 -5.41
N GLY A 11 -4.68 -11.37 -6.14
CA GLY A 11 -4.70 -11.49 -7.58
C GLY A 11 -3.35 -11.14 -8.18
N ASP A 12 -3.13 -11.53 -9.41
CA ASP A 12 -1.86 -11.29 -10.08
C ASP A 12 -1.67 -9.80 -10.36
N GLU A 13 -2.78 -9.07 -10.32
CA GLU A 13 -2.75 -7.61 -10.49
C GLU A 13 -3.20 -6.92 -9.21
N VAL A 14 -3.33 -7.69 -8.14
CA VAL A 14 -3.73 -7.13 -6.86
C VAL A 14 -2.58 -7.13 -5.87
N ALA A 15 -2.26 -5.97 -5.32
CA ALA A 15 -1.16 -5.85 -4.37
C ALA A 15 -1.59 -5.12 -3.11
N ASP A 16 -1.37 -5.74 -1.97
CA ASP A 16 -1.66 -5.12 -0.69
C ASP A 16 -0.40 -4.59 -0.05
N VAL A 17 -0.52 -3.48 0.62
CA VAL A 17 0.59 -2.90 1.35
C VAL A 17 0.22 -2.69 2.80
N THR A 18 1.09 -3.11 3.68
CA THR A 18 0.90 -2.91 5.09
C THR A 18 1.84 -1.81 5.56
N ILE A 19 1.26 -0.67 5.90
CA ILE A 19 2.05 0.51 6.22
C ILE A 19 2.17 0.65 7.74
N PHE A 20 3.34 1.10 8.17
CA PHE A 20 3.60 1.29 9.58
C PHE A 20 4.00 2.73 9.86
N ALA A 21 3.51 3.26 10.97
CA ALA A 21 3.91 4.57 11.43
C ALA A 21 3.88 4.62 12.94
N GLU A 22 4.45 5.68 13.52
CA GLU A 22 4.53 5.78 14.97
C GLU A 22 3.16 6.13 15.56
N THR A 23 2.44 7.03 14.90
CA THR A 23 1.12 7.45 15.34
C THR A 23 0.11 7.39 14.20
N LYS A 24 -1.16 7.57 14.52
CA LYS A 24 -2.22 7.51 13.52
C LYS A 24 -2.05 8.61 12.47
N ASP A 25 -1.72 9.81 12.94
CA ASP A 25 -1.50 10.94 12.04
C ASP A 25 -0.42 10.63 11.00
N ALA A 26 0.70 10.10 11.47
CA ALA A 26 1.79 9.71 10.57
C ALA A 26 1.32 8.61 9.62
N LEU A 27 0.54 7.69 10.14
CA LEU A 27 -0.02 6.60 9.36
C LEU A 27 -0.88 7.16 8.22
N GLU A 28 -1.78 8.06 8.59
CA GLU A 28 -2.67 8.72 7.65
C GLU A 28 -1.90 9.51 6.61
N SER A 29 -0.80 10.13 7.03
CA SER A 29 0.04 10.90 6.12
C SER A 29 0.75 9.97 5.13
N GLU A 30 1.30 8.89 5.66
CA GLU A 30 2.01 7.91 4.84
C GLU A 30 1.06 7.27 3.82
N LEU A 31 -0.12 6.87 4.30
CA LEU A 31 -1.14 6.26 3.44
C LEU A 31 -1.43 7.14 2.23
N ALA A 32 -1.71 8.41 2.50
CA ALA A 32 -2.05 9.37 1.46
C ALA A 32 -0.97 9.45 0.39
N LYS A 33 0.28 9.22 0.79
CA LYS A 33 1.40 9.26 -0.12
C LYS A 33 1.45 8.04 -1.02
N TYR A 34 1.16 6.88 -0.45
CA TYR A 34 1.13 5.64 -1.21
C TYR A 34 -0.06 5.61 -2.16
N ILE A 35 -1.16 6.22 -1.75
CA ILE A 35 -2.33 6.35 -2.61
C ILE A 35 -2.03 7.28 -3.78
N GLU A 36 -1.23 8.31 -3.51
CA GLU A 36 -0.79 9.24 -4.53
C GLU A 36 0.04 8.51 -5.58
N LEU A 37 0.97 7.68 -5.13
CA LEU A 37 1.79 6.88 -6.01
C LEU A 37 0.92 5.97 -6.86
N ALA A 38 -0.15 5.45 -6.26
CA ALA A 38 -1.04 4.52 -6.94
C ALA A 38 -1.80 5.21 -8.07
N LYS A 39 -2.36 6.38 -7.80
CA LYS A 39 -3.12 7.13 -8.80
C LYS A 39 -2.21 7.67 -9.90
N SER A 40 -0.93 7.81 -9.58
CA SER A 40 0.06 8.25 -10.54
C SER A 40 0.32 7.15 -11.59
N VAL A 41 0.03 5.91 -11.22
CA VAL A 41 0.21 4.78 -12.12
C VAL A 41 -1.12 4.39 -12.75
N CYS A 42 -2.17 4.34 -11.94
CA CYS A 42 -3.48 3.95 -12.39
C CYS A 42 -4.55 4.82 -11.76
N ALA A 43 -5.38 5.43 -12.59
CA ALA A 43 -6.47 6.26 -12.12
C ALA A 43 -7.70 5.42 -11.81
N GLY A 44 -7.79 4.27 -12.47
CA GLY A 44 -8.89 3.37 -12.25
C GLY A 44 -8.51 2.22 -11.34
N VAL A 45 -7.90 2.55 -10.22
CA VAL A 45 -7.50 1.54 -9.25
C VAL A 45 -8.52 1.45 -8.11
N GLU A 46 -8.90 0.25 -7.75
CA GLU A 46 -9.75 0.04 -6.57
C GLU A 46 -8.89 -0.34 -5.38
N TYR A 47 -9.14 0.26 -4.24
CA TYR A 47 -8.39 -0.06 -3.04
C TYR A 47 -9.29 -0.06 -1.82
N ASN A 48 -8.91 -0.86 -0.84
CA ASN A 48 -9.58 -0.85 0.46
C ASN A 48 -8.58 -0.43 1.51
N VAL A 49 -9.09 0.00 2.64
CA VAL A 49 -8.26 0.44 3.75
C VAL A 49 -8.89 -0.06 5.05
N SER A 50 -8.06 -0.52 5.97
CA SER A 50 -8.53 -0.96 7.27
C SER A 50 -9.06 0.22 8.06
N GLU A 51 -9.86 -0.06 9.08
CA GLU A 51 -10.33 0.99 9.96
C GLU A 51 -9.21 1.40 10.89
N LEU A 52 -8.94 2.68 10.95
CA LEU A 52 -7.86 3.19 11.77
C LEU A 52 -8.31 3.26 13.21
N THR A 53 -7.59 2.57 14.08
CA THR A 53 -7.91 2.54 15.49
C THR A 53 -7.30 3.74 16.19
N GLU A 54 -7.28 3.72 17.51
CA GLU A 54 -6.66 4.79 18.27
C GLU A 54 -5.16 4.57 18.31
N GLU A 55 -4.79 3.31 18.47
CA GLU A 55 -3.39 2.92 18.56
C GLU A 55 -2.92 2.23 17.29
N SER A 56 -3.45 2.66 16.16
CA SER A 56 -3.03 2.10 14.88
C SER A 56 -1.63 2.54 14.53
N LYS A 57 -0.68 1.63 14.72
CA LYS A 57 0.69 1.86 14.27
C LYS A 57 0.89 1.14 12.95
N GLU A 58 -0.18 0.56 12.44
CA GLU A 58 -0.15 -0.15 11.17
C GLU A 58 -1.54 -0.19 10.56
N LEU A 59 -1.61 -0.38 9.25
CA LEU A 59 -2.86 -0.57 8.55
C LEU A 59 -2.62 -1.31 7.24
N THR A 60 -3.64 -1.96 6.72
CA THR A 60 -3.49 -2.73 5.50
C THR A 60 -4.30 -2.10 4.37
N ALA A 61 -3.61 -1.63 3.35
CA ALA A 61 -4.25 -1.04 2.20
C ALA A 61 -3.99 -1.89 0.96
N ARG A 62 -5.05 -2.43 0.38
CA ARG A 62 -4.91 -3.31 -0.78
C ARG A 62 -5.40 -2.63 -2.04
N PHE A 63 -4.51 -2.54 -3.02
CA PHE A 63 -4.82 -1.92 -4.30
C PHE A 63 -4.94 -2.98 -5.37
N LYS A 64 -6.07 -3.00 -6.07
CA LYS A 64 -6.21 -3.91 -7.20
C LYS A 64 -6.10 -3.14 -8.50
N PHE A 65 -5.16 -3.57 -9.32
CA PHE A 65 -4.90 -2.90 -10.58
C PHE A 65 -5.72 -3.57 -11.68
N GLU A 66 -5.61 -3.06 -12.88
CA GLU A 66 -6.34 -3.61 -14.00
C GLU A 66 -5.51 -4.69 -14.71
N VAL A 67 -4.22 -4.44 -14.84
CA VAL A 67 -3.31 -5.43 -15.40
C VAL A 67 -2.14 -5.69 -14.46
N SER A 68 -1.59 -6.89 -14.52
CA SER A 68 -0.51 -7.29 -13.62
C SER A 68 0.72 -6.41 -13.78
N ALA A 69 0.85 -5.80 -14.95
CA ALA A 69 1.96 -4.92 -15.24
C ALA A 69 1.97 -3.71 -14.33
N GLU A 70 0.77 -3.27 -13.93
CA GLU A 70 0.61 -2.10 -13.08
C GLU A 70 1.14 -2.38 -11.68
N LYS A 71 1.02 -3.62 -11.24
CA LYS A 71 1.53 -4.02 -9.93
C LYS A 71 3.03 -3.83 -9.89
N LEU A 72 3.69 -4.48 -10.84
CA LEU A 72 5.15 -4.46 -10.93
C LEU A 72 5.70 -3.04 -10.88
N ILE A 73 5.07 -2.13 -11.60
CA ILE A 73 5.49 -0.73 -11.61
C ILE A 73 5.36 -0.12 -10.22
N PHE A 74 4.18 -0.24 -9.63
CA PHE A 74 3.91 0.31 -8.31
C PHE A 74 4.87 -0.29 -7.27
N GLU A 75 4.96 -1.62 -7.28
CA GLU A 75 5.83 -2.35 -6.35
C GLU A 75 7.28 -1.90 -6.51
N LEU A 76 7.70 -1.64 -7.73
CA LEU A 76 9.06 -1.21 -8.01
C LEU A 76 9.31 0.20 -7.47
N LYS A 77 8.32 1.07 -7.62
CA LYS A 77 8.44 2.44 -7.17
C LYS A 77 8.43 2.54 -5.65
N THR A 78 7.60 1.73 -5.00
CA THR A 78 7.52 1.73 -3.55
C THR A 78 8.83 1.22 -2.95
N ARG A 79 9.40 0.17 -3.57
CA ARG A 79 10.67 -0.37 -3.17
C ARG A 79 11.78 0.68 -3.27
N SER A 80 11.79 1.41 -4.37
CA SER A 80 12.78 2.43 -4.61
C SER A 80 12.55 3.66 -3.74
N LEU A 81 11.31 3.83 -3.28
CA LEU A 81 10.94 4.95 -2.44
C LEU A 81 11.35 4.69 -0.99
N ALA A 82 11.20 3.45 -0.56
CA ALA A 82 11.57 3.06 0.79
C ALA A 82 13.08 2.83 0.87
N ARG A 83 13.82 3.91 0.69
CA ARG A 83 15.27 3.86 0.63
C ARG A 83 15.86 5.27 0.81
N LEU A 84 17.16 5.34 1.04
CA LEU A 84 17.84 6.62 1.28
C LEU A 84 18.17 7.33 -0.04
N GLU A 85 17.27 7.19 -1.02
CA GLU A 85 17.40 7.81 -2.34
C GLU A 85 18.53 7.21 -3.16
N HIS A 86 18.65 7.70 -4.41
CA HIS A 86 19.74 7.35 -5.32
C HIS A 86 19.71 5.88 -5.71
N HIS A 87 20.68 5.48 -6.53
CA HIS A 87 20.87 4.08 -6.95
C HIS A 87 19.68 3.59 -7.76
N HIS A 88 19.67 3.92 -9.04
CA HIS A 88 18.57 3.56 -9.92
C HIS A 88 19.10 3.12 -11.28
N HIS A 89 19.95 2.09 -11.27
CA HIS A 89 20.54 1.54 -12.48
C HIS A 89 21.28 2.66 -13.24
N HIS A 90 22.51 2.93 -12.82
CA HIS A 90 23.25 4.06 -13.34
C HIS A 90 23.68 3.84 -14.77
N HIS A 91 23.39 4.84 -15.61
CA HIS A 91 23.84 4.85 -16.99
C HIS A 91 24.17 6.28 -17.38
N ALA A 1 1.89 -17.52 2.40
CA ALA A 1 1.15 -16.26 2.16
C ALA A 1 -0.23 -16.36 2.78
N GLY A 2 -0.75 -15.23 3.25
CA GLY A 2 -2.06 -15.22 3.88
C GLY A 2 -3.02 -14.27 3.21
N GLU A 3 -4.16 -14.80 2.80
CA GLU A 3 -5.23 -13.99 2.25
C GLU A 3 -6.14 -13.51 3.36
N ILE A 4 -6.69 -12.31 3.23
CA ILE A 4 -7.51 -11.73 4.27
C ILE A 4 -8.93 -11.55 3.75
N GLY A 5 -9.87 -11.35 4.66
CA GLY A 5 -11.27 -11.23 4.29
C GLY A 5 -11.63 -9.86 3.74
N PHE A 6 -10.80 -9.34 2.85
CA PHE A 6 -11.07 -8.08 2.17
C PHE A 6 -12.05 -8.32 1.03
N ILE A 7 -12.62 -7.24 0.52
CA ILE A 7 -13.48 -7.30 -0.65
C ILE A 7 -12.65 -7.68 -1.87
N ILE A 8 -11.47 -7.10 -1.96
CA ILE A 8 -10.56 -7.38 -3.06
C ILE A 8 -9.60 -8.49 -2.68
N LYS A 9 -9.54 -9.51 -3.52
CA LYS A 9 -8.70 -10.67 -3.29
C LYS A 9 -7.34 -10.49 -3.96
N GLU A 10 -6.40 -11.35 -3.58
CA GLU A 10 -5.06 -11.38 -4.16
C GLU A 10 -5.09 -11.73 -5.65
N GLY A 11 -3.96 -11.49 -6.32
CA GLY A 11 -3.87 -11.77 -7.74
C GLY A 11 -2.53 -11.34 -8.30
N ASP A 12 -2.47 -11.16 -9.61
CA ASP A 12 -1.24 -10.72 -10.26
C ASP A 12 -1.22 -9.21 -10.33
N GLU A 13 -2.41 -8.63 -10.37
CA GLU A 13 -2.57 -7.18 -10.47
C GLU A 13 -2.88 -6.62 -9.09
N VAL A 14 -2.87 -7.49 -8.10
CA VAL A 14 -3.25 -7.10 -6.74
C VAL A 14 -2.02 -7.06 -5.84
N ALA A 15 -2.00 -6.10 -4.94
CA ALA A 15 -0.95 -5.97 -3.94
C ALA A 15 -1.42 -5.09 -2.80
N ASP A 16 -1.51 -5.64 -1.60
CA ASP A 16 -1.83 -4.86 -0.44
C ASP A 16 -0.57 -4.34 0.21
N VAL A 17 -0.65 -3.14 0.71
CA VAL A 17 0.45 -2.52 1.42
C VAL A 17 0.09 -2.34 2.87
N THR A 18 0.93 -2.87 3.71
CA THR A 18 0.76 -2.75 5.14
C THR A 18 1.64 -1.62 5.66
N ILE A 19 1.01 -0.55 6.09
CA ILE A 19 1.75 0.62 6.53
C ILE A 19 1.87 0.61 8.04
N PHE A 20 3.05 0.91 8.53
CA PHE A 20 3.34 0.89 9.95
C PHE A 20 4.12 2.12 10.37
N ALA A 21 3.72 2.70 11.49
CA ALA A 21 4.37 3.90 12.02
C ALA A 21 3.99 4.09 13.48
N GLU A 22 4.49 5.15 14.10
CA GLU A 22 4.29 5.37 15.53
C GLU A 22 3.09 6.29 15.81
N THR A 23 2.63 7.01 14.79
CA THR A 23 1.52 7.95 14.98
C THR A 23 0.48 7.81 13.90
N LYS A 24 -0.75 8.22 14.22
CA LYS A 24 -1.84 8.21 13.26
C LYS A 24 -1.57 9.17 12.12
N ASP A 25 -1.05 10.33 12.48
CA ASP A 25 -0.71 11.37 11.51
C ASP A 25 0.29 10.83 10.49
N ALA A 26 1.21 9.98 10.94
CA ALA A 26 2.15 9.35 10.04
C ALA A 26 1.44 8.38 9.12
N LEU A 27 0.56 7.55 9.69
CA LEU A 27 -0.24 6.61 8.92
C LEU A 27 -1.02 7.34 7.82
N GLU A 28 -1.71 8.41 8.21
CA GLU A 28 -2.49 9.22 7.29
C GLU A 28 -1.61 9.76 6.16
N SER A 29 -0.45 10.28 6.53
CA SER A 29 0.46 10.87 5.56
C SER A 29 1.00 9.83 4.59
N GLU A 30 1.46 8.70 5.14
CA GLU A 30 2.02 7.64 4.33
C GLU A 30 0.97 7.04 3.40
N LEU A 31 -0.22 6.81 3.94
CA LEU A 31 -1.33 6.27 3.15
C LEU A 31 -1.59 7.15 1.93
N ALA A 32 -1.68 8.44 2.18
CA ALA A 32 -1.90 9.42 1.13
C ALA A 32 -0.82 9.32 0.05
N LYS A 33 0.43 9.13 0.47
CA LYS A 33 1.55 9.03 -0.45
C LYS A 33 1.43 7.80 -1.33
N TYR A 34 0.95 6.70 -0.77
CA TYR A 34 0.75 5.47 -1.53
C TYR A 34 -0.39 5.64 -2.52
N ILE A 35 -1.45 6.32 -2.11
CA ILE A 35 -2.56 6.63 -3.00
C ILE A 35 -2.07 7.52 -4.14
N GLU A 36 -1.19 8.46 -3.79
CA GLU A 36 -0.55 9.33 -4.76
C GLU A 36 0.21 8.51 -5.80
N LEU A 37 0.97 7.53 -5.32
CA LEU A 37 1.73 6.66 -6.20
C LEU A 37 0.81 5.78 -7.04
N ALA A 38 -0.34 5.44 -6.47
CA ALA A 38 -1.27 4.55 -7.14
C ALA A 38 -1.91 5.26 -8.34
N LYS A 39 -2.40 6.47 -8.12
CA LYS A 39 -3.04 7.26 -9.16
C LYS A 39 -2.05 7.60 -10.26
N SER A 40 -0.78 7.72 -9.89
CA SER A 40 0.27 8.06 -10.83
C SER A 40 0.48 6.91 -11.82
N VAL A 41 0.16 5.70 -11.38
CA VAL A 41 0.33 4.52 -12.21
C VAL A 41 -0.98 4.11 -12.87
N CYS A 42 -2.04 4.02 -12.09
CA CYS A 42 -3.29 3.47 -12.57
C CYS A 42 -4.48 4.28 -12.04
N ALA A 43 -5.40 4.61 -12.92
CA ALA A 43 -6.59 5.36 -12.55
C ALA A 43 -7.71 4.42 -12.15
N GLY A 44 -7.64 3.18 -12.62
CA GLY A 44 -8.65 2.19 -12.32
C GLY A 44 -8.29 1.37 -11.10
N VAL A 45 -7.52 1.96 -10.20
CA VAL A 45 -7.09 1.28 -9.00
C VAL A 45 -8.19 1.27 -7.94
N GLU A 46 -8.53 0.08 -7.48
CA GLU A 46 -9.49 -0.08 -6.41
C GLU A 46 -8.77 -0.53 -5.15
N TYR A 47 -9.23 -0.08 -3.99
CA TYR A 47 -8.54 -0.42 -2.75
C TYR A 47 -9.49 -0.62 -1.59
N ASN A 48 -9.05 -1.45 -0.66
CA ASN A 48 -9.69 -1.60 0.63
C ASN A 48 -8.67 -1.20 1.69
N VAL A 49 -9.10 -1.02 2.92
CA VAL A 49 -8.19 -0.57 3.96
C VAL A 49 -8.77 -0.82 5.35
N SER A 50 -7.90 -1.08 6.31
CA SER A 50 -8.30 -1.25 7.70
C SER A 50 -8.56 0.12 8.33
N GLU A 51 -9.13 0.12 9.53
CA GLU A 51 -9.33 1.34 10.27
C GLU A 51 -8.03 1.72 10.98
N LEU A 52 -7.67 2.99 10.91
CA LEU A 52 -6.40 3.45 11.46
C LEU A 52 -6.61 4.24 12.73
N THR A 53 -6.12 3.70 13.84
CA THR A 53 -6.14 4.40 15.11
C THR A 53 -4.71 4.52 15.63
N GLU A 54 -4.54 5.20 16.76
CA GLU A 54 -3.22 5.38 17.32
C GLU A 54 -2.73 4.10 18.02
N GLU A 55 -3.65 3.21 18.35
CA GLU A 55 -3.27 1.91 18.88
C GLU A 55 -3.02 0.92 17.74
N SER A 56 -3.42 1.32 16.54
CA SER A 56 -3.13 0.55 15.34
C SER A 56 -1.78 0.99 14.78
N LYS A 57 -0.75 0.20 15.04
CA LYS A 57 0.58 0.53 14.57
C LYS A 57 0.71 0.23 13.09
N GLU A 58 -0.30 -0.44 12.56
CA GLU A 58 -0.30 -0.86 11.17
C GLU A 58 -1.71 -0.82 10.58
N LEU A 59 -1.79 -0.51 9.31
CA LEU A 59 -3.05 -0.63 8.58
C LEU A 59 -2.79 -1.32 7.24
N THR A 60 -3.69 -2.20 6.85
CA THR A 60 -3.53 -2.96 5.64
C THR A 60 -4.42 -2.40 4.53
N ALA A 61 -3.80 -1.84 3.51
CA ALA A 61 -4.53 -1.34 2.37
C ALA A 61 -4.37 -2.27 1.19
N ARG A 62 -5.45 -2.94 0.81
CA ARG A 62 -5.44 -3.91 -0.27
C ARG A 62 -5.76 -3.21 -1.59
N PHE A 63 -4.78 -3.16 -2.49
CA PHE A 63 -4.94 -2.49 -3.77
C PHE A 63 -5.06 -3.51 -4.89
N LYS A 64 -5.94 -3.23 -5.84
CA LYS A 64 -5.97 -3.99 -7.08
C LYS A 64 -5.86 -3.03 -8.25
N PHE A 65 -5.13 -3.44 -9.25
CA PHE A 65 -4.98 -2.64 -10.45
C PHE A 65 -5.70 -3.31 -11.60
N GLU A 66 -5.63 -2.72 -12.77
CA GLU A 66 -6.27 -3.29 -13.95
C GLU A 66 -5.47 -4.48 -14.47
N VAL A 67 -4.17 -4.28 -14.64
CA VAL A 67 -3.29 -5.34 -15.11
C VAL A 67 -2.08 -5.48 -14.20
N SER A 68 -1.31 -6.54 -14.42
CA SER A 68 -0.17 -6.86 -13.57
C SER A 68 0.92 -5.80 -13.69
N ALA A 69 0.98 -5.16 -14.85
CA ALA A 69 1.97 -4.13 -15.13
C ALA A 69 1.81 -2.94 -14.17
N GLU A 70 0.56 -2.57 -13.90
CA GLU A 70 0.25 -1.46 -13.01
C GLU A 70 0.84 -1.75 -11.64
N LYS A 71 0.68 -2.99 -11.20
CA LYS A 71 1.16 -3.44 -9.91
C LYS A 71 2.68 -3.30 -9.84
N LEU A 72 3.34 -3.87 -10.84
CA LEU A 72 4.80 -3.85 -10.92
C LEU A 72 5.36 -2.43 -10.86
N ILE A 73 4.78 -1.53 -11.66
CA ILE A 73 5.25 -0.14 -11.71
C ILE A 73 5.07 0.56 -10.36
N PHE A 74 4.01 0.21 -9.65
CA PHE A 74 3.77 0.74 -8.32
C PHE A 74 4.81 0.18 -7.34
N GLU A 75 5.01 -1.13 -7.38
CA GLU A 75 5.94 -1.79 -6.49
C GLU A 75 7.40 -1.40 -6.79
N LEU A 76 7.69 -1.09 -8.04
CA LEU A 76 8.99 -0.59 -8.42
C LEU A 76 9.31 0.70 -7.68
N LYS A 77 8.28 1.51 -7.51
CA LYS A 77 8.40 2.77 -6.79
C LYS A 77 8.53 2.52 -5.29
N THR A 78 7.69 1.66 -4.75
CA THR A 78 7.65 1.40 -3.32
C THR A 78 8.92 0.73 -2.81
N ARG A 79 9.50 -0.18 -3.61
CA ARG A 79 10.68 -0.93 -3.21
C ARG A 79 11.81 -0.02 -2.75
N SER A 80 12.14 0.98 -3.57
CA SER A 80 13.27 1.85 -3.28
C SER A 80 12.83 3.03 -2.42
N LEU A 81 11.52 3.21 -2.29
CA LEU A 81 10.97 4.25 -1.45
C LEU A 81 11.04 3.83 0.01
N ALA A 82 10.61 2.61 0.29
CA ALA A 82 10.60 2.08 1.65
C ALA A 82 11.97 1.51 2.03
N ARG A 83 12.95 1.81 1.19
CA ARG A 83 14.31 1.35 1.40
C ARG A 83 15.10 2.40 2.17
N LEU A 84 14.63 3.65 2.11
CA LEU A 84 15.29 4.79 2.73
C LEU A 84 16.71 4.96 2.21
N GLU A 85 16.79 5.34 0.94
CA GLU A 85 18.06 5.67 0.29
C GLU A 85 19.06 4.51 0.35
N HIS A 86 20.34 4.84 0.46
CA HIS A 86 21.45 3.86 0.37
C HIS A 86 21.21 2.86 -0.77
N HIS A 87 21.32 3.37 -2.00
CA HIS A 87 21.00 2.58 -3.17
C HIS A 87 22.05 2.74 -4.27
N HIS A 88 23.32 2.59 -3.92
CA HIS A 88 24.38 2.56 -4.93
C HIS A 88 24.27 1.27 -5.73
N HIS A 89 23.88 0.23 -5.03
CA HIS A 89 23.51 -1.03 -5.64
C HIS A 89 22.22 -1.52 -5.01
N HIS A 90 21.24 -1.88 -5.83
CA HIS A 90 19.95 -2.30 -5.32
C HIS A 90 20.04 -3.70 -4.74
N HIS A 91 21.20 -4.34 -4.97
CA HIS A 91 21.46 -5.70 -4.51
C HIS A 91 20.72 -6.71 -5.40
N ALA A 1 -0.68 -7.07 4.83
CA ALA A 1 0.37 -8.09 4.97
C ALA A 1 -0.03 -9.36 4.24
N GLY A 2 0.60 -9.60 3.08
CA GLY A 2 0.29 -10.77 2.29
C GLY A 2 -1.12 -10.72 1.75
N GLU A 3 -2.02 -11.44 2.39
CA GLU A 3 -3.43 -11.40 2.04
C GLU A 3 -4.28 -11.38 3.30
N ILE A 4 -5.28 -10.54 3.30
CA ILE A 4 -6.16 -10.37 4.46
C ILE A 4 -7.61 -10.48 3.98
N GLY A 5 -8.54 -10.63 4.91
CA GLY A 5 -9.94 -10.81 4.58
C GLY A 5 -10.60 -9.54 4.10
N PHE A 6 -10.02 -8.94 3.08
CA PHE A 6 -10.58 -7.76 2.44
C PHE A 6 -11.50 -8.18 1.30
N ILE A 7 -12.27 -7.22 0.79
CA ILE A 7 -13.12 -7.47 -0.36
C ILE A 7 -12.28 -7.87 -1.56
N ILE A 8 -11.14 -7.21 -1.71
CA ILE A 8 -10.21 -7.54 -2.76
C ILE A 8 -9.08 -8.40 -2.23
N LYS A 9 -8.90 -9.56 -2.83
CA LYS A 9 -7.87 -10.50 -2.44
C LYS A 9 -6.68 -10.37 -3.39
N GLU A 10 -5.67 -11.22 -3.21
CA GLU A 10 -4.47 -11.13 -4.00
C GLU A 10 -4.69 -11.58 -5.45
N GLY A 11 -3.70 -11.30 -6.27
CA GLY A 11 -3.78 -11.61 -7.67
C GLY A 11 -2.51 -11.18 -8.39
N ASP A 12 -2.57 -11.12 -9.70
CA ASP A 12 -1.40 -10.74 -10.47
C ASP A 12 -1.39 -9.23 -10.69
N GLU A 13 -2.55 -8.62 -10.55
CA GLU A 13 -2.71 -7.18 -10.70
C GLU A 13 -3.04 -6.52 -9.35
N VAL A 14 -3.01 -7.32 -8.30
CA VAL A 14 -3.29 -6.82 -6.96
C VAL A 14 -2.01 -6.73 -6.14
N ALA A 15 -1.89 -5.68 -5.35
CA ALA A 15 -0.76 -5.51 -4.45
C ALA A 15 -1.23 -5.16 -3.05
N ASP A 16 -0.44 -5.51 -2.06
CA ASP A 16 -0.78 -5.25 -0.67
C ASP A 16 0.28 -4.40 0.00
N VAL A 17 -0.15 -3.45 0.78
CA VAL A 17 0.75 -2.55 1.50
C VAL A 17 0.30 -2.41 2.94
N THR A 18 1.25 -2.50 3.84
CA THR A 18 0.97 -2.32 5.26
C THR A 18 2.00 -1.40 5.88
N ILE A 19 1.54 -0.26 6.37
CA ILE A 19 2.43 0.74 6.94
C ILE A 19 2.40 0.64 8.45
N PHE A 20 3.56 0.79 9.06
CA PHE A 20 3.69 0.72 10.51
C PHE A 20 4.23 2.03 11.04
N ALA A 21 3.60 2.56 12.08
CA ALA A 21 4.02 3.80 12.70
C ALA A 21 3.31 3.99 14.03
N GLU A 22 3.90 4.82 14.89
CA GLU A 22 3.35 5.10 16.21
C GLU A 22 2.00 5.81 16.14
N THR A 23 1.94 6.89 15.39
CA THR A 23 0.78 7.75 15.41
C THR A 23 -0.12 7.54 14.20
N LYS A 24 -1.42 7.64 14.45
CA LYS A 24 -2.43 7.56 13.40
C LYS A 24 -2.15 8.58 12.30
N ASP A 25 -1.67 9.75 12.71
CA ASP A 25 -1.28 10.79 11.77
C ASP A 25 -0.22 10.28 10.79
N ALA A 26 0.80 9.61 11.32
CA ALA A 26 1.86 9.06 10.48
C ALA A 26 1.29 8.00 9.53
N LEU A 27 0.36 7.21 10.03
CA LEU A 27 -0.35 6.24 9.20
C LEU A 27 -1.04 6.94 8.02
N GLU A 28 -1.86 7.93 8.35
CA GLU A 28 -2.61 8.67 7.35
C GLU A 28 -1.69 9.40 6.37
N SER A 29 -0.61 9.98 6.89
CA SER A 29 0.30 10.77 6.07
C SER A 29 1.03 9.89 5.05
N GLU A 30 1.55 8.76 5.50
CA GLU A 30 2.28 7.85 4.61
C GLU A 30 1.32 7.19 3.64
N LEU A 31 0.12 6.87 4.13
CA LEU A 31 -0.91 6.24 3.31
C LEU A 31 -1.24 7.10 2.11
N ALA A 32 -1.43 8.39 2.38
CA ALA A 32 -1.75 9.36 1.34
C ALA A 32 -0.72 9.34 0.22
N LYS A 33 0.55 9.15 0.59
CA LYS A 33 1.63 9.12 -0.38
C LYS A 33 1.55 7.87 -1.26
N TYR A 34 1.08 6.78 -0.68
CA TYR A 34 0.89 5.54 -1.42
C TYR A 34 -0.34 5.62 -2.31
N ILE A 35 -1.39 6.26 -1.80
CA ILE A 35 -2.59 6.49 -2.59
C ILE A 35 -2.26 7.42 -3.75
N GLU A 36 -1.41 8.40 -3.48
CA GLU A 36 -0.94 9.32 -4.50
C GLU A 36 -0.13 8.57 -5.55
N LEU A 37 0.75 7.69 -5.11
CA LEU A 37 1.53 6.86 -6.01
C LEU A 37 0.59 6.00 -6.86
N ALA A 38 -0.45 5.48 -6.22
CA ALA A 38 -1.37 4.56 -6.89
C ALA A 38 -2.13 5.26 -8.01
N LYS A 39 -2.74 6.40 -7.70
CA LYS A 39 -3.52 7.15 -8.68
C LYS A 39 -2.64 7.66 -9.80
N SER A 40 -1.38 7.93 -9.49
CA SER A 40 -0.44 8.43 -10.47
C SER A 40 -0.15 7.34 -11.52
N VAL A 41 -0.12 6.10 -11.07
CA VAL A 41 0.11 4.96 -11.95
C VAL A 41 -1.18 4.53 -12.63
N CYS A 42 -2.24 4.36 -11.84
CA CYS A 42 -3.49 3.85 -12.34
C CYS A 42 -4.66 4.65 -11.78
N ALA A 43 -5.50 5.15 -12.66
CA ALA A 43 -6.66 5.92 -12.24
C ALA A 43 -7.84 5.00 -11.96
N GLY A 44 -7.79 3.80 -12.51
CA GLY A 44 -8.83 2.82 -12.28
C GLY A 44 -8.47 1.87 -11.16
N VAL A 45 -7.64 2.34 -10.24
CA VAL A 45 -7.19 1.52 -9.13
C VAL A 45 -8.31 1.31 -8.12
N GLU A 46 -8.56 0.05 -7.81
CA GLU A 46 -9.56 -0.32 -6.81
C GLU A 46 -8.85 -0.62 -5.50
N TYR A 47 -9.12 0.14 -4.47
CA TYR A 47 -8.42 -0.05 -3.22
C TYR A 47 -9.35 -0.11 -2.02
N ASN A 48 -8.93 -0.86 -1.03
CA ASN A 48 -9.61 -0.94 0.25
C ASN A 48 -8.66 -0.46 1.33
N VAL A 49 -9.22 -0.11 2.48
CA VAL A 49 -8.43 0.42 3.59
C VAL A 49 -8.96 -0.12 4.90
N SER A 50 -8.06 -0.52 5.79
CA SER A 50 -8.45 -0.99 7.11
C SER A 50 -8.96 0.16 7.97
N GLU A 51 -9.38 -0.16 9.17
CA GLU A 51 -9.92 0.85 10.08
C GLU A 51 -8.79 1.57 10.82
N LEU A 52 -8.85 2.89 10.77
CA LEU A 52 -7.89 3.71 11.48
C LEU A 52 -8.44 4.08 12.85
N THR A 53 -7.79 3.59 13.88
CA THR A 53 -8.24 3.81 15.25
C THR A 53 -7.09 4.28 16.12
N GLU A 54 -7.37 4.47 17.40
CA GLU A 54 -6.33 4.78 18.37
C GLU A 54 -5.48 3.54 18.64
N GLU A 55 -6.05 2.39 18.32
CA GLU A 55 -5.41 1.11 18.60
C GLU A 55 -4.51 0.68 17.44
N SER A 56 -4.80 1.17 16.24
CA SER A 56 -4.06 0.77 15.06
C SER A 56 -2.74 1.52 14.95
N LYS A 57 -1.65 0.76 15.00
CA LYS A 57 -0.35 1.28 14.67
C LYS A 57 0.09 0.68 13.34
N GLU A 58 -0.83 -0.09 12.77
CA GLU A 58 -0.63 -0.75 11.50
C GLU A 58 -1.87 -0.55 10.65
N LEU A 59 -1.70 -0.20 9.39
CA LEU A 59 -2.84 -0.11 8.49
C LEU A 59 -2.52 -0.79 7.18
N THR A 60 -3.53 -1.40 6.60
CA THR A 60 -3.35 -2.14 5.36
C THR A 60 -4.14 -1.48 4.24
N ALA A 61 -3.45 -1.23 3.14
CA ALA A 61 -4.07 -0.69 1.96
C ALA A 61 -4.02 -1.73 0.85
N ARG A 62 -5.18 -2.22 0.47
CA ARG A 62 -5.28 -3.25 -0.56
C ARG A 62 -5.50 -2.57 -1.91
N PHE A 63 -4.53 -2.71 -2.80
CA PHE A 63 -4.58 -2.05 -4.09
C PHE A 63 -4.77 -3.06 -5.23
N LYS A 64 -5.83 -2.90 -5.98
CA LYS A 64 -6.04 -3.70 -7.17
C LYS A 64 -5.99 -2.80 -8.39
N PHE A 65 -5.11 -3.13 -9.32
CA PHE A 65 -4.95 -2.34 -10.52
C PHE A 65 -5.78 -2.93 -11.66
N GLU A 66 -5.59 -2.40 -12.86
CA GLU A 66 -6.37 -2.83 -14.01
C GLU A 66 -5.66 -3.97 -14.73
N VAL A 67 -4.34 -3.84 -14.88
CA VAL A 67 -3.54 -4.89 -15.48
C VAL A 67 -2.42 -5.29 -14.54
N SER A 68 -1.91 -6.51 -14.72
CA SER A 68 -0.90 -7.07 -13.83
C SER A 68 0.39 -6.26 -13.83
N ALA A 69 0.66 -5.62 -14.96
CA ALA A 69 1.87 -4.82 -15.12
C ALA A 69 1.90 -3.68 -14.11
N GLU A 70 0.73 -3.14 -13.79
CA GLU A 70 0.63 -1.99 -12.90
C GLU A 70 1.05 -2.35 -11.47
N LYS A 71 0.85 -3.61 -11.10
CA LYS A 71 1.30 -4.10 -9.80
C LYS A 71 2.81 -3.98 -9.69
N LEU A 72 3.46 -4.56 -10.68
CA LEU A 72 4.92 -4.54 -10.77
C LEU A 72 5.46 -3.11 -10.76
N ILE A 73 4.85 -2.23 -11.55
CA ILE A 73 5.27 -0.83 -11.62
C ILE A 73 5.18 -0.15 -10.25
N PHE A 74 4.09 -0.41 -9.54
CA PHE A 74 3.88 0.16 -8.21
C PHE A 74 4.90 -0.40 -7.23
N GLU A 75 5.02 -1.72 -7.20
CA GLU A 75 5.97 -2.40 -6.32
C GLU A 75 7.40 -1.93 -6.57
N LEU A 76 7.76 -1.77 -7.85
CA LEU A 76 9.08 -1.31 -8.23
C LEU A 76 9.38 0.05 -7.60
N LYS A 77 8.44 0.96 -7.71
CA LYS A 77 8.59 2.29 -7.14
C LYS A 77 8.58 2.24 -5.62
N THR A 78 7.75 1.35 -5.08
CA THR A 78 7.66 1.18 -3.64
C THR A 78 8.98 0.67 -3.06
N ARG A 79 9.72 -0.13 -3.83
CA ARG A 79 11.02 -0.61 -3.41
C ARG A 79 11.97 0.55 -3.12
N SER A 80 11.95 1.55 -3.99
CA SER A 80 12.84 2.68 -3.87
C SER A 80 12.29 3.73 -2.91
N LEU A 81 10.98 3.94 -2.95
CA LEU A 81 10.34 4.95 -2.13
C LEU A 81 10.40 4.56 -0.65
N ALA A 82 10.19 3.28 -0.37
CA ALA A 82 10.18 2.79 1.00
C ALA A 82 11.58 2.33 1.39
N ARG A 83 12.57 3.09 0.96
CA ARG A 83 13.96 2.78 1.23
C ARG A 83 14.29 3.00 2.70
N LEU A 84 14.03 4.23 3.17
CA LEU A 84 14.36 4.66 4.53
C LEU A 84 15.85 4.50 4.80
N GLU A 85 16.62 4.47 3.72
CA GLU A 85 18.03 4.14 3.73
C GLU A 85 18.28 2.81 4.43
N HIS A 86 19.56 2.42 4.53
CA HIS A 86 19.93 1.08 5.00
C HIS A 86 19.51 0.03 3.97
N HIS A 87 18.20 -0.17 3.84
CA HIS A 87 17.59 -0.96 2.76
C HIS A 87 18.14 -2.39 2.70
N HIS A 88 17.39 -3.34 3.26
CA HIS A 88 17.81 -4.73 3.23
C HIS A 88 17.60 -5.34 1.86
N HIS A 89 18.71 -5.58 1.16
CA HIS A 89 18.66 -6.17 -0.17
C HIS A 89 18.93 -7.66 -0.10
N HIS A 90 18.22 -8.44 -0.90
CA HIS A 90 18.40 -9.88 -0.91
C HIS A 90 18.96 -10.36 -2.24
N HIS A 91 20.23 -10.75 -2.22
CA HIS A 91 20.88 -11.32 -3.38
C HIS A 91 22.29 -11.77 -3.00
N ALA A 1 -0.41 -10.07 5.32
CA ALA A 1 -0.49 -10.25 3.86
C ALA A 1 -1.27 -11.53 3.55
N GLY A 2 -2.21 -11.43 2.63
CA GLY A 2 -3.04 -12.58 2.29
C GLY A 2 -4.48 -12.17 2.10
N GLU A 3 -5.31 -13.08 1.64
CA GLU A 3 -6.70 -12.74 1.36
C GLU A 3 -7.51 -12.72 2.64
N ILE A 4 -7.62 -11.53 3.18
CA ILE A 4 -8.42 -11.27 4.37
C ILE A 4 -9.84 -10.92 3.92
N GLY A 5 -10.79 -10.89 4.85
CA GLY A 5 -12.17 -10.62 4.51
C GLY A 5 -12.43 -9.16 4.12
N PHE A 6 -11.73 -8.73 3.10
CA PHE A 6 -11.94 -7.42 2.51
C PHE A 6 -12.88 -7.51 1.32
N ILE A 7 -13.08 -6.38 0.64
CA ILE A 7 -13.90 -6.35 -0.56
C ILE A 7 -13.20 -7.08 -1.71
N ILE A 8 -11.94 -6.73 -1.92
CA ILE A 8 -11.18 -7.30 -3.02
C ILE A 8 -10.38 -8.52 -2.57
N LYS A 9 -10.35 -9.53 -3.42
CA LYS A 9 -9.59 -10.74 -3.15
C LYS A 9 -8.12 -10.54 -3.49
N GLU A 10 -7.38 -11.64 -3.53
CA GLU A 10 -5.99 -11.60 -3.96
C GLU A 10 -5.91 -11.72 -5.47
N GLY A 11 -4.71 -11.66 -6.01
CA GLY A 11 -4.52 -11.81 -7.43
C GLY A 11 -3.17 -11.29 -7.86
N ASP A 12 -2.88 -11.43 -9.15
CA ASP A 12 -1.61 -10.99 -9.70
C ASP A 12 -1.61 -9.48 -9.87
N GLU A 13 -2.80 -8.92 -9.94
CA GLU A 13 -2.96 -7.50 -10.14
C GLU A 13 -3.35 -6.83 -8.83
N VAL A 14 -3.20 -7.57 -7.74
CA VAL A 14 -3.46 -7.05 -6.41
C VAL A 14 -2.18 -7.08 -5.58
N ALA A 15 -1.95 -6.04 -4.81
CA ALA A 15 -0.80 -6.00 -3.92
C ALA A 15 -1.26 -5.76 -2.48
N ASP A 16 -0.81 -6.62 -1.59
CA ASP A 16 -1.09 -6.44 -0.16
C ASP A 16 -0.03 -5.56 0.43
N VAL A 17 -0.46 -4.45 1.00
CA VAL A 17 0.45 -3.49 1.57
C VAL A 17 0.04 -3.17 2.99
N THR A 18 1.01 -3.06 3.86
CA THR A 18 0.78 -2.70 5.24
C THR A 18 1.79 -1.64 5.65
N ILE A 19 1.29 -0.48 6.04
CA ILE A 19 2.16 0.63 6.39
C ILE A 19 2.35 0.70 7.89
N PHE A 20 3.55 1.01 8.30
CA PHE A 20 3.87 1.13 9.71
C PHE A 20 4.31 2.54 10.03
N ALA A 21 3.82 3.05 11.14
CA ALA A 21 4.14 4.39 11.61
C ALA A 21 3.73 4.52 13.06
N GLU A 22 4.28 5.50 13.76
CA GLU A 22 4.06 5.62 15.19
C GLU A 22 2.75 6.35 15.50
N THR A 23 2.48 7.40 14.76
CA THR A 23 1.27 8.20 14.97
C THR A 23 0.28 8.01 13.82
N LYS A 24 -1.00 8.12 14.14
CA LYS A 24 -2.06 7.97 13.13
C LYS A 24 -1.90 8.99 12.03
N ASP A 25 -1.45 10.18 12.41
CA ASP A 25 -1.14 11.24 11.45
C ASP A 25 -0.11 10.75 10.44
N ALA A 26 0.92 10.09 10.94
CA ALA A 26 1.96 9.53 10.08
C ALA A 26 1.41 8.42 9.21
N LEU A 27 0.48 7.63 9.76
CA LEU A 27 -0.21 6.62 8.97
C LEU A 27 -0.95 7.27 7.81
N GLU A 28 -1.74 8.29 8.13
CA GLU A 28 -2.53 9.01 7.16
C GLU A 28 -1.65 9.70 6.11
N SER A 29 -0.60 10.37 6.58
CA SER A 29 0.29 11.10 5.70
C SER A 29 0.95 10.18 4.68
N GLU A 30 1.50 9.06 5.17
CA GLU A 30 2.20 8.14 4.30
C GLU A 30 1.21 7.42 3.38
N LEU A 31 0.06 7.05 3.94
CA LEU A 31 -1.01 6.42 3.16
C LEU A 31 -1.37 7.30 1.97
N ALA A 32 -1.56 8.58 2.25
CA ALA A 32 -1.88 9.56 1.21
C ALA A 32 -0.84 9.57 0.11
N LYS A 33 0.43 9.40 0.49
CA LYS A 33 1.52 9.38 -0.47
C LYS A 33 1.51 8.11 -1.30
N TYR A 34 1.10 6.99 -0.69
CA TYR A 34 0.96 5.73 -1.41
C TYR A 34 -0.18 5.82 -2.40
N ILE A 35 -1.29 6.43 -1.97
CA ILE A 35 -2.44 6.66 -2.84
C ILE A 35 -2.06 7.62 -3.97
N GLU A 36 -1.30 8.65 -3.61
CA GLU A 36 -0.78 9.61 -4.58
C GLU A 36 0.04 8.90 -5.64
N LEU A 37 0.98 8.08 -5.17
CA LEU A 37 1.81 7.28 -6.06
C LEU A 37 0.95 6.35 -6.90
N ALA A 38 -0.11 5.81 -6.29
CA ALA A 38 -0.96 4.83 -6.93
C ALA A 38 -1.73 5.44 -8.09
N LYS A 39 -2.37 6.58 -7.83
CA LYS A 39 -3.15 7.27 -8.83
C LYS A 39 -2.26 7.85 -9.93
N SER A 40 -1.00 8.08 -9.60
CA SER A 40 -0.03 8.53 -10.59
C SER A 40 0.27 7.43 -11.59
N VAL A 41 0.16 6.17 -11.14
CA VAL A 41 0.35 5.03 -12.02
C VAL A 41 -0.98 4.67 -12.68
N CYS A 42 -2.01 4.50 -11.87
CA CYS A 42 -3.32 4.10 -12.36
C CYS A 42 -4.42 4.88 -11.66
N ALA A 43 -5.26 5.54 -12.44
CA ALA A 43 -6.36 6.31 -11.90
C ALA A 43 -7.52 5.39 -11.49
N GLY A 44 -7.58 4.22 -12.11
CA GLY A 44 -8.65 3.29 -11.82
C GLY A 44 -8.22 2.23 -10.83
N VAL A 45 -7.29 2.58 -9.95
CA VAL A 45 -6.81 1.66 -8.95
C VAL A 45 -7.88 1.39 -7.89
N GLU A 46 -8.14 0.12 -7.64
CA GLU A 46 -9.09 -0.29 -6.62
C GLU A 46 -8.34 -0.66 -5.36
N TYR A 47 -8.69 -0.06 -4.24
CA TYR A 47 -7.99 -0.37 -3.00
C TYR A 47 -8.96 -0.53 -1.85
N ASN A 48 -8.51 -1.28 -0.87
CA ASN A 48 -9.22 -1.43 0.40
C ASN A 48 -8.30 -1.01 1.51
N VAL A 49 -8.83 -0.84 2.70
CA VAL A 49 -8.03 -0.40 3.83
C VAL A 49 -8.68 -0.82 5.14
N SER A 50 -7.85 -1.13 6.13
CA SER A 50 -8.33 -1.49 7.45
C SER A 50 -8.78 -0.26 8.22
N GLU A 51 -8.99 -0.40 9.52
CA GLU A 51 -9.43 0.70 10.34
C GLU A 51 -8.24 1.45 10.95
N LEU A 52 -8.27 2.76 10.84
CA LEU A 52 -7.28 3.59 11.49
C LEU A 52 -7.76 3.92 12.89
N THR A 53 -7.01 3.50 13.89
CA THR A 53 -7.43 3.60 15.27
C THR A 53 -6.37 4.23 16.14
N GLU A 54 -6.59 4.18 17.44
CA GLU A 54 -5.67 4.70 18.43
C GLU A 54 -4.44 3.81 18.56
N GLU A 55 -4.64 2.52 18.35
CA GLU A 55 -3.58 1.55 18.57
C GLU A 55 -2.96 1.06 17.27
N SER A 56 -3.45 1.55 16.14
CA SER A 56 -2.94 1.10 14.86
C SER A 56 -1.56 1.69 14.56
N LYS A 57 -0.55 0.85 14.73
CA LYS A 57 0.80 1.18 14.30
C LYS A 57 0.98 0.69 12.88
N GLU A 58 -0.01 -0.05 12.41
CA GLU A 58 0.01 -0.64 11.10
C GLU A 58 -1.39 -0.62 10.49
N LEU A 59 -1.46 -0.31 9.20
CA LEU A 59 -2.72 -0.34 8.49
C LEU A 59 -2.57 -1.12 7.19
N THR A 60 -3.58 -1.91 6.88
CA THR A 60 -3.54 -2.78 5.72
C THR A 60 -4.31 -2.15 4.56
N ALA A 61 -3.65 -2.00 3.44
CA ALA A 61 -4.26 -1.41 2.25
C ALA A 61 -3.83 -2.18 1.02
N ARG A 62 -4.77 -2.85 0.39
CA ARG A 62 -4.46 -3.62 -0.81
C ARG A 62 -4.79 -2.82 -2.04
N PHE A 63 -3.81 -2.72 -2.94
CA PHE A 63 -3.97 -1.96 -4.17
C PHE A 63 -4.09 -2.89 -5.36
N LYS A 64 -5.24 -2.85 -6.01
CA LYS A 64 -5.49 -3.61 -7.22
C LYS A 64 -5.49 -2.67 -8.43
N PHE A 65 -4.77 -3.04 -9.47
CA PHE A 65 -4.65 -2.19 -10.64
C PHE A 65 -5.43 -2.76 -11.80
N GLU A 66 -5.51 -2.02 -12.90
CA GLU A 66 -6.32 -2.40 -14.03
C GLU A 66 -5.60 -3.41 -14.90
N VAL A 67 -4.29 -3.22 -15.08
CA VAL A 67 -3.48 -4.20 -15.78
C VAL A 67 -2.33 -4.67 -14.88
N SER A 68 -1.82 -5.86 -15.17
CA SER A 68 -0.82 -6.49 -14.33
C SER A 68 0.49 -5.69 -14.30
N ALA A 69 0.72 -4.94 -15.37
CA ALA A 69 1.92 -4.13 -15.49
C ALA A 69 1.93 -3.00 -14.44
N GLU A 70 0.75 -2.42 -14.19
CA GLU A 70 0.62 -1.33 -13.22
C GLU A 70 0.96 -1.81 -11.82
N LYS A 71 0.68 -3.09 -11.56
CA LYS A 71 0.99 -3.70 -10.29
C LYS A 71 2.49 -3.77 -10.07
N LEU A 72 3.19 -4.24 -11.11
CA LEU A 72 4.65 -4.39 -11.04
C LEU A 72 5.32 -3.04 -10.81
N ILE A 73 4.77 -2.01 -11.44
CA ILE A 73 5.28 -0.65 -11.28
C ILE A 73 5.10 -0.16 -9.85
N PHE A 74 3.90 -0.37 -9.31
CA PHE A 74 3.61 0.05 -7.94
C PHE A 74 4.50 -0.70 -6.95
N GLU A 75 4.66 -2.01 -7.19
CA GLU A 75 5.57 -2.82 -6.39
C GLU A 75 6.96 -2.20 -6.37
N LEU A 76 7.48 -1.91 -7.55
CA LEU A 76 8.81 -1.36 -7.69
C LEU A 76 8.92 0.04 -7.09
N LYS A 77 7.89 0.85 -7.30
CA LYS A 77 7.86 2.21 -6.78
C LYS A 77 7.87 2.23 -5.26
N THR A 78 6.98 1.46 -4.65
CA THR A 78 6.83 1.45 -3.20
C THR A 78 8.09 0.93 -2.52
N ARG A 79 8.72 -0.08 -3.11
CA ARG A 79 9.96 -0.63 -2.58
C ARG A 79 11.04 0.44 -2.54
N SER A 80 11.13 1.22 -3.59
CA SER A 80 12.13 2.26 -3.69
C SER A 80 11.72 3.51 -2.87
N LEU A 81 10.46 3.59 -2.52
CA LEU A 81 9.94 4.68 -1.72
C LEU A 81 10.12 4.38 -0.23
N ALA A 82 9.86 3.13 0.13
CA ALA A 82 10.01 2.68 1.49
C ALA A 82 11.30 1.92 1.63
N ARG A 83 12.39 2.66 1.75
CA ARG A 83 13.72 2.09 1.79
C ARG A 83 13.88 1.12 2.96
N LEU A 84 13.92 -0.15 2.62
CA LEU A 84 14.06 -1.21 3.62
C LEU A 84 15.52 -1.52 3.84
N GLU A 85 16.25 -0.51 4.26
CA GLU A 85 17.67 -0.63 4.51
C GLU A 85 17.89 -1.50 5.74
N HIS A 86 18.97 -2.26 5.70
CA HIS A 86 19.28 -3.20 6.76
C HIS A 86 20.77 -3.18 7.06
N HIS A 87 21.13 -2.49 8.13
CA HIS A 87 22.52 -2.37 8.51
C HIS A 87 22.89 -3.42 9.53
N HIS A 88 23.09 -4.64 9.04
CA HIS A 88 23.54 -5.74 9.88
C HIS A 88 25.07 -5.75 9.88
N HIS A 89 25.64 -4.60 10.24
CA HIS A 89 27.08 -4.35 10.11
C HIS A 89 27.48 -4.32 8.65
N HIS A 90 27.76 -5.48 8.07
CA HIS A 90 28.07 -5.56 6.64
C HIS A 90 28.01 -6.99 6.16
N HIS A 91 27.14 -7.24 5.20
CA HIS A 91 27.02 -8.53 4.54
C HIS A 91 26.07 -8.43 3.36
#